data_3CJK
# 
_entry.id   3CJK 
# 
_audit_conform.dict_name       mmcif_pdbx.dic 
_audit_conform.dict_version    5.377 
_audit_conform.dict_location   http://mmcif.pdb.org/dictionaries/ascii/mmcif_pdbx.dic 
# 
loop_
_database_2.database_id 
_database_2.database_code 
_database_2.pdbx_database_accession 
_database_2.pdbx_DOI 
PDB   3CJK         pdb_00003cjk 10.2210/pdb3cjk/pdb 
RCSB  RCSB046853   ?            ?                   
WWPDB D_1000046853 ?            ?                   
# 
loop_
_pdbx_database_related.db_name 
_pdbx_database_related.db_id 
_pdbx_database_related.details 
_pdbx_database_related.content_type 
PDB 1KVI 'Solution Structure of the Reduced Form of the First Heavy Metal Binding Motif of the Menkes Protein.' unspecified 
PDB 1FE0 'CRYSTAL STRUCTURE OF CADMIUM-HAH1'                                                                    unspecified 
# 
_pdbx_database_status.status_code                     REL 
_pdbx_database_status.entry_id                        3CJK 
_pdbx_database_status.recvd_initial_deposition_date   2008-03-13 
_pdbx_database_status.deposit_site                    RCSB 
_pdbx_database_status.process_site                    RCSB 
_pdbx_database_status.status_code_sf                  REL 
_pdbx_database_status.status_code_mr                  ? 
_pdbx_database_status.SG_entry                        ? 
_pdbx_database_status.pdb_format_compatible           Y 
_pdbx_database_status.status_code_cs                  ? 
_pdbx_database_status.status_code_nmr_data            ? 
_pdbx_database_status.methods_development_category    ? 
# 
loop_
_audit_author.name 
_audit_author.pdbx_ordinal 
'Banci, L.'       1 
'Bertini, I.'     2 
'Calderone, V.'   3 
'Felli, I.'       4 
'Della-Malva, N.' 5 
'Pavelkova, A.'   6 
'Rosato, A.'      7 
# 
loop_
_citation.id 
_citation.title 
_citation.journal_abbrev 
_citation.journal_volume 
_citation.page_first 
_citation.page_last 
_citation.year 
_citation.journal_id_ASTM 
_citation.country 
_citation.journal_id_ISSN 
_citation.journal_id_CSD 
_citation.book_publisher 
_citation.pdbx_database_id_PubMed 
_citation.pdbx_database_id_DOI 
primary 'Copper(I)-mediated protein-protein interactions result from suboptimal interaction surfaces.' Biochem.J.           422 37 
42    2009 BIJOAK UK 0264-6021 0043 ? 19453293 10.1042/BJ20090422 
1       
'A NMR study of the interaction of a three-domain construct of ATP7A with copper(I) and copper(I)-HAH1: the interplay of domains.' 
J.Biol.Chem.         280 38259 38263 2005 JBCHA3 US 0021-9258 0071 ? ?        ?                  
2       'Structural basis for copper transfer by the metallochaperone for the Menkes/Wilson disease proteins.' 
Nat.Struct.Mol.Biol. 7   766   771   2000 ?      US 1545-9993 ?    ? ?        ?                  
# 
loop_
_citation_author.citation_id 
_citation_author.name 
_citation_author.ordinal 
_citation_author.identifier_ORCID 
primary 'Banci, L.'        1  ? 
primary 'Bertini, I.'      2  ? 
primary 'Calderone, V.'    3  ? 
primary 'Della-Malva, N.'  4  ? 
primary 'Felli, I.C.'      5  ? 
primary 'Neri, S.'         6  ? 
primary 'Pavelkova, A.'    7  ? 
primary 'Rosato, A.'       8  ? 
1       'Banci, L.'        9  ? 
1       'Bertini, I.'      10 ? 
1       'Cantini, F.'      11 ? 
1       'Chasapis, C.'     12 ? 
1       'Hadjiliadis, N.'  13 ? 
1       'Rosato, A.'       14 ? 
2       'Wernimont, A.K.'  15 ? 
2       'Huffman, D.L.'    16 ? 
2       'Lamb, A.L.'       17 ? 
2       
;O'Halloran, T.V.
;
18 ? 
2       'Rosenzweig, A.C.' 19 ? 
# 
_cell.entry_id           3CJK 
_cell.length_a           47.707 
_cell.length_b           55.274 
_cell.length_c           63.241 
_cell.angle_alpha        90.00 
_cell.angle_beta         90.00 
_cell.angle_gamma        90.00 
_cell.Z_PDB              4 
_cell.pdbx_unique_axis   ? 
_cell.length_a_esd       ? 
_cell.length_b_esd       ? 
_cell.length_c_esd       ? 
_cell.angle_alpha_esd    ? 
_cell.angle_beta_esd     ? 
_cell.angle_gamma_esd    ? 
# 
_symmetry.entry_id                         3CJK 
_symmetry.space_group_name_H-M             'P 21 21 21' 
_symmetry.pdbx_full_space_group_name_H-M   ? 
_symmetry.cell_setting                     ? 
_symmetry.Int_Tables_number                19 
_symmetry.space_group_name_Hall            ? 
# 
loop_
_entity.id 
_entity.type 
_entity.src_method 
_entity.pdbx_description 
_entity.formula_weight 
_entity.pdbx_number_of_molecules 
_entity.pdbx_ec 
_entity.pdbx_mutation 
_entity.pdbx_fragment 
_entity.details 
1 polymer     man 'Copper transport protein ATOX1' 7394.608 1  ?       ? ? ? 
2 polymer     man 'Copper-transporting ATPase 1'   8317.440 1  3.6.3.4 ? ? ? 
3 non-polymer syn 'CADMIUM ION'                    112.411  1  ?       ? ? ? 
4 water       nat water                            18.015   76 ?       ? ? ? 
# 
loop_
_entity_name_com.entity_id 
_entity_name_com.name 
1 'Metal transport protein ATX1'                     
2 'Copper pump 1, Menkes disease-associated protein' 
# 
loop_
_entity_poly.entity_id 
_entity_poly.type 
_entity_poly.nstd_linkage 
_entity_poly.nstd_monomer 
_entity_poly.pdbx_seq_one_letter_code 
_entity_poly.pdbx_seq_one_letter_code_can 
_entity_poly.pdbx_strand_id 
_entity_poly.pdbx_target_identifier 
1 'polypeptide(L)' no no PKHEFSVDMTCGGCAEAVSRVLNKLGGVKYDIDLPNKKVCIESEHSMDTLLATLKKTGKTVSYLGLEI        
PKHEFSVDMTCGGCAEAVSRVLNKLGGVKYDIDLPNKKVCIESEHSMDTLLATLKKTGKTVSYLGLEI        A ? 
2 'polypeptide(L)' no no VNSVTISVEGMTCNSCVWTIEQQIGKVNGVHHIKVSLEEKNATIIYDPKLQTPKTLQEAIDDMGFDAVIHNIEGR 
VNSVTISVEGMTCNSCVWTIEQQIGKVNGVHHIKVSLEEKNATIIYDPKLQTPKTLQEAIDDMGFDAVIHNIEGR B ? 
# 
loop_
_entity_poly_seq.entity_id 
_entity_poly_seq.num 
_entity_poly_seq.mon_id 
_entity_poly_seq.hetero 
1 1  PRO n 
1 2  LYS n 
1 3  HIS n 
1 4  GLU n 
1 5  PHE n 
1 6  SER n 
1 7  VAL n 
1 8  ASP n 
1 9  MET n 
1 10 THR n 
1 11 CYS n 
1 12 GLY n 
1 13 GLY n 
1 14 CYS n 
1 15 ALA n 
1 16 GLU n 
1 17 ALA n 
1 18 VAL n 
1 19 SER n 
1 20 ARG n 
1 21 VAL n 
1 22 LEU n 
1 23 ASN n 
1 24 LYS n 
1 25 LEU n 
1 26 GLY n 
1 27 GLY n 
1 28 VAL n 
1 29 LYS n 
1 30 TYR n 
1 31 ASP n 
1 32 ILE n 
1 33 ASP n 
1 34 LEU n 
1 35 PRO n 
1 36 ASN n 
1 37 LYS n 
1 38 LYS n 
1 39 VAL n 
1 40 CYS n 
1 41 ILE n 
1 42 GLU n 
1 43 SER n 
1 44 GLU n 
1 45 HIS n 
1 46 SER n 
1 47 MET n 
1 48 ASP n 
1 49 THR n 
1 50 LEU n 
1 51 LEU n 
1 52 ALA n 
1 53 THR n 
1 54 LEU n 
1 55 LYS n 
1 56 LYS n 
1 57 THR n 
1 58 GLY n 
1 59 LYS n 
1 60 THR n 
1 61 VAL n 
1 62 SER n 
1 63 TYR n 
1 64 LEU n 
1 65 GLY n 
1 66 LEU n 
1 67 GLU n 
1 68 ILE n 
2 1  VAL n 
2 2  ASN n 
2 3  SER n 
2 4  VAL n 
2 5  THR n 
2 6  ILE n 
2 7  SER n 
2 8  VAL n 
2 9  GLU n 
2 10 GLY n 
2 11 MET n 
2 12 THR n 
2 13 CYS n 
2 14 ASN n 
2 15 SER n 
2 16 CYS n 
2 17 VAL n 
2 18 TRP n 
2 19 THR n 
2 20 ILE n 
2 21 GLU n 
2 22 GLN n 
2 23 GLN n 
2 24 ILE n 
2 25 GLY n 
2 26 LYS n 
2 27 VAL n 
2 28 ASN n 
2 29 GLY n 
2 30 VAL n 
2 31 HIS n 
2 32 HIS n 
2 33 ILE n 
2 34 LYS n 
2 35 VAL n 
2 36 SER n 
2 37 LEU n 
2 38 GLU n 
2 39 GLU n 
2 40 LYS n 
2 41 ASN n 
2 42 ALA n 
2 43 THR n 
2 44 ILE n 
2 45 ILE n 
2 46 TYR n 
2 47 ASP n 
2 48 PRO n 
2 49 LYS n 
2 50 LEU n 
2 51 GLN n 
2 52 THR n 
2 53 PRO n 
2 54 LYS n 
2 55 THR n 
2 56 LEU n 
2 57 GLN n 
2 58 GLU n 
2 59 ALA n 
2 60 ILE n 
2 61 ASP n 
2 62 ASP n 
2 63 MET n 
2 64 GLY n 
2 65 PHE n 
2 66 ASP n 
2 67 ALA n 
2 68 VAL n 
2 69 ILE n 
2 70 HIS n 
2 71 ASN n 
2 72 ILE n 
2 73 GLU n 
2 74 GLY n 
2 75 ARG n 
# 
loop_
_entity_src_gen.entity_id 
_entity_src_gen.pdbx_src_id 
_entity_src_gen.pdbx_alt_source_flag 
_entity_src_gen.pdbx_seq_type 
_entity_src_gen.pdbx_beg_seq_num 
_entity_src_gen.pdbx_end_seq_num 
_entity_src_gen.gene_src_common_name 
_entity_src_gen.gene_src_genus 
_entity_src_gen.pdbx_gene_src_gene 
_entity_src_gen.gene_src_species 
_entity_src_gen.gene_src_strain 
_entity_src_gen.gene_src_tissue 
_entity_src_gen.gene_src_tissue_fraction 
_entity_src_gen.gene_src_details 
_entity_src_gen.pdbx_gene_src_fragment 
_entity_src_gen.pdbx_gene_src_scientific_name 
_entity_src_gen.pdbx_gene_src_ncbi_taxonomy_id 
_entity_src_gen.pdbx_gene_src_variant 
_entity_src_gen.pdbx_gene_src_cell_line 
_entity_src_gen.pdbx_gene_src_atcc 
_entity_src_gen.pdbx_gene_src_organ 
_entity_src_gen.pdbx_gene_src_organelle 
_entity_src_gen.pdbx_gene_src_cell 
_entity_src_gen.pdbx_gene_src_cellular_location 
_entity_src_gen.host_org_common_name 
_entity_src_gen.pdbx_host_org_scientific_name 
_entity_src_gen.pdbx_host_org_ncbi_taxonomy_id 
_entity_src_gen.host_org_genus 
_entity_src_gen.pdbx_host_org_gene 
_entity_src_gen.pdbx_host_org_organ 
_entity_src_gen.host_org_species 
_entity_src_gen.pdbx_host_org_tissue 
_entity_src_gen.pdbx_host_org_tissue_fraction 
_entity_src_gen.pdbx_host_org_strain 
_entity_src_gen.pdbx_host_org_variant 
_entity_src_gen.pdbx_host_org_cell_line 
_entity_src_gen.pdbx_host_org_atcc 
_entity_src_gen.pdbx_host_org_culture_collection 
_entity_src_gen.pdbx_host_org_cell 
_entity_src_gen.pdbx_host_org_organelle 
_entity_src_gen.pdbx_host_org_cellular_location 
_entity_src_gen.pdbx_host_org_vector_type 
_entity_src_gen.pdbx_host_org_vector 
_entity_src_gen.host_org_details 
_entity_src_gen.expression_system_id 
_entity_src_gen.plasmid_name 
_entity_src_gen.plasmid_details 
_entity_src_gen.pdbx_description 
1 1 sample ? ? ? Human ? 'ATOX1, HAH1'     ? ? ? ? ? ? 'Homo sapiens' 9606 ? ? ? ? ? ? ? ? 'Escherichia coli' 562 ? ? ? ? ? ? ? ? 
? ? ? ? ? ? ? ? ? ? ? ? ? 
2 1 sample ? ? ? Human ? 'ATP7A, MC1, MNK' ? ? ? ? ? ? 'Homo sapiens' 9606 ? ? ? ? ? ? ? ? 'Escherichia coli' 562 ? ? ? ? ? ? ? ? 
? ? ? ? ? ? ? ? ? ? ? ? ? 
# 
loop_
_struct_ref.id 
_struct_ref.db_name 
_struct_ref.db_code 
_struct_ref.pdbx_db_accession 
_struct_ref.entity_id 
_struct_ref.pdbx_seq_one_letter_code 
_struct_ref.pdbx_align_begin 
_struct_ref.pdbx_db_isoform 
1 UNP ATOX1_HUMAN O00244 1 PKHEFSVDMTCGGCAEAVSRVLNKLGGVKYDIDLPNKKVCIESEHSMDTLLATLKKTGKTVSYLGLE     2 ? 
2 UNP ATP7A_HUMAN Q04656 2 VNSVTISVEGMTCNSCVWTIEQQIGKVNGVHHIKVSLEEKNATIIYDPKLQTPKTLQEAIDDMGFDAVIHN 7 ? 
# 
loop_
_struct_ref_seq.align_id 
_struct_ref_seq.ref_id 
_struct_ref_seq.pdbx_PDB_id_code 
_struct_ref_seq.pdbx_strand_id 
_struct_ref_seq.seq_align_beg 
_struct_ref_seq.pdbx_seq_align_beg_ins_code 
_struct_ref_seq.seq_align_end 
_struct_ref_seq.pdbx_seq_align_end_ins_code 
_struct_ref_seq.pdbx_db_accession 
_struct_ref_seq.db_align_beg 
_struct_ref_seq.pdbx_db_align_beg_ins_code 
_struct_ref_seq.db_align_end 
_struct_ref_seq.pdbx_db_align_end_ins_code 
_struct_ref_seq.pdbx_auth_seq_align_beg 
_struct_ref_seq.pdbx_auth_seq_align_end 
1 1 3CJK A 1 ? 67 ? O00244 2 ? 68 ? 2 68 
2 2 3CJK B 1 ? 71 ? Q04656 7 ? 77 ? 3 73 
# 
loop_
_struct_ref_seq_dif.align_id 
_struct_ref_seq_dif.pdbx_pdb_id_code 
_struct_ref_seq_dif.mon_id 
_struct_ref_seq_dif.pdbx_pdb_strand_id 
_struct_ref_seq_dif.seq_num 
_struct_ref_seq_dif.pdbx_pdb_ins_code 
_struct_ref_seq_dif.pdbx_seq_db_name 
_struct_ref_seq_dif.pdbx_seq_db_accession_code 
_struct_ref_seq_dif.db_mon_id 
_struct_ref_seq_dif.pdbx_seq_db_seq_num 
_struct_ref_seq_dif.details 
_struct_ref_seq_dif.pdbx_auth_seq_num 
_struct_ref_seq_dif.pdbx_ordinal 
1 3CJK ILE A 68 ? UNP O00244 ? ? 'expression tag' 69 1 
2 3CJK ILE B 72 ? UNP Q04656 ? ? 'expression tag' 74 2 
2 3CJK GLU B 73 ? UNP Q04656 ? ? 'expression tag' 75 3 
2 3CJK GLY B 74 ? UNP Q04656 ? ? 'expression tag' 76 4 
2 3CJK ARG B 75 ? UNP Q04656 ? ? 'expression tag' 77 5 
# 
loop_
_chem_comp.id 
_chem_comp.type 
_chem_comp.mon_nstd_flag 
_chem_comp.name 
_chem_comp.pdbx_synonyms 
_chem_comp.formula 
_chem_comp.formula_weight 
ALA 'L-peptide linking' y ALANINE         ? 'C3 H7 N O2'     89.093  
ARG 'L-peptide linking' y ARGININE        ? 'C6 H15 N4 O2 1' 175.209 
ASN 'L-peptide linking' y ASPARAGINE      ? 'C4 H8 N2 O3'    132.118 
ASP 'L-peptide linking' y 'ASPARTIC ACID' ? 'C4 H7 N O4'     133.103 
CD  non-polymer         . 'CADMIUM ION'   ? 'Cd 2'           112.411 
CYS 'L-peptide linking' y CYSTEINE        ? 'C3 H7 N O2 S'   121.158 
GLN 'L-peptide linking' y GLUTAMINE       ? 'C5 H10 N2 O3'   146.144 
GLU 'L-peptide linking' y 'GLUTAMIC ACID' ? 'C5 H9 N O4'     147.129 
GLY 'peptide linking'   y GLYCINE         ? 'C2 H5 N O2'     75.067  
HIS 'L-peptide linking' y HISTIDINE       ? 'C6 H10 N3 O2 1' 156.162 
HOH non-polymer         . WATER           ? 'H2 O'           18.015  
ILE 'L-peptide linking' y ISOLEUCINE      ? 'C6 H13 N O2'    131.173 
LEU 'L-peptide linking' y LEUCINE         ? 'C6 H13 N O2'    131.173 
LYS 'L-peptide linking' y LYSINE          ? 'C6 H15 N2 O2 1' 147.195 
MET 'L-peptide linking' y METHIONINE      ? 'C5 H11 N O2 S'  149.211 
PHE 'L-peptide linking' y PHENYLALANINE   ? 'C9 H11 N O2'    165.189 
PRO 'L-peptide linking' y PROLINE         ? 'C5 H9 N O2'     115.130 
SER 'L-peptide linking' y SERINE          ? 'C3 H7 N O3'     105.093 
THR 'L-peptide linking' y THREONINE       ? 'C4 H9 N O3'     119.119 
TRP 'L-peptide linking' y TRYPTOPHAN      ? 'C11 H12 N2 O2'  204.225 
TYR 'L-peptide linking' y TYROSINE        ? 'C9 H11 N O3'    181.189 
VAL 'L-peptide linking' y VALINE          ? 'C5 H11 N O2'    117.146 
# 
_exptl.entry_id          3CJK 
_exptl.method            'X-RAY DIFFRACTION' 
_exptl.crystals_number   1 
# 
_exptl_crystal.id                    1 
_exptl_crystal.density_meas          ? 
_exptl_crystal.density_Matthews      2.65 
_exptl_crystal.density_percent_sol   53.64 
_exptl_crystal.description           ? 
_exptl_crystal.F_000                 ? 
_exptl_crystal.preparation           ? 
# 
_exptl_crystal_grow.crystal_id      1 
_exptl_crystal_grow.method          'VAPOR DIFFUSION, SITTING DROP' 
_exptl_crystal_grow.temp            298 
_exptl_crystal_grow.temp_details    ? 
_exptl_crystal_grow.pH              4.7 
_exptl_crystal_grow.pdbx_details    '0.1 M sodium citrate, 20% PEG-6000, pH 4.7, VAPOR DIFFUSION, SITTING DROP, temperature 298K' 
_exptl_crystal_grow.pdbx_pH_range   . 
# 
_diffrn.id                     1 
_diffrn.ambient_temp           100 
_diffrn.ambient_temp_details   ? 
_diffrn.crystal_id             1 
# 
_diffrn_detector.diffrn_id              1 
_diffrn_detector.detector               CCD 
_diffrn_detector.type                   'ADSC QUANTUM 315' 
_diffrn_detector.pdbx_collection_date   2008-02-02 
_diffrn_detector.details                'Silicon toroidal mirror coated with Rhodium' 
# 
_diffrn_radiation.diffrn_id                        1 
_diffrn_radiation.wavelength_id                    1 
_diffrn_radiation.pdbx_monochromatic_or_laue_m_l   M 
_diffrn_radiation.monochromator                    'Silicon (1 1 1) channel-cut' 
_diffrn_radiation.pdbx_diffrn_protocol             'SINGLE WAVELENGTH' 
_diffrn_radiation.pdbx_scattering_type             x-ray 
# 
_diffrn_radiation_wavelength.id           1 
_diffrn_radiation_wavelength.wavelength   0.97245 
_diffrn_radiation_wavelength.wt           1.0 
# 
_diffrn_source.diffrn_id                   1 
_diffrn_source.source                      SYNCHROTRON 
_diffrn_source.type                        'ESRF BEAMLINE ID23-1' 
_diffrn_source.pdbx_synchrotron_site       ESRF 
_diffrn_source.pdbx_synchrotron_beamline   ID23-1 
_diffrn_source.pdbx_wavelength             ? 
_diffrn_source.pdbx_wavelength_list        0.97245 
# 
_reflns.entry_id                     3CJK 
_reflns.observed_criterion_sigma_F   0 
_reflns.observed_criterion_sigma_I   0 
_reflns.d_resolution_high            1.8 
_reflns.d_resolution_low             26.3 
_reflns.number_all                   16071 
_reflns.number_obs                   16071 
_reflns.percent_possible_obs         99.9 
_reflns.pdbx_Rmerge_I_obs            0.072 
_reflns.pdbx_Rsym_value              0.072 
_reflns.pdbx_netI_over_sigmaI        5.4 
_reflns.B_iso_Wilson_estimate        26.10 
_reflns.pdbx_redundancy              13.7 
_reflns.R_free_details               ? 
_reflns.limit_h_max                  ? 
_reflns.limit_h_min                  ? 
_reflns.limit_k_max                  ? 
_reflns.limit_k_min                  ? 
_reflns.limit_l_max                  ? 
_reflns.limit_l_min                  ? 
_reflns.observed_criterion_F_max     ? 
_reflns.observed_criterion_F_min     ? 
_reflns.pdbx_chi_squared             ? 
_reflns.pdbx_scaling_rejects         ? 
_reflns.pdbx_diffrn_id               1 
_reflns.pdbx_ordinal                 1 
# 
_reflns_shell.d_res_high             1.8 
_reflns_shell.d_res_low              1.9 
_reflns_shell.percent_possible_all   99.9 
_reflns_shell.Rmerge_I_obs           0.40 
_reflns_shell.pdbx_Rsym_value        0.40 
_reflns_shell.meanI_over_sigI_obs    2.0 
_reflns_shell.pdbx_redundancy        13.7 
_reflns_shell.percent_possible_obs   ? 
_reflns_shell.number_unique_all      2307 
_reflns_shell.number_measured_all    ? 
_reflns_shell.number_measured_obs    ? 
_reflns_shell.number_unique_obs      ? 
_reflns_shell.pdbx_chi_squared       ? 
_reflns_shell.pdbx_diffrn_id         ? 
_reflns_shell.pdbx_ordinal           1 
# 
_refine.entry_id                                 3CJK 
_refine.ls_number_reflns_obs                     14615 
_refine.ls_number_reflns_all                     14615 
_refine.pdbx_ls_sigma_I                          0 
_refine.pdbx_ls_sigma_F                          0 
_refine.pdbx_data_cutoff_high_absF               ? 
_refine.pdbx_data_cutoff_low_absF                ? 
_refine.pdbx_data_cutoff_high_rms_absF           ? 
_refine.ls_d_res_low                             26.3 
_refine.ls_d_res_high                            1.80 
_refine.ls_percent_reflns_obs                    100.00 
_refine.ls_R_factor_obs                          0.23075 
_refine.ls_R_factor_all                          0.23075 
_refine.ls_R_factor_R_work                       0.22569 
_refine.ls_R_factor_R_free                       0.28253 
_refine.ls_R_factor_R_free_error                 ? 
_refine.ls_R_factor_R_free_error_details         ? 
_refine.ls_percent_reflns_R_free                 9.0 
_refine.ls_number_reflns_R_free                  1454 
_refine.ls_number_parameters                     ? 
_refine.ls_number_restraints                     ? 
_refine.occupancy_min                            ? 
_refine.occupancy_max                            ? 
_refine.correlation_coeff_Fo_to_Fc               0.943 
_refine.correlation_coeff_Fo_to_Fc_free          0.910 
_refine.B_iso_mean                               28.744 
_refine.aniso_B[1][1]                            -0.30 
_refine.aniso_B[2][2]                            -0.57 
_refine.aniso_B[3][3]                            0.87 
_refine.aniso_B[1][2]                            0.00 
_refine.aniso_B[1][3]                            0.00 
_refine.aniso_B[2][3]                            0.00 
_refine.solvent_model_details                    MASK 
_refine.solvent_model_param_ksol                 ? 
_refine.solvent_model_param_bsol                 ? 
_refine.pdbx_solvent_vdw_probe_radii             1.20 
_refine.pdbx_solvent_ion_probe_radii             0.80 
_refine.pdbx_solvent_shrinkage_radii             0.80 
_refine.pdbx_ls_cross_valid_method               THROUGHOUT 
_refine.details                                  'HYDROGENS HAVE BEEN ADDED IN THE RIDING POSITIONS' 
_refine.pdbx_starting_model                      1FE0 
_refine.pdbx_method_to_determine_struct          'MOLECULAR REPLACEMENT' 
_refine.pdbx_isotropic_thermal_model             'Isotropic except Cd2+ which was refined anisotropically' 
_refine.pdbx_stereochemistry_target_values       'MAXIMUM LIKELIHOOD' 
_refine.pdbx_stereochem_target_val_spec_case     ? 
_refine.pdbx_R_Free_selection_details            RANDOM 
_refine.pdbx_overall_ESU_R                       0.144 
_refine.pdbx_overall_ESU_R_Free                  0.149 
_refine.overall_SU_ML                            0.103 
_refine.overall_SU_B                             3.404 
_refine.ls_redundancy_reflns_obs                 ? 
_refine.B_iso_min                                ? 
_refine.B_iso_max                                ? 
_refine.overall_SU_R_Cruickshank_DPI             ? 
_refine.overall_SU_R_free                        ? 
_refine.ls_wR_factor_R_free                      ? 
_refine.ls_wR_factor_R_work                      ? 
_refine.overall_FOM_free_R_set                   ? 
_refine.overall_FOM_work_R_set                   ? 
_refine.pdbx_overall_phase_error                 ? 
_refine.pdbx_refine_id                           'X-RAY DIFFRACTION' 
_refine.pdbx_diffrn_id                           1 
_refine.pdbx_TLS_residual_ADP_flag               ? 
_refine.pdbx_overall_SU_R_free_Cruickshank_DPI   ? 
_refine.pdbx_overall_SU_R_Blow_DPI               ? 
_refine.pdbx_overall_SU_R_free_Blow_DPI          ? 
# 
_refine_hist.pdbx_refine_id                   'X-RAY DIFFRACTION' 
_refine_hist.cycle_id                         LAST 
_refine_hist.pdbx_number_atoms_protein        1093 
_refine_hist.pdbx_number_atoms_nucleic_acid   0 
_refine_hist.pdbx_number_atoms_ligand         1 
_refine_hist.number_atoms_solvent             76 
_refine_hist.number_atoms_total               1170 
_refine_hist.d_res_high                       1.80 
_refine_hist.d_res_low                        26.3 
# 
loop_
_refine_ls_restr.type 
_refine_ls_restr.dev_ideal 
_refine_ls_restr.dev_ideal_target 
_refine_ls_restr.weight 
_refine_ls_restr.number 
_refine_ls_restr.pdbx_refine_id 
_refine_ls_restr.pdbx_restraint_function 
r_bond_refined_d             0.025  0.022  ? 1107 'X-RAY DIFFRACTION' ? 
r_bond_other_d               ?      ?      ? ?    'X-RAY DIFFRACTION' ? 
r_angle_refined_deg          2.176  1.963  ? 1493 'X-RAY DIFFRACTION' ? 
r_angle_other_deg            ?      ?      ? ?    'X-RAY DIFFRACTION' ? 
r_dihedral_angle_1_deg       6.260  5.000  ? 141  'X-RAY DIFFRACTION' ? 
r_dihedral_angle_2_deg       40.916 26.512 ? 43   'X-RAY DIFFRACTION' ? 
r_dihedral_angle_3_deg       18.979 15.000 ? 211  'X-RAY DIFFRACTION' ? 
r_dihedral_angle_4_deg       23.293 15.000 ? 2    'X-RAY DIFFRACTION' ? 
r_chiral_restr               0.141  0.200  ? 180  'X-RAY DIFFRACTION' ? 
r_gen_planes_refined         0.010  0.020  ? 784  'X-RAY DIFFRACTION' ? 
r_gen_planes_other           ?      ?      ? ?    'X-RAY DIFFRACTION' ? 
r_nbd_refined                ?      ?      ? ?    'X-RAY DIFFRACTION' ? 
r_nbd_other                  ?      ?      ? ?    'X-RAY DIFFRACTION' ? 
r_nbtor_refined              ?      ?      ? ?    'X-RAY DIFFRACTION' ? 
r_nbtor_other                ?      ?      ? ?    'X-RAY DIFFRACTION' ? 
r_xyhbond_nbd_refined        ?      ?      ? ?    'X-RAY DIFFRACTION' ? 
r_xyhbond_nbd_other          ?      ?      ? ?    'X-RAY DIFFRACTION' ? 
r_metal_ion_refined          ?      ?      ? ?    'X-RAY DIFFRACTION' ? 
r_metal_ion_other            ?      ?      ? ?    'X-RAY DIFFRACTION' ? 
r_symmetry_vdw_refined       ?      ?      ? ?    'X-RAY DIFFRACTION' ? 
r_symmetry_vdw_other         ?      ?      ? ?    'X-RAY DIFFRACTION' ? 
r_symmetry_hbond_refined     ?      ?      ? ?    'X-RAY DIFFRACTION' ? 
r_symmetry_hbond_other       ?      ?      ? ?    'X-RAY DIFFRACTION' ? 
r_symmetry_metal_ion_refined ?      ?      ? ?    'X-RAY DIFFRACTION' ? 
r_symmetry_metal_ion_other   ?      ?      ? ?    'X-RAY DIFFRACTION' ? 
r_mcbond_it                  1.393  1.500  ? 706  'X-RAY DIFFRACTION' ? 
r_mcbond_other               ?      ?      ? ?    'X-RAY DIFFRACTION' ? 
r_mcangle_it                 2.436  2.000  ? 1147 'X-RAY DIFFRACTION' ? 
r_scbond_it                  3.610  3.000  ? 401  'X-RAY DIFFRACTION' ? 
r_scangle_it                 5.729  4.500  ? 346  'X-RAY DIFFRACTION' ? 
r_rigid_bond_restr           ?      ?      ? ?    'X-RAY DIFFRACTION' ? 
r_sphericity_free            9.533  3.000  ? 1    'X-RAY DIFFRACTION' ? 
r_sphericity_bonded          ?      ?      ? ?    'X-RAY DIFFRACTION' ? 
# 
_refine_ls_shell.pdbx_total_number_of_bins_used   20 
_refine_ls_shell.d_res_high                       1.800 
_refine_ls_shell.d_res_low                        1.847 
_refine_ls_shell.number_reflns_R_work             1049 
_refine_ls_shell.R_factor_R_work                  0.271 
_refine_ls_shell.percent_reflns_obs               100.00 
_refine_ls_shell.R_factor_R_free                  0.369 
_refine_ls_shell.R_factor_R_free_error            ? 
_refine_ls_shell.percent_reflns_R_free            ? 
_refine_ls_shell.number_reflns_R_free             122 
_refine_ls_shell.number_reflns_all                ? 
_refine_ls_shell.R_factor_all                     ? 
_refine_ls_shell.number_reflns_obs                ? 
_refine_ls_shell.redundancy_reflns_obs            ? 
_refine_ls_shell.pdbx_refine_id                   'X-RAY DIFFRACTION' 
# 
_struct.entry_id                  3CJK 
_struct.title                     'Crystal structure of the adduct HAH1-Cd(II)-MNK1.' 
_struct.pdbx_model_details        ? 
_struct.pdbx_CASP_flag            ? 
_struct.pdbx_model_type_details   ? 
# 
_struct_keywords.entry_id        3CJK 
_struct_keywords.pdbx_keywords   'METAL TRANSPORT/HYDROLASE' 
_struct_keywords.text            
;HAH1; ATP7A; ATP7B; Menkes disease; metal homeostasis, Chaperone, Copper, Copper transport, Ion transport, Metal-binding, Transport, Alternative splicing, ATP-binding, Cytoplasm, Disease mutation, Endoplasmic reticulum, Glycoprotein, Golgi apparatus, Hydrolase, Magnesium, Membrane, Nucleotide-binding, Phosphoprotein, Polymorphism, Transmembrane, METAL TRANSPORT-HYDROLASE COMPLEX
;
# 
loop_
_struct_asym.id 
_struct_asym.pdbx_blank_PDB_chainid_flag 
_struct_asym.pdbx_modified 
_struct_asym.entity_id 
_struct_asym.details 
A N N 1 ? 
B N N 2 ? 
C N N 3 ? 
D N N 4 ? 
E N N 4 ? 
# 
loop_
_struct_biol.id 
_struct_biol.details 
1 ? 
2 ? 
# 
loop_
_struct_conf.conf_type_id 
_struct_conf.id 
_struct_conf.pdbx_PDB_helix_id 
_struct_conf.beg_label_comp_id 
_struct_conf.beg_label_asym_id 
_struct_conf.beg_label_seq_id 
_struct_conf.pdbx_beg_PDB_ins_code 
_struct_conf.end_label_comp_id 
_struct_conf.end_label_asym_id 
_struct_conf.end_label_seq_id 
_struct_conf.pdbx_end_PDB_ins_code 
_struct_conf.beg_auth_comp_id 
_struct_conf.beg_auth_asym_id 
_struct_conf.beg_auth_seq_id 
_struct_conf.end_auth_comp_id 
_struct_conf.end_auth_asym_id 
_struct_conf.end_auth_seq_id 
_struct_conf.pdbx_PDB_helix_class 
_struct_conf.details 
_struct_conf.pdbx_PDB_helix_length 
HELX_P HELX_P1 1 CYS A 11 ? GLY A 26 ? CYS A 12 GLY A 27 1 ? 16 
HELX_P HELX_P2 2 SER A 46 ? LYS A 56 ? SER A 47 LYS A 57 1 ? 11 
HELX_P HELX_P3 3 CYS B 13 ? LYS B 26 ? CYS B 15 LYS B 28 1 ? 14 
HELX_P HELX_P4 4 THR B 52 ? MET B 63 ? THR B 54 MET B 65 1 ? 12 
# 
_struct_conf_type.id          HELX_P 
_struct_conf_type.criteria    ? 
_struct_conf_type.reference   ? 
# 
_struct_conn.id                            metalc1 
_struct_conn.conn_type_id                  metalc 
_struct_conn.pdbx_leaving_atom_flag        ? 
_struct_conn.pdbx_PDB_id                   ? 
_struct_conn.ptnr1_label_asym_id           C 
_struct_conn.ptnr1_label_comp_id           CD 
_struct_conn.ptnr1_label_seq_id            . 
_struct_conn.ptnr1_label_atom_id           CD 
_struct_conn.pdbx_ptnr1_label_alt_id       ? 
_struct_conn.pdbx_ptnr1_PDB_ins_code       ? 
_struct_conn.pdbx_ptnr1_standard_comp_id   ? 
_struct_conn.ptnr1_symmetry                1_555 
_struct_conn.ptnr2_label_asym_id           B 
_struct_conn.ptnr2_label_comp_id           THR 
_struct_conn.ptnr2_label_seq_id            12 
_struct_conn.ptnr2_label_atom_id           OG1 
_struct_conn.pdbx_ptnr2_label_alt_id       ? 
_struct_conn.pdbx_ptnr2_PDB_ins_code       ? 
_struct_conn.ptnr1_auth_asym_id            B 
_struct_conn.ptnr1_auth_comp_id            CD 
_struct_conn.ptnr1_auth_seq_id             1 
_struct_conn.ptnr2_auth_asym_id            B 
_struct_conn.ptnr2_auth_comp_id            THR 
_struct_conn.ptnr2_auth_seq_id             14 
_struct_conn.ptnr2_symmetry                1_555 
_struct_conn.pdbx_ptnr3_label_atom_id      ? 
_struct_conn.pdbx_ptnr3_label_seq_id       ? 
_struct_conn.pdbx_ptnr3_label_comp_id      ? 
_struct_conn.pdbx_ptnr3_label_asym_id      ? 
_struct_conn.pdbx_ptnr3_label_alt_id       ? 
_struct_conn.pdbx_ptnr3_PDB_ins_code       ? 
_struct_conn.details                       ? 
_struct_conn.pdbx_dist_value               2.450 
_struct_conn.pdbx_value_order              ? 
_struct_conn.pdbx_role                     ? 
# 
_struct_conn_type.id          metalc 
_struct_conn_type.criteria    ? 
_struct_conn_type.reference   ? 
# 
_struct_mon_prot_cis.pdbx_id                1 
_struct_mon_prot_cis.label_comp_id          GLU 
_struct_mon_prot_cis.label_seq_id           67 
_struct_mon_prot_cis.label_asym_id          A 
_struct_mon_prot_cis.label_alt_id           . 
_struct_mon_prot_cis.pdbx_PDB_ins_code      ? 
_struct_mon_prot_cis.auth_comp_id           GLU 
_struct_mon_prot_cis.auth_seq_id            68 
_struct_mon_prot_cis.auth_asym_id           A 
_struct_mon_prot_cis.pdbx_label_comp_id_2   ILE 
_struct_mon_prot_cis.pdbx_label_seq_id_2    68 
_struct_mon_prot_cis.pdbx_label_asym_id_2   A 
_struct_mon_prot_cis.pdbx_PDB_ins_code_2    ? 
_struct_mon_prot_cis.pdbx_auth_comp_id_2    ILE 
_struct_mon_prot_cis.pdbx_auth_seq_id_2     69 
_struct_mon_prot_cis.pdbx_auth_asym_id_2    A 
_struct_mon_prot_cis.pdbx_PDB_model_num     1 
_struct_mon_prot_cis.pdbx_omega_angle       -19.71 
# 
loop_
_struct_sheet.id 
_struct_sheet.type 
_struct_sheet.number_strands 
_struct_sheet.details 
A ? 4 ? 
B ? 4 ? 
# 
loop_
_struct_sheet_order.sheet_id 
_struct_sheet_order.range_id_1 
_struct_sheet_order.range_id_2 
_struct_sheet_order.offset 
_struct_sheet_order.sense 
A 1 2 ? anti-parallel 
A 2 3 ? anti-parallel 
A 3 4 ? anti-parallel 
B 1 2 ? anti-parallel 
B 2 3 ? anti-parallel 
B 3 4 ? anti-parallel 
# 
loop_
_struct_sheet_range.sheet_id 
_struct_sheet_range.id 
_struct_sheet_range.beg_label_comp_id 
_struct_sheet_range.beg_label_asym_id 
_struct_sheet_range.beg_label_seq_id 
_struct_sheet_range.pdbx_beg_PDB_ins_code 
_struct_sheet_range.end_label_comp_id 
_struct_sheet_range.end_label_asym_id 
_struct_sheet_range.end_label_seq_id 
_struct_sheet_range.pdbx_end_PDB_ins_code 
_struct_sheet_range.beg_auth_comp_id 
_struct_sheet_range.beg_auth_asym_id 
_struct_sheet_range.beg_auth_seq_id 
_struct_sheet_range.end_auth_comp_id 
_struct_sheet_range.end_auth_asym_id 
_struct_sheet_range.end_auth_seq_id 
A 1 VAL A 28 ? ASP A 33 ? VAL A 29 ASP A 34 
A 2 LYS A 38 ? SER A 43 ? LYS A 39 SER A 44 
A 3 LYS A 2  ? VAL A 7  ? LYS A 3  VAL A 8  
A 4 VAL A 61 ? LEU A 66 ? VAL A 62 LEU A 67 
B 1 VAL B 30 ? SER B 36 ? VAL B 32 SER B 38 
B 2 ASN B 41 ? TYR B 46 ? ASN B 43 TYR B 48 
B 3 ASN B 2  ? VAL B 8  ? ASN B 4  VAL B 10 
B 4 ALA B 67 ? GLU B 73 ? ALA B 69 GLU B 75 
# 
loop_
_pdbx_struct_sheet_hbond.sheet_id 
_pdbx_struct_sheet_hbond.range_id_1 
_pdbx_struct_sheet_hbond.range_id_2 
_pdbx_struct_sheet_hbond.range_1_label_atom_id 
_pdbx_struct_sheet_hbond.range_1_label_comp_id 
_pdbx_struct_sheet_hbond.range_1_label_asym_id 
_pdbx_struct_sheet_hbond.range_1_label_seq_id 
_pdbx_struct_sheet_hbond.range_1_PDB_ins_code 
_pdbx_struct_sheet_hbond.range_1_auth_atom_id 
_pdbx_struct_sheet_hbond.range_1_auth_comp_id 
_pdbx_struct_sheet_hbond.range_1_auth_asym_id 
_pdbx_struct_sheet_hbond.range_1_auth_seq_id 
_pdbx_struct_sheet_hbond.range_2_label_atom_id 
_pdbx_struct_sheet_hbond.range_2_label_comp_id 
_pdbx_struct_sheet_hbond.range_2_label_asym_id 
_pdbx_struct_sheet_hbond.range_2_label_seq_id 
_pdbx_struct_sheet_hbond.range_2_PDB_ins_code 
_pdbx_struct_sheet_hbond.range_2_auth_atom_id 
_pdbx_struct_sheet_hbond.range_2_auth_comp_id 
_pdbx_struct_sheet_hbond.range_2_auth_asym_id 
_pdbx_struct_sheet_hbond.range_2_auth_seq_id 
A 1 2 N ASP A 33 ? N ASP A 34 O LYS A 38 ? O LYS A 39 
A 2 3 O VAL A 39 ? O VAL A 40 N PHE A 5  ? N PHE A 6  
A 3 4 N GLU A 4  ? N GLU A 5  O GLY A 65 ? O GLY A 66 
B 1 2 N LYS B 34 ? N LYS B 36 O THR B 43 ? O THR B 45 
B 2 3 O ALA B 42 ? O ALA B 44 N ILE B 6  ? N ILE B 8  
B 3 4 N SER B 7  ? N SER B 9  O VAL B 68 ? O VAL B 70 
# 
_struct_site.id                   AC1 
_struct_site.pdbx_evidence_code   Software 
_struct_site.pdbx_auth_asym_id    B 
_struct_site.pdbx_auth_comp_id    CD 
_struct_site.pdbx_auth_seq_id     1 
_struct_site.pdbx_auth_ins_code   ? 
_struct_site.pdbx_num_residues    4 
_struct_site.details              'BINDING SITE FOR RESIDUE CD B 1' 
# 
loop_
_struct_site_gen.id 
_struct_site_gen.site_id 
_struct_site_gen.pdbx_num_res 
_struct_site_gen.label_comp_id 
_struct_site_gen.label_asym_id 
_struct_site_gen.label_seq_id 
_struct_site_gen.pdbx_auth_ins_code 
_struct_site_gen.auth_comp_id 
_struct_site_gen.auth_asym_id 
_struct_site_gen.auth_seq_id 
_struct_site_gen.label_atom_id 
_struct_site_gen.label_alt_id 
_struct_site_gen.symmetry 
_struct_site_gen.details 
1 AC1 4 CYS A 11 ? CYS A 12 . ? 1_555 ? 
2 AC1 4 THR B 12 ? THR B 14 . ? 1_555 ? 
3 AC1 4 CYS B 13 ? CYS B 15 . ? 1_555 ? 
4 AC1 4 CYS B 16 ? CYS B 18 . ? 1_555 ? 
# 
_atom_sites.entry_id                    3CJK 
_atom_sites.fract_transf_matrix[1][1]   0.01211706 
_atom_sites.fract_transf_matrix[1][2]   0.00054709 
_atom_sites.fract_transf_matrix[1][3]   -0.01709506 
_atom_sites.fract_transf_matrix[2][1]   0.01360844 
_atom_sites.fract_transf_matrix[2][2]   0.00670130 
_atom_sites.fract_transf_matrix[2][3]   0.00986019 
_atom_sites.fract_transf_matrix[3][1]   0.00500183 
_atom_sites.fract_transf_matrix[3][2]   -0.01468245 
_atom_sites.fract_transf_matrix[3][3]   0.00307544 
_atom_sites.fract_transf_vector[1]      0.093777 
_atom_sites.fract_transf_vector[2]      -0.072070 
_atom_sites.fract_transf_vector[3]      -0.144231 
# 
loop_
_atom_type.symbol 
C  
CD 
N  
O  
S  
# 
loop_
_atom_site.group_PDB 
_atom_site.id 
_atom_site.type_symbol 
_atom_site.label_atom_id 
_atom_site.label_alt_id 
_atom_site.label_comp_id 
_atom_site.label_asym_id 
_atom_site.label_entity_id 
_atom_site.label_seq_id 
_atom_site.pdbx_PDB_ins_code 
_atom_site.Cartn_x 
_atom_site.Cartn_y 
_atom_site.Cartn_z 
_atom_site.occupancy 
_atom_site.B_iso_or_equiv 
_atom_site.pdbx_formal_charge 
_atom_site.auth_seq_id 
_atom_site.auth_comp_id 
_atom_site.auth_asym_id 
_atom_site.auth_atom_id 
_atom_site.pdbx_PDB_model_num 
ATOM   1    N  N   . PRO A 1 1  ? 8.610   0.224   -23.086 1.00 38.80 ? 2   PRO A N   1 
ATOM   2    C  CA  . PRO A 1 1  ? 7.942   -1.014  -23.473 1.00 38.85 ? 2   PRO A CA  1 
ATOM   3    C  C   . PRO A 1 1  ? 6.624   -1.143  -22.746 1.00 38.46 ? 2   PRO A C   1 
ATOM   4    O  O   . PRO A 1 1  ? 6.308   -0.264  -21.941 1.00 38.18 ? 2   PRO A O   1 
ATOM   5    C  CB  . PRO A 1 1  ? 8.899   -2.109  -22.954 1.00 39.01 ? 2   PRO A CB  1 
ATOM   6    C  CG  . PRO A 1 1  ? 10.114  -1.374  -22.444 1.00 39.32 ? 2   PRO A CG  1 
ATOM   7    C  CD  . PRO A 1 1  ? 10.043  0.005   -22.862 1.00 38.02 ? 2   PRO A CD  1 
ATOM   8    N  N   . LYS A 1 2  ? 5.916   -2.244  -23.024 1.00 37.86 ? 3   LYS A N   1 
ATOM   9    C  CA  . LYS A 1 2  ? 4.698   -2.645  -22.310 1.00 37.49 ? 3   LYS A CA  1 
ATOM   10   C  C   . LYS A 1 2  ? 4.757   -4.032  -21.694 1.00 36.87 ? 3   LYS A C   1 
ATOM   11   O  O   . LYS A 1 2  ? 4.738   -5.106  -22.379 1.00 37.55 ? 3   LYS A O   1 
ATOM   12   C  CB  . LYS A 1 2  ? 3.450   -2.307  -23.114 1.00 37.38 ? 3   LYS A CB  1 
ATOM   13   C  CG  . LYS A 1 2  ? 2.678   -3.416  -23.624 1.00 39.83 ? 3   LYS A CG  1 
ATOM   14   C  CD  . LYS A 1 2  ? 1.834   -2.963  -24.790 1.00 42.86 ? 3   LYS A CD  1 
ATOM   15   C  CE  . LYS A 1 2  ? 1.224   -1.588  -24.618 1.00 47.15 ? 3   LYS A CE  1 
ATOM   16   N  NZ  . LYS A 1 2  ? 0.311   -1.251  -25.781 1.00 50.67 ? 3   LYS A NZ  1 
ATOM   17   N  N   . HIS A 1 3  ? 4.956   -3.936  -20.383 1.00 35.31 ? 4   HIS A N   1 
ATOM   18   C  CA  . HIS A 1 3  ? 5.344   -4.963  -19.475 1.00 33.91 ? 4   HIS A CA  1 
ATOM   19   C  C   . HIS A 1 3  ? 4.041   -5.500  -18.826 1.00 32.71 ? 4   HIS A C   1 
ATOM   20   O  O   . HIS A 1 3  ? 3.346   -4.752  -18.141 1.00 30.82 ? 4   HIS A O   1 
ATOM   21   C  CB  . HIS A 1 3  ? 6.129   -4.343  -18.301 1.00 35.08 ? 4   HIS A CB  1 
ATOM   22   C  CG  . HIS A 1 3  ? 7.570   -4.018  -18.570 1.00 39.06 ? 4   HIS A CG  1 
ATOM   23   N  ND1 . HIS A 1 3  ? 7.978   -2.821  -19.120 1.00 42.94 ? 4   HIS A ND1 1 
ATOM   24   C  CD2 . HIS A 1 3  ? 8.705   -4.694  -18.265 1.00 42.77 ? 4   HIS A CD2 1 
ATOM   25   C  CE1 . HIS A 1 3  ? 9.297   -2.805  -19.216 1.00 43.29 ? 4   HIS A CE1 1 
ATOM   26   N  NE2 . HIS A 1 3  ? 9.764   -3.924  -18.688 1.00 43.63 ? 4   HIS A NE2 1 
ATOM   27   N  N   . GLU A 1 4  ? 3.754   -6.783  -18.987 1.00 30.00 ? 5   GLU A N   1 
ATOM   28   C  CA  . GLU A 1 4  ? 2.660   -7.384  -18.242 1.00 27.65 ? 5   GLU A CA  1 
ATOM   29   C  C   . GLU A 1 4  ? 3.133   -7.956  -16.923 1.00 27.31 ? 5   GLU A C   1 
ATOM   30   O  O   . GLU A 1 4  ? 4.111   -8.723  -16.889 1.00 27.36 ? 5   GLU A O   1 
ATOM   31   C  CB  . GLU A 1 4  ? 2.083   -8.523  -19.054 1.00 28.94 ? 5   GLU A CB  1 
ATOM   32   C  CG  . GLU A 1 4  ? 0.830   -9.099  -18.453 1.00 27.68 ? 5   GLU A CG  1 
ATOM   33   C  CD  . GLU A 1 4  ? -0.359  -8.293  -18.871 1.00 28.90 ? 5   GLU A CD  1 
ATOM   34   O  OE1 . GLU A 1 4  ? -0.150  -7.195  -19.454 1.00 28.23 ? 5   GLU A OE1 1 
ATOM   35   O  OE2 . GLU A 1 4  ? -1.506  -8.756  -18.626 1.00 30.08 ? 5   GLU A OE2 1 
ATOM   36   N  N   . PHE A 1 5  ? 2.412   -7.602  -15.853 1.00 22.82 ? 6   PHE A N   1 
ATOM   37   C  CA  . PHE A 1 5  ? 2.521   -8.208  -14.549 1.00 23.05 ? 6   PHE A CA  1 
ATOM   38   C  C   . PHE A 1 5  ? 1.300   -8.846  -13.992 1.00 22.45 ? 6   PHE A C   1 
ATOM   39   O  O   . PHE A 1 5  ? 0.107   -8.441  -14.228 1.00 21.31 ? 6   PHE A O   1 
ATOM   40   C  CB  . PHE A 1 5  ? 2.926   -7.151  -13.486 1.00 25.24 ? 6   PHE A CB  1 
ATOM   41   C  CG  . PHE A 1 5  ? 4.222   -6.483  -13.754 1.00 26.06 ? 6   PHE A CG  1 
ATOM   42   C  CD1 . PHE A 1 5  ? 5.354   -6.840  -13.019 1.00 27.31 ? 6   PHE A CD1 1 
ATOM   43   C  CD2 . PHE A 1 5  ? 4.331   -5.513  -14.735 1.00 27.74 ? 6   PHE A CD2 1 
ATOM   44   C  CE1 . PHE A 1 5  ? 6.574   -6.217  -13.280 1.00 21.97 ? 6   PHE A CE1 1 
ATOM   45   C  CE2 . PHE A 1 5  ? 5.573   -4.893  -15.006 1.00 28.66 ? 6   PHE A CE2 1 
ATOM   46   C  CZ  . PHE A 1 5  ? 6.685   -5.251  -14.278 1.00 22.51 ? 6   PHE A CZ  1 
ATOM   47   N  N   . SER A 1 6  ? 1.578   -9.791  -13.119 1.00 20.64 ? 7   SER A N   1 
ATOM   48   C  CA  . SER A 1 6  ? 0.603   -10.392 -12.259 1.00 20.10 ? 7   SER A CA  1 
ATOM   49   C  C   . SER A 1 6  ? 0.595   -9.698  -10.853 1.00 20.88 ? 7   SER A C   1 
ATOM   50   O  O   . SER A 1 6  ? 1.636   -9.610  -10.247 1.00 19.89 ? 7   SER A O   1 
ATOM   51   C  CB  . SER A 1 6  ? 1.073   -11.823 -12.059 1.00 24.26 ? 7   SER A CB  1 
ATOM   52   O  OG  . SER A 1 6  ? 0.311   -12.428 -11.078 1.00 25.53 ? 7   SER A OG  1 
ATOM   53   N  N   . VAL A 1 7  ? -0.555  -9.248  -10.349 1.00 21.28 ? 8   VAL A N   1 
ATOM   54   C  CA  . VAL A 1 7  ? -0.680  -8.738  -8.992  1.00 22.35 ? 8   VAL A CA  1 
ATOM   55   C  C   . VAL A 1 7  ? -1.896  -9.345  -8.304  1.00 22.33 ? 8   VAL A C   1 
ATOM   56   O  O   . VAL A 1 7  ? -3.033  -9.313  -8.814  1.00 22.96 ? 8   VAL A O   1 
ATOM   57   C  CB  . VAL A 1 7  ? -0.811  -7.179  -8.980  1.00 20.84 ? 8   VAL A CB  1 
ATOM   58   C  CG1 . VAL A 1 7  ? -0.772  -6.663  -7.497  1.00 24.06 ? 8   VAL A CG1 1 
ATOM   59   C  CG2 . VAL A 1 7  ? 0.162   -6.587  -9.911  1.00 22.73 ? 8   VAL A CG2 1 
ATOM   60   N  N   . ASP A 1 8  ? -1.680  -9.883  -7.102  1.00 22.27 ? 9   ASP A N   1 
ATOM   61   C  CA  . ASP A 1 8  ? -2.745  -10.415 -6.295  1.00 23.61 ? 9   ASP A CA  1 
ATOM   62   C  C   . ASP A 1 8  ? -3.735  -9.370  -5.768  1.00 22.41 ? 9   ASP A C   1 
ATOM   63   O  O   . ASP A 1 8  ? -3.676  -8.961  -4.575  1.00 20.80 ? 9   ASP A O   1 
ATOM   64   C  CB  . ASP A 1 8  ? -2.183  -11.140 -5.069  1.00 25.18 ? 9   ASP A CB  1 
ATOM   65   C  CG  . ASP A 1 8  ? -3.243  -11.847 -4.356  1.00 29.74 ? 9   ASP A CG  1 
ATOM   66   O  OD1 . ASP A 1 8  ? -4.212  -12.233 -5.101  1.00 34.65 ? 9   ASP A OD1 1 
ATOM   67   O  OD2 . ASP A 1 8  ? -3.187  -12.014 -3.109  1.00 33.77 ? 9   ASP A OD2 1 
ATOM   68   N  N   . MET A 1 9  ? -4.612  -8.933  -6.666  1.00 23.03 ? 10  MET A N   1 
ATOM   69   C  CA  . MET A 1 9  ? -5.630  -7.916  -6.309  1.00 23.29 ? 10  MET A CA  1 
ATOM   70   C  C   . MET A 1 9  ? -6.879  -8.647  -6.087  1.00 23.16 ? 10  MET A C   1 
ATOM   71   O  O   . MET A 1 9  ? -7.521  -9.251  -6.971  1.00 20.06 ? 10  MET A O   1 
ATOM   72   C  CB  . MET A 1 9  ? -5.869  -6.879  -7.400  1.00 21.17 ? 10  MET A CB  1 
ATOM   73   C  CG  . MET A 1 9  ? -4.582  -6.090  -7.787  1.00 19.25 ? 10  MET A CG  1 
ATOM   74   S  SD  . MET A 1 9  ? -4.615  -5.165  -9.289  1.00 21.14 ? 10  MET A SD  1 
ATOM   75   C  CE  . MET A 1 9  ? -4.689  -6.499  -10.533 1.00 16.77 ? 10  MET A CE  1 
ATOM   76   N  N   . THR A 1 10 ? -7.261  -8.534  -4.863  1.00 25.75 ? 11  THR A N   1 
ATOM   77   C  CA  . THR A 1 10 ? -8.281  -9.212  -4.367  1.00 24.98 ? 11  THR A CA  1 
ATOM   78   C  C   . THR A 1 10 ? -9.598  -8.499  -4.590  1.00 26.87 ? 11  THR A C   1 
ATOM   79   O  O   . THR A 1 10 ? -10.595 -9.180  -4.778  1.00 29.13 ? 11  THR A O   1 
ATOM   80   C  CB  . THR A 1 10 ? -7.995  -9.461  -2.832  1.00 28.07 ? 11  THR A CB  1 
ATOM   81   O  OG1 . THR A 1 10 ? -6.679  -10.053 -2.571  1.00 25.93 ? 11  THR A OG1 1 
ATOM   82   C  CG2 . THR A 1 10 ? -8.989  -10.264 -2.338  1.00 19.82 ? 11  THR A CG2 1 
ATOM   83   N  N   . CYS A 1 11 ? -9.624  -7.155  -4.526  1.00 22.65 ? 12  CYS A N   1 
ATOM   84   C  CA  . CYS A 1 11 ? -10.806 -6.358  -4.514  1.00 20.57 ? 12  CYS A CA  1 
ATOM   85   C  C   . CYS A 1 11 ? -10.532 -4.992  -5.208  1.00 20.45 ? 12  CYS A C   1 
ATOM   86   O  O   . CYS A 1 11 ? -9.406  -4.726  -5.569  1.00 21.43 ? 12  CYS A O   1 
ATOM   87   C  CB  . CYS A 1 11 ? -11.166 -6.007  -3.067  1.00 20.76 ? 12  CYS A CB  1 
ATOM   88   S  SG  . CYS A 1 11 ? -9.707  -5.175  -2.180  1.00 18.63 ? 12  CYS A SG  1 
ATOM   89   N  N   . GLY A 1 12 ? -11.552 -4.133  -5.314  1.00 21.59 ? 13  GLY A N   1 
ATOM   90   C  CA  . GLY A 1 12 ? -11.396 -2.773  -5.959  1.00 21.22 ? 13  GLY A CA  1 
ATOM   91   C  C   . GLY A 1 12 ? -10.493 -1.863  -5.154  1.00 22.07 ? 13  GLY A C   1 
ATOM   92   O  O   . GLY A 1 12 ? -9.812  -1.004  -5.723  1.00 22.16 ? 13  GLY A O   1 
ATOM   93   N  N   . GLY A 1 13 ? -10.487 -2.049  -3.838  1.00 21.55 ? 14  GLY A N   1 
ATOM   94   C  CA  . GLY A 1 13 ? -9.613  -1.239  -2.975  1.00 20.88 ? 14  GLY A CA  1 
ATOM   95   C  C   . GLY A 1 13 ? -8.140  -1.508  -3.316  1.00 20.43 ? 14  GLY A C   1 
ATOM   96   O  O   . GLY A 1 13 ? -7.277  -0.562  -3.407  1.00 19.74 ? 14  GLY A O   1 
ATOM   97   N  N   . CYS A 1 14 ? -7.822  -2.782  -3.452  1.00 19.01 ? 15  CYS A N   1 
ATOM   98   C  CA  . CYS A 1 14 ? -6.450  -3.162  -3.759  1.00 19.55 ? 15  CYS A CA  1 
ATOM   99   C  C   . CYS A 1 14 ? -6.066  -2.662  -5.163  1.00 18.07 ? 15  CYS A C   1 
ATOM   100  O  O   . CYS A 1 14 ? -4.944  -2.195  -5.378  1.00 17.26 ? 15  CYS A O   1 
ATOM   101  C  CB  . CYS A 1 14 ? -6.324  -4.675  -3.704  1.00 21.07 ? 15  CYS A CB  1 
ATOM   102  S  SG  . CYS A 1 14 ? -4.625  -5.233  -3.971  1.00 25.20 ? 15  CYS A SG  1 
ATOM   103  N  N   . ALA A 1 15 ? -6.981  -2.800  -6.131  1.00 17.60 ? 16  ALA A N   1 
ATOM   104  C  CA  . ALA A 1 15 ? -6.704  -2.333  -7.533  1.00 16.99 ? 16  ALA A CA  1 
ATOM   105  C  C   . ALA A 1 15 ? -6.413  -0.820  -7.513  1.00 18.16 ? 16  ALA A C   1 
ATOM   106  O  O   . ALA A 1 15 ? -5.542  -0.293  -8.241  1.00 17.54 ? 16  ALA A O   1 
ATOM   107  C  CB  . ALA A 1 15 ? -7.930  -2.610  -8.446  1.00 18.06 ? 16  ALA A CB  1 
ATOM   108  N  N   . GLU A 1 16 ? -7.167  -0.089  -6.677  1.00 18.70 ? 17  GLU A N   1 
ATOM   109  C  CA  . GLU A 1 16 ? -6.965  1.353   -6.568  1.00 19.36 ? 17  GLU A CA  1 
ATOM   110  C  C   . GLU A 1 16 ? -5.623  1.700   -5.947  1.00 19.26 ? 17  GLU A C   1 
ATOM   111  O  O   . GLU A 1 16 ? -4.958  2.656   -6.430  1.00 20.45 ? 17  GLU A O   1 
ATOM   112  C  CB  . GLU A 1 16 ? -8.155  1.999   -5.840  1.00 19.90 ? 17  GLU A CB  1 
ATOM   113  C  CG  . GLU A 1 16 ? -7.963  3.498   -5.672  1.00 24.14 ? 17  GLU A CG  1 
ATOM   114  C  CD  . GLU A 1 16 ? -7.698  4.277   -7.029  1.00 26.03 ? 17  GLU A CD  1 
ATOM   115  O  OE1 . GLU A 1 16 ? -8.058  3.813   -8.147  1.00 29.36 ? 17  GLU A OE1 1 
ATOM   116  O  OE2 . GLU A 1 16 ? -7.158  5.398   -6.918  1.00 35.98 ? 17  GLU A OE2 1 
ATOM   117  N  N   . ALA A 1 17 ? -5.177  0.892   -4.975  1.00 16.49 ? 18  ALA A N   1 
ATOM   118  C  CA  . ALA A 1 17 ? -3.881  0.999   -4.305  1.00 15.88 ? 18  ALA A CA  1 
ATOM   119  C  C   . ALA A 1 17 ? -2.783  0.843   -5.377  1.00 17.38 ? 18  ALA A C   1 
ATOM   120  O  O   . ALA A 1 17 ? -1.777  1.603   -5.407  1.00 16.95 ? 18  ALA A O   1 
ATOM   121  C  CB  . ALA A 1 17 ? -3.739  -0.060  -3.157  1.00 15.89 ? 18  ALA A CB  1 
ATOM   122  N  N   . VAL A 1 18 ? -2.930  -0.136  -6.249  1.00 16.44 ? 19  VAL A N   1 
ATOM   123  C  CA  . VAL A 1 18 ? -1.962  -0.314  -7.344  1.00 17.59 ? 19  VAL A CA  1 
ATOM   124  C  C   . VAL A 1 18 ? -1.928  0.927   -8.240  1.00 18.38 ? 19  VAL A C   1 
ATOM   125  O  O   . VAL A 1 18 ? -0.849  1.380   -8.657  1.00 20.36 ? 19  VAL A O   1 
ATOM   126  C  CB  . VAL A 1 18 ? -2.310  -1.583  -8.225  1.00 16.05 ? 19  VAL A CB  1 
ATOM   127  C  CG1 . VAL A 1 18 ? -1.441  -1.686  -9.463  1.00 18.44 ? 19  VAL A CG1 1 
ATOM   128  C  CG2 . VAL A 1 18 ? -2.212  -2.821  -7.346  1.00 18.68 ? 19  VAL A CG2 1 
ATOM   129  N  N   . SER A 1 19 ? -3.107  1.510   -8.535  1.00 19.83 ? 20  SER A N   1 
ATOM   130  C  CA  . SER A 1 19 ? -3.204  2.736   -9.326  1.00 21.85 ? 20  SER A CA  1 
ATOM   131  C  C   . SER A 1 19 ? -2.323  3.815   -8.710  1.00 23.09 ? 20  SER A C   1 
ATOM   132  O  O   . SER A 1 19 ? -1.548  4.505   -9.421  1.00 20.89 ? 20  SER A O   1 
ATOM   133  C  CB  . SER A 1 19 ? -4.652  3.258   -9.340  1.00 21.51 ? 20  SER A CB  1 
ATOM   134  O  OG  . SER A 1 19 ? -4.743  4.240   -10.346 1.00 31.56 ? 20  SER A OG  1 
ATOM   135  N  N   . ARG A 1 20 ? -2.450  3.964   -7.375  1.00 21.96 ? 21  ARG A N   1 
ATOM   136  C  CA  . ARG A 1 20 ? -1.767  5.067   -6.663  1.00 23.57 ? 21  ARG A CA  1 
ATOM   137  C  C   . ARG A 1 20 ? -0.267  4.845   -6.570  1.00 24.13 ? 21  ARG A C   1 
ATOM   138  O  O   . ARG A 1 20 ? 0.525   5.834   -6.678  1.00 25.85 ? 21  ARG A O   1 
ATOM   139  C  CB  . ARG A 1 20 ? -2.315  5.305   -5.255  1.00 23.83 ? 21  ARG A CB  1 
ATOM   140  C  CG  . ARG A 1 20 ? -3.764  5.133   -5.108  1.00 29.05 ? 21  ARG A CG  1 
ATOM   141  C  CD  . ARG A 1 20 ? -4.684  6.159   -4.475  1.00 33.93 ? 21  ARG A CD  1 
ATOM   142  N  NE  . ARG A 1 20 ? -4.284  7.306   -3.617  1.00 42.11 ? 21  ARG A NE  1 
ATOM   143  C  CZ  . ARG A 1 20 ? -3.256  7.417   -2.788  1.00 41.72 ? 21  ARG A CZ  1 
ATOM   144  N  NH1 . ARG A 1 20 ? -2.347  6.461   -2.672  1.00 46.72 ? 21  ARG A NH1 1 
ATOM   145  N  NH2 . ARG A 1 20 ? -3.136  8.543   -2.081  1.00 39.73 ? 21  ARG A NH2 1 
ATOM   146  N  N   . VAL A 1 21 ? 0.171   3.615   -6.301  1.00 20.56 ? 22  VAL A N   1 
ATOM   147  C  CA  . VAL A 1 21 ? 1.630   3.388   -6.266  1.00 22.13 ? 22  VAL A CA  1 
ATOM   148  C  C   . VAL A 1 21 ? 2.239   3.691   -7.644  1.00 22.06 ? 22  VAL A C   1 
ATOM   149  O  O   . VAL A 1 21 ? 3.346   4.273   -7.726  1.00 23.57 ? 22  VAL A O   1 
ATOM   150  C  CB  . VAL A 1 21 ? 2.096   2.066   -5.592  1.00 22.02 ? 22  VAL A CB  1 
ATOM   151  C  CG1 . VAL A 1 21 ? 1.455   1.953   -4.224  1.00 20.98 ? 22  VAL A CG1 1 
ATOM   152  C  CG2 . VAL A 1 21 ? 1.789   0.811   -6.460  1.00 21.67 ? 22  VAL A CG2 1 
ATOM   153  N  N   . LEU A 1 22 ? 1.541   3.342   -8.707  1.00 22.78 ? 23  LEU A N   1 
ATOM   154  C  CA  . LEU A 1 22 ? 2.076   3.600   -10.058 1.00 25.03 ? 23  LEU A CA  1 
ATOM   155  C  C   . LEU A 1 22 ? 2.066   5.085   -10.325 1.00 28.17 ? 23  LEU A C   1 
ATOM   156  O  O   . LEU A 1 22 ? 3.039   5.665   -10.898 1.00 28.80 ? 23  LEU A O   1 
ATOM   157  C  CB  . LEU A 1 22 ? 1.288   2.876   -11.162 1.00 22.79 ? 23  LEU A CB  1 
ATOM   158  C  CG  . LEU A 1 22 ? 1.519   1.342   -11.129 1.00 21.67 ? 23  LEU A CG  1 
ATOM   159  C  CD1 . LEU A 1 22 ? 0.610   0.649   -12.150 1.00 19.46 ? 23  LEU A CD1 1 
ATOM   160  C  CD2 . LEU A 1 22 ? 3.013   0.870   -11.303 1.00 19.40 ? 23  LEU A CD2 1 
ATOM   161  N  N   . ASN A 1 23 ? 0.930   5.703   -10.002 1.00 29.37 ? 24  ASN A N   1 
ATOM   162  C  CA  . ASN A 1 23 ? 0.856   7.164   -9.984  1.00 32.89 ? 24  ASN A CA  1 
ATOM   163  C  C   . ASN A 1 23 ? 1.995   7.907   -9.289  1.00 32.63 ? 24  ASN A C   1 
ATOM   164  O  O   . ASN A 1 23 ? 2.523   8.874   -9.873  1.00 33.98 ? 24  ASN A O   1 
ATOM   165  C  CB  . ASN A 1 23 ? -0.435  7.613   -9.343  1.00 32.84 ? 24  ASN A CB  1 
ATOM   166  C  CG  . ASN A 1 23 ? -1.322  8.231   -10.309 1.00 39.85 ? 24  ASN A CG  1 
ATOM   167  O  OD1 . ASN A 1 23 ? -1.065  9.398   -10.772 1.00 42.77 ? 24  ASN A OD1 1 
ATOM   168  N  ND2 . ASN A 1 23 ? -2.400  7.493   -10.676 1.00 43.77 ? 24  ASN A ND2 1 
ATOM   169  N  N   . LYS A 1 24 ? 2.318   7.533   -8.046  1.00 31.37 ? 25  LYS A N   1 
ATOM   170  C  CA  . LYS A 1 24 ? 3.411   8.154   -7.355  1.00 33.04 ? 25  LYS A CA  1 
ATOM   171  C  C   . LYS A 1 24 ? 4.678   8.037   -8.193  1.00 34.16 ? 25  LYS A C   1 
ATOM   172  O  O   . LYS A 1 24 ? 5.381   9.043   -8.358  1.00 34.51 ? 25  LYS A O   1 
ATOM   173  C  CB  . LYS A 1 24 ? 3.726   7.513   -6.005  1.00 32.89 ? 25  LYS A CB  1 
ATOM   174  C  CG  . LYS A 1 24 ? 3.929   8.451   -4.781  1.00 36.22 ? 25  LYS A CG  1 
ATOM   175  C  CD  . LYS A 1 24 ? 4.147   9.956   -5.041  1.00 41.20 ? 25  LYS A CD  1 
ATOM   176  C  CE  . LYS A 1 24 ? 3.459   10.828  -3.931  1.00 44.35 ? 25  LYS A CE  1 
ATOM   177  N  NZ  . LYS A 1 24 ? 2.290   11.631  -4.502  1.00 45.75 ? 25  LYS A NZ  1 
ATOM   178  N  N   . LEU A 1 25 ? 4.999   6.816   -8.653  1.00 31.85 ? 26  LEU A N   1 
ATOM   179  C  CA  . LEU A 1 25 ? 6.235   6.574   -9.430  1.00 30.91 ? 26  LEU A CA  1 
ATOM   180  C  C   . LEU A 1 25 ? 6.280   7.497   -10.646 1.00 31.89 ? 26  LEU A C   1 
ATOM   181  O  O   . LEU A 1 25 ? 7.334   8.123   -10.940 1.00 31.95 ? 26  LEU A O   1 
ATOM   182  C  CB  . LEU A 1 25 ? 6.345   5.106   -9.834  1.00 29.63 ? 26  LEU A CB  1 
ATOM   183  C  CG  . LEU A 1 25 ? 7.469   4.683   -10.824 1.00 30.71 ? 26  LEU A CG  1 
ATOM   184  C  CD1 . LEU A 1 25 ? 8.792   4.875   -10.158 1.00 26.52 ? 26  LEU A CD1 1 
ATOM   185  C  CD2 . LEU A 1 25 ? 7.360   3.271   -11.342 1.00 28.68 ? 26  LEU A CD2 1 
ATOM   186  N  N   . GLY A 1 26 ? 5.151   7.630   -11.353 1.00 31.03 ? 27  GLY A N   1 
ATOM   187  C  CA  . GLY A 1 26 ? 5.098   8.497   -12.519 1.00 30.96 ? 27  GLY A CA  1 
ATOM   188  C  C   . GLY A 1 26 ? 5.868   7.924   -13.720 1.00 30.00 ? 27  GLY A C   1 
ATOM   189  O  O   . GLY A 1 26 ? 6.495   6.895   -13.607 1.00 30.61 ? 27  GLY A O   1 
ATOM   190  N  N   . GLY A 1 27 ? 5.729   8.578   -14.868 1.00 30.22 ? 28  GLY A N   1 
ATOM   191  C  CA  . GLY A 1 27 ? 6.263   8.063   -16.132 1.00 29.91 ? 28  GLY A CA  1 
ATOM   192  C  C   . GLY A 1 27 ? 5.727   6.670   -16.479 1.00 29.65 ? 28  GLY A C   1 
ATOM   193  O  O   . GLY A 1 27 ? 6.452   5.816   -17.047 1.00 28.84 ? 28  GLY A O   1 
ATOM   194  N  N   . VAL A 1 28 ? 4.456   6.406   -16.132 1.00 27.20 ? 29  VAL A N   1 
ATOM   195  C  CA  . VAL A 1 28 ? 3.830   5.080   -16.468 1.00 26.00 ? 29  VAL A CA  1 
ATOM   196  C  C   . VAL A 1 28 ? 2.447   5.276   -17.070 1.00 25.91 ? 29  VAL A C   1 
ATOM   197  O  O   . VAL A 1 28 ? 1.755   6.199   -16.701 1.00 26.53 ? 29  VAL A O   1 
ATOM   198  C  CB  . VAL A 1 28 ? 3.561   4.248   -15.222 1.00 25.41 ? 29  VAL A CB  1 
ATOM   199  C  CG1 . VAL A 1 28 ? 4.851   3.795   -14.517 1.00 22.14 ? 29  VAL A CG1 1 
ATOM   200  C  CG2 . VAL A 1 28 ? 2.582   5.002   -14.305 1.00 26.74 ? 29  VAL A CG2 1 
ATOM   201  N  N   . LYS A 1 29 ? 2.034   4.410   -17.988 1.00 25.09 ? 30  LYS A N   1 
ATOM   202  C  CA  . LYS A 1 29 ? 0.647   4.449   -18.467 1.00 25.98 ? 30  LYS A CA  1 
ATOM   203  C  C   . LYS A 1 29 ? 0.217   3.020   -18.133 1.00 24.54 ? 30  LYS A C   1 
ATOM   204  O  O   . LYS A 1 29 ? 0.975   2.104   -18.402 1.00 25.92 ? 30  LYS A O   1 
ATOM   205  C  CB  . LYS A 1 29 ? 0.611   4.679   -19.962 1.00 25.87 ? 30  LYS A CB  1 
ATOM   206  C  CG  . LYS A 1 29 ? -0.733  4.712   -20.549 1.00 29.46 ? 30  LYS A CG  1 
ATOM   207  C  CD  . LYS A 1 29 ? -0.627  4.618   -22.076 1.00 35.94 ? 30  LYS A CD  1 
ATOM   208  C  CE  . LYS A 1 29 ? -1.922  4.092   -22.713 1.00 42.95 ? 30  LYS A CE  1 
ATOM   209  N  NZ  . LYS A 1 29 ? -3.131  4.709   -22.126 1.00 46.60 ? 30  LYS A NZ  1 
ATOM   210  N  N   . TYR A 1 30 ? -0.922  2.842   -17.474 1.00 23.52 ? 31  TYR A N   1 
ATOM   211  C  CA  . TYR A 1 30 ? -1.272  1.481   -17.016 1.00 21.25 ? 31  TYR A CA  1 
ATOM   212  C  C   . TYR A 1 30 ? -2.736  1.130   -17.258 1.00 21.67 ? 31  TYR A C   1 
ATOM   213  O  O   . TYR A 1 30 ? -3.592  2.004   -17.464 1.00 20.43 ? 31  TYR A O   1 
ATOM   214  C  CB  . TYR A 1 30 ? -0.940  1.244   -15.560 1.00 22.04 ? 31  TYR A CB  1 
ATOM   215  C  CG  . TYR A 1 30 ? -1.620  2.284   -14.664 1.00 23.60 ? 31  TYR A CG  1 
ATOM   216  C  CD1 . TYR A 1 30 ? -2.920  2.091   -14.232 1.00 24.21 ? 31  TYR A CD1 1 
ATOM   217  C  CD2 . TYR A 1 30 ? -0.951  3.439   -14.266 1.00 24.57 ? 31  TYR A CD2 1 
ATOM   218  C  CE1 . TYR A 1 30 ? -3.583  3.048   -13.424 1.00 25.23 ? 31  TYR A CE1 1 
ATOM   219  C  CE2 . TYR A 1 30 ? -1.601  4.401   -13.445 1.00 25.27 ? 31  TYR A CE2 1 
ATOM   220  C  CZ  . TYR A 1 30 ? -2.912  4.191   -13.056 1.00 25.05 ? 31  TYR A CZ  1 
ATOM   221  O  OH  . TYR A 1 30 ? -3.551  5.080   -12.251 1.00 29.27 ? 31  TYR A OH  1 
ATOM   222  N  N   . ASP A 1 31 ? -2.972  -0.188  -17.285 1.00 20.83 ? 32  ASP A N   1 
ATOM   223  C  CA  . ASP A 1 31 ? -4.336  -0.739  -17.349 1.00 21.67 ? 32  ASP A CA  1 
ATOM   224  C  C   . ASP A 1 31 ? -4.361  -1.899  -16.401 1.00 19.90 ? 32  ASP A C   1 
ATOM   225  O  O   . ASP A 1 31 ? -3.611  -2.911  -16.590 1.00 20.74 ? 32  ASP A O   1 
ATOM   226  C  CB  . ASP A 1 31 ? -4.615  -1.189  -18.808 1.00 22.65 ? 32  ASP A CB  1 
ATOM   227  C  CG  . ASP A 1 31 ? -6.015  -1.636  -19.007 1.00 26.32 ? 32  ASP A CG  1 
ATOM   228  O  OD1 . ASP A 1 31 ? -6.604  -2.039  -18.009 1.00 28.22 ? 32  ASP A OD1 1 
ATOM   229  O  OD2 . ASP A 1 31 ? -6.531  -1.523  -20.146 1.00 31.45 ? 32  ASP A OD2 1 
ATOM   230  N  N   . ILE A 1 32 ? -5.141  -1.743  -15.331 1.00 17.94 ? 33  ILE A N   1 
ATOM   231  C  CA  . ILE A 1 32 ? -5.203  -2.729  -14.299 1.00 18.33 ? 33  ILE A CA  1 
ATOM   232  C  C   . ILE A 1 32 ? -6.434  -3.526  -14.607 1.00 18.18 ? 33  ILE A C   1 
ATOM   233  O  O   . ILE A 1 32 ? -7.503  -2.930  -14.760 1.00 17.13 ? 33  ILE A O   1 
ATOM   234  C  CB  . ILE A 1 32 ? -5.347  -2.047  -12.896 1.00 19.05 ? 33  ILE A CB  1 
ATOM   235  C  CG1 . ILE A 1 32 ? -4.125  -1.179  -12.633 1.00 17.08 ? 33  ILE A CG1 1 
ATOM   236  C  CG2 . ILE A 1 32 ? -5.663  -3.037  -11.807 1.00 17.50 ? 33  ILE A CG2 1 
ATOM   237  C  CD1 . ILE A 1 32 ? -4.260  -0.089  -11.559 1.00 19.11 ? 33  ILE A CD1 1 
ATOM   238  N  N   . ASP A 1 33 ? -6.280  -4.832  -14.733 1.00 16.78 ? 34  ASP A N   1 
ATOM   239  C  CA  . ASP A 1 33 ? -7.472  -5.705  -15.042 1.00 17.41 ? 34  ASP A CA  1 
ATOM   240  C  C   . ASP A 1 33 ? -7.743  -6.487  -13.727 1.00 16.86 ? 34  ASP A C   1 
ATOM   241  O  O   . ASP A 1 33 ? -6.938  -7.358  -13.268 1.00 17.01 ? 34  ASP A O   1 
ATOM   242  C  CB  . ASP A 1 33 ? -7.123  -6.610  -16.228 1.00 17.80 ? 34  ASP A CB  1 
ATOM   243  C  CG  . ASP A 1 33 ? -8.178  -7.680  -16.485 1.00 20.23 ? 34  ASP A CG  1 
ATOM   244  O  OD1 . ASP A 1 33 ? -9.047  -7.913  -15.617 1.00 20.96 ? 34  ASP A OD1 1 
ATOM   245  O  OD2 . ASP A 1 33 ? -8.086  -8.306  -17.544 1.00 24.92 ? 34  ASP A OD2 1 
ATOM   246  N  N   . LEU A 1 34 ? -8.792  -6.080  -13.008 1.00 15.89 ? 35  LEU A N   1 
ATOM   247  C  CA  . LEU A 1 34 ? -9.037  -6.617  -11.692 1.00 17.23 ? 35  LEU A CA  1 
ATOM   248  C  C   . LEU A 1 34 ? -9.460  -8.099  -11.694 1.00 19.40 ? 35  LEU A C   1 
ATOM   249  O  O   . LEU A 1 34 ? -8.897  -8.914  -10.960 1.00 19.73 ? 35  LEU A O   1 
ATOM   250  C  CB  . LEU A 1 34 ? -9.993  -5.715  -10.901 1.00 17.23 ? 35  LEU A CB  1 
ATOM   251  C  CG  . LEU A 1 34 ? -10.418 -6.196  -9.498  1.00 22.24 ? 35  LEU A CG  1 
ATOM   252  C  CD1 . LEU A 1 34 ? -9.273  -6.625  -8.568  1.00 18.36 ? 35  LEU A CD1 1 
ATOM   253  C  CD2 . LEU A 1 34 ? -11.340 -5.179  -8.739  1.00 24.56 ? 35  LEU A CD2 1 
ATOM   254  N  N   . PRO A 1 35 ? -10.446 -8.447  -12.494 1.00 19.05 ? 36  PRO A N   1 
ATOM   255  C  CA  . PRO A 1 35 ? -10.851 -9.883  -12.520 1.00 20.84 ? 36  PRO A CA  1 
ATOM   256  C  C   . PRO A 1 35 ? -9.667  -10.844 -12.961 1.00 21.28 ? 36  PRO A C   1 
ATOM   257  O  O   . PRO A 1 35 ? -9.566  -11.967 -12.482 1.00 23.68 ? 36  PRO A O   1 
ATOM   258  C  CB  . PRO A 1 35 ? -11.917 -9.885  -13.623 1.00 23.44 ? 36  PRO A CB  1 
ATOM   259  C  CG  . PRO A 1 35 ? -12.539 -8.509  -13.536 1.00 23.20 ? 36  PRO A CG  1 
ATOM   260  C  CD  . PRO A 1 35 ? -11.302 -7.616  -13.359 1.00 19.76 ? 36  PRO A CD  1 
ATOM   261  N  N   . ASN A 1 36 ? -8.817  -10.440 -13.880 1.00 20.89 ? 37  ASN A N   1 
ATOM   262  C  CA  . ASN A 1 36 ? -7.726  -11.325 -14.316 1.00 22.01 ? 37  ASN A CA  1 
ATOM   263  C  C   . ASN A 1 36 ? -6.431  -11.115 -13.486 1.00 21.45 ? 37  ASN A C   1 
ATOM   264  O  O   . ASN A 1 36 ? -5.382  -11.750 -13.754 1.00 22.15 ? 37  ASN A O   1 
ATOM   265  C  CB  . ASN A 1 36 ? -7.470  -11.091 -15.785 1.00 22.37 ? 37  ASN A CB  1 
ATOM   266  C  CG  . ASN A 1 36 ? -8.659  -11.524 -16.632 1.00 28.91 ? 37  ASN A CG  1 
ATOM   267  O  OD1 . ASN A 1 36 ? -9.262  -12.580 -16.366 1.00 32.20 ? 37  ASN A OD1 1 
ATOM   268  N  ND2 . ASN A 1 36 ? -9.056  -10.683 -17.573 1.00 24.44 ? 37  ASN A ND2 1 
ATOM   269  N  N   . LYS A 1 37 ? -6.494  -10.197 -12.506 1.00 20.35 ? 38  LYS A N   1 
ATOM   270  C  CA  . LYS A 1 37 ? -5.363  -10.003 -11.566 1.00 20.25 ? 38  LYS A CA  1 
ATOM   271  C  C   . LYS A 1 37 ? -4.085  -9.708  -12.347 1.00 20.51 ? 38  LYS A C   1 
ATOM   272  O  O   . LYS A 1 37 ? -3.019  -10.217 -11.998 1.00 19.53 ? 38  LYS A O   1 
ATOM   273  C  CB  . LYS A 1 37 ? -5.189  -11.209 -10.659 1.00 21.51 ? 38  LYS A CB  1 
ATOM   274  C  CG  . LYS A 1 37 ? -6.187  -11.247 -9.546  1.00 21.39 ? 38  LYS A CG  1 
ATOM   275  C  CD  . LYS A 1 37 ? -6.256  -12.617 -8.892  1.00 29.21 ? 38  LYS A CD  1 
ATOM   276  C  CE  . LYS A 1 37 ? -5.760  -13.824 -9.860  1.00 36.01 ? 38  LYS A CE  1 
ATOM   277  N  NZ  . LYS A 1 37 ? -6.450  -14.265 -11.203 1.00 39.45 ? 38  LYS A NZ  1 
ATOM   278  N  N   . LYS A 1 38 ? -4.220  -8.861  -13.384 1.00 19.07 ? 39  LYS A N   1 
ATOM   279  C  CA  . LYS A 1 38 ? -3.111  -8.401  -14.199 1.00 20.84 ? 39  LYS A CA  1 
ATOM   280  C  C   . LYS A 1 38 ? -3.029  -6.872  -14.317 1.00 20.88 ? 39  LYS A C   1 
ATOM   281  O  O   . LYS A 1 38 ? -4.010  -6.136  -14.124 1.00 19.04 ? 39  LYS A O   1 
ATOM   282  C  CB  . LYS A 1 38 ? -3.133  -9.038  -15.566 1.00 22.19 ? 39  LYS A CB  1 
ATOM   283  C  CG  . LYS A 1 38 ? -3.102  -10.611 -15.411 1.00 24.48 ? 39  LYS A CG  1 
ATOM   284  C  CD  . LYS A 1 38 ? -2.360  -11.344 -16.452 1.00 32.90 ? 39  LYS A CD  1 
ATOM   285  C  CE  . LYS A 1 38 ? -2.204  -12.785 -16.000 1.00 30.87 ? 39  LYS A CE  1 
ATOM   286  N  NZ  . LYS A 1 38 ? -3.434  -13.301 -15.370 1.00 28.92 ? 39  LYS A NZ  1 
ATOM   287  N  N   . VAL A 1 39 ? -1.846  -6.397  -14.639 1.00 19.24 ? 40  VAL A N   1 
ATOM   288  C  CA  . VAL A 1 39 ? -1.555  -4.976  -14.821 1.00 19.44 ? 40  VAL A CA  1 
ATOM   289  C  C   . VAL A 1 39 ? -0.564  -4.835  -15.971 1.00 19.63 ? 40  VAL A C   1 
ATOM   290  O  O   . VAL A 1 39 ? 0.487   -5.514  -15.993 1.00 20.35 ? 40  VAL A O   1 
ATOM   291  C  CB  . VAL A 1 39 ? -0.918  -4.331  -13.586 1.00 20.43 ? 40  VAL A CB  1 
ATOM   292  C  CG1 . VAL A 1 39 ? -0.673  -2.833  -13.899 1.00 20.27 ? 40  VAL A CG1 1 
ATOM   293  C  CG2 . VAL A 1 39 ? -1.756  -4.568  -12.289 1.00 24.19 ? 40  VAL A CG2 1 
ATOM   294  N  N   . CYS A 1 40 ? -0.954  -4.081  -16.965 1.00 20.59 ? 41  CYS A N   1 
ATOM   295  C  CA  . CYS A 1 40 ? -0.128  -3.867  -18.137 1.00 22.42 ? 41  CYS A CA  1 
ATOM   296  C  C   . CYS A 1 40 ? 0.386   -2.450  -18.043 1.00 22.84 ? 41  CYS A C   1 
ATOM   297  O  O   . CYS A 1 40 ? -0.409  -1.505  -17.867 1.00 22.95 ? 41  CYS A O   1 
ATOM   298  C  CB  . CYS A 1 40 ? -0.928  -4.095  -19.440 1.00 22.76 ? 41  CYS A CB  1 
ATOM   299  S  SG  . CYS A 1 40 ? 0.015   -3.731  -20.973 1.00 30.86 ? 41  CYS A SG  1 
ATOM   300  N  N   . ILE A 1 41 ? 1.714   -2.292  -18.183 1.00 24.20 ? 42  ILE A N   1 
ATOM   301  C  CA  . ILE A 1 41 ? 2.377   -0.989  -18.048 1.00 25.22 ? 42  ILE A CA  1 
ATOM   302  C  C   . ILE A 1 41 ? 3.263   -0.591  -19.251 1.00 27.87 ? 42  ILE A C   1 
ATOM   303  O  O   . ILE A 1 41 ? 4.170   -1.329  -19.665 1.00 27.90 ? 42  ILE A O   1 
ATOM   304  C  CB  . ILE A 1 41 ? 3.161   -0.872  -16.739 1.00 25.78 ? 42  ILE A CB  1 
ATOM   305  C  CG1 . ILE A 1 41 ? 2.272   -1.186  -15.527 1.00 26.75 ? 42  ILE A CG1 1 
ATOM   306  C  CG2 . ILE A 1 41 ? 3.661   0.559   -16.526 1.00 26.22 ? 42  ILE A CG2 1 
ATOM   307  C  CD1 . ILE A 1 41 ? 3.047   -1.725  -14.348 1.00 21.77 ? 42  ILE A CD1 1 
ATOM   308  N  N   . GLU A 1 42 ? 2.931   0.543   -19.839 1.00 29.45 ? 43  GLU A N   1 
ATOM   309  C  CA  . GLU A 1 42 ? 3.755   1.183   -20.833 1.00 32.20 ? 43  GLU A CA  1 
ATOM   310  C  C   . GLU A 1 42 ? 4.611   2.220   -20.145 1.00 32.07 ? 43  GLU A C   1 
ATOM   311  O  O   . GLU A 1 42 ? 4.086   3.129   -19.521 1.00 32.32 ? 43  GLU A O   1 
ATOM   312  C  CB  . GLU A 1 42 ? 2.878   1.853   -21.847 1.00 32.58 ? 43  GLU A CB  1 
ATOM   313  C  CG  . GLU A 1 42 ? 3.573   2.070   -23.190 1.00 39.01 ? 43  GLU A CG  1 
ATOM   314  C  CD  . GLU A 1 42 ? 2.525   2.094   -24.318 1.00 45.05 ? 43  GLU A CD  1 
ATOM   315  O  OE1 . GLU A 1 42 ? 2.574   1.216   -25.207 1.00 47.52 ? 43  GLU A OE1 1 
ATOM   316  O  OE2 . GLU A 1 42 ? 1.626   2.961   -24.281 1.00 46.81 ? 43  GLU A OE2 1 
ATOM   317  N  N   . SER A 1 43 ? 5.932   2.072   -20.242 1.00 31.96 ? 44  SER A N   1 
ATOM   318  C  CA  . SER A 1 43 ? 6.863   2.922   -19.496 1.00 31.12 ? 44  SER A CA  1 
ATOM   319  C  C   . SER A 1 43 ? 8.289   2.720   -19.972 1.00 33.12 ? 44  SER A C   1 
ATOM   320  O  O   . SER A 1 43 ? 8.612   1.721   -20.621 1.00 32.04 ? 44  SER A O   1 
ATOM   321  C  CB  . SER A 1 43 ? 6.842   2.584   -18.016 1.00 30.46 ? 44  SER A CB  1 
ATOM   322  O  OG  . SER A 1 43 ? 7.600   3.488   -17.226 1.00 30.71 ? 44  SER A OG  1 
ATOM   323  N  N   . GLU A 1 44 ? 9.164   3.636   -19.601 1.00 33.85 ? 45  GLU A N   1 
ATOM   324  C  CA  . GLU A 1 44 ? 10.576  3.378   -19.888 1.00 36.34 ? 45  GLU A CA  1 
ATOM   325  C  C   . GLU A 1 44 ? 11.313  2.929   -18.656 1.00 36.33 ? 45  GLU A C   1 
ATOM   326  O  O   . GLU A 1 44 ? 12.501  2.557   -18.702 1.00 37.14 ? 45  GLU A O   1 
ATOM   327  C  CB  . GLU A 1 44 ? 11.215  4.581   -20.585 1.00 35.96 ? 45  GLU A CB  1 
ATOM   328  C  CG  . GLU A 1 44 ? 10.810  4.672   -22.055 1.00 39.30 ? 45  GLU A CG  1 
ATOM   329  C  CD  . GLU A 1 44 ? 11.436  3.495   -22.961 1.00 45.10 ? 45  GLU A CD  1 
ATOM   330  O  OE1 . GLU A 1 44 ? 12.288  2.663   -22.490 1.00 46.62 ? 45  GLU A OE1 1 
ATOM   331  O  OE2 . GLU A 1 44 ? 11.037  3.395   -24.145 1.00 40.74 ? 45  GLU A OE2 1 
ATOM   332  N  N   . HIS A 1 45 ? 10.609  2.933   -17.522 1.00 35.89 ? 46  HIS A N   1 
ATOM   333  C  CA  . HIS A 1 45 ? 11.181  2.353   -16.334 1.00 35.87 ? 46  HIS A CA  1 
ATOM   334  C  C   . HIS A 1 45 ? 11.599  0.891   -16.486 1.00 37.09 ? 46  HIS A C   1 
ATOM   335  O  O   . HIS A 1 45 ? 10.982  0.112   -17.245 1.00 36.55 ? 46  HIS A O   1 
ATOM   336  C  CB  . HIS A 1 45 ? 10.211  2.473   -15.130 1.00 35.66 ? 46  HIS A CB  1 
ATOM   337  C  CG  . HIS A 1 45 ? 10.047  3.867   -14.643 1.00 34.47 ? 46  HIS A CG  1 
ATOM   338  N  ND1 . HIS A 1 45 ? 11.023  4.514   -13.916 1.00 37.43 ? 46  HIS A ND1 1 
ATOM   339  C  CD2 . HIS A 1 45 ? 9.038   4.755   -14.798 1.00 35.52 ? 46  HIS A CD2 1 
ATOM   340  C  CE1 . HIS A 1 45 ? 10.622  5.743   -13.649 1.00 37.27 ? 46  HIS A CE1 1 
ATOM   341  N  NE2 . HIS A 1 45 ? 9.420   5.919   -14.177 1.00 37.51 ? 46  HIS A NE2 1 
ATOM   342  N  N   . SER A 1 46 ? 12.589  0.503   -15.672 1.00 37.03 ? 47  SER A N   1 
ATOM   343  C  CA  . SER A 1 46 ? 13.100  -0.857  -15.583 1.00 37.72 ? 47  SER A CA  1 
ATOM   344  C  C   . SER A 1 46 ? 11.953  -1.797  -15.249 1.00 38.40 ? 47  SER A C   1 
ATOM   345  O  O   . SER A 1 46 ? 11.058  -1.440  -14.451 1.00 38.12 ? 47  SER A O   1 
ATOM   346  C  CB  . SER A 1 46 ? 14.116  -0.933  -14.425 1.00 38.06 ? 47  SER A CB  1 
ATOM   347  O  OG  . SER A 1 46 ? 14.457  0.384   -13.960 1.00 42.84 ? 47  SER A OG  1 
ATOM   348  N  N   . MET A 1 47 ? 11.972  -3.011  -15.783 1.00 38.00 ? 48  MET A N   1 
ATOM   349  C  CA  . MET A 1 47 ? 11.065  -4.000  -15.191 1.00 38.47 ? 48  MET A CA  1 
ATOM   350  C  C   . MET A 1 47 ? 11.306  -3.978  -13.667 1.00 38.57 ? 48  MET A C   1 
ATOM   351  O  O   . MET A 1 47 ? 10.340  -3.873  -12.885 1.00 36.58 ? 48  MET A O   1 
ATOM   352  C  CB  . MET A 1 47 ? 11.137  -5.393  -15.828 1.00 38.60 ? 48  MET A CB  1 
ATOM   353  C  CG  . MET A 1 47 ? 10.217  -6.395  -15.169 1.00 39.33 ? 48  MET A CG  1 
ATOM   354  S  SD  . MET A 1 47 ? 11.017  -7.255  -13.776 1.00 46.36 ? 48  MET A SD  1 
ATOM   355  C  CE  . MET A 1 47 ? 11.891  -8.592  -14.663 1.00 47.45 ? 48  MET A CE  1 
ATOM   356  N  N   . ASP A 1 48 ? 12.575  -3.991  -13.235 1.00 37.11 ? 49  ASP A N   1 
ATOM   357  C  CA  . ASP A 1 48 ? 12.840  -4.013  -11.783 1.00 36.71 ? 49  ASP A CA  1 
ATOM   358  C  C   . ASP A 1 48 ? 12.292  -2.797  -10.992 1.00 35.04 ? 49  ASP A C   1 
ATOM   359  O  O   . ASP A 1 48 ? 11.755  -2.975  -9.897  1.00 35.01 ? 49  ASP A O   1 
ATOM   360  C  CB  . ASP A 1 48 ? 14.317  -4.242  -11.482 1.00 37.98 ? 49  ASP A CB  1 
ATOM   361  C  CG  . ASP A 1 48 ? 14.868  -5.414  -12.249 1.00 40.21 ? 49  ASP A CG  1 
ATOM   362  O  OD1 . ASP A 1 48 ? 14.794  -6.542  -11.720 1.00 40.22 ? 49  ASP A OD1 1 
ATOM   363  O  OD2 . ASP A 1 48 ? 15.329  -5.208  -13.403 1.00 46.44 ? 49  ASP A OD2 1 
ATOM   364  N  N   . THR A 1 49 ? 12.394  -1.593  -11.530 1.00 32.83 ? 50  THR A N   1 
ATOM   365  C  CA  . THR A 1 49 ? 11.736  -0.437  -10.889 1.00 32.01 ? 50  THR A CA  1 
ATOM   366  C  C   . THR A 1 49 ? 10.230  -0.751  -10.817 1.00 31.03 ? 50  THR A C   1 
ATOM   367  O  O   . THR A 1 49 ? 9.612   -0.685  -9.730  1.00 27.73 ? 50  THR A O   1 
ATOM   368  C  CB  . THR A 1 49 ? 11.984  0.802   -11.682 1.00 32.36 ? 50  THR A CB  1 
ATOM   369  O  OG1 . THR A 1 49 ? 13.376  1.141   -11.533 1.00 36.35 ? 50  THR A OG1 1 
ATOM   370  C  CG2 . THR A 1 49 ? 11.149  1.945   -11.218 1.00 30.56 ? 50  THR A CG2 1 
ATOM   371  N  N   . LEU A 1 50 ? 9.659   -1.169  -11.951 1.00 28.24 ? 51  LEU A N   1 
ATOM   372  C  CA  . LEU A 1 50 ? 8.205   -1.412  -11.972 1.00 27.82 ? 51  LEU A CA  1 
ATOM   373  C  C   . LEU A 1 50 ? 7.821   -2.470  -10.957 1.00 27.26 ? 51  LEU A C   1 
ATOM   374  O  O   . LEU A 1 50 ? 6.842   -2.302  -10.204 1.00 26.86 ? 51  LEU A O   1 
ATOM   375  C  CB  . LEU A 1 50 ? 7.685   -1.720  -13.384 1.00 27.05 ? 51  LEU A CB  1 
ATOM   376  C  CG  . LEU A 1 50 ? 7.831   -0.577  -14.367 1.00 28.37 ? 51  LEU A CG  1 
ATOM   377  C  CD1 . LEU A 1 50 ? 7.378   -0.939  -15.865 1.00 30.67 ? 51  LEU A CD1 1 
ATOM   378  C  CD2 . LEU A 1 50 ? 7.151   0.688   -13.903 1.00 31.04 ? 51  LEU A CD2 1 
ATOM   379  N  N   . LEU A 1 51 ? 8.556   -3.577  -10.917 1.00 27.17 ? 52  LEU A N   1 
ATOM   380  C  CA  . LEU A 1 51 ? 8.332   -4.608  -9.943  1.00 29.09 ? 52  LEU A CA  1 
ATOM   381  C  C   . LEU A 1 51 ? 8.441   -4.149  -8.460  1.00 30.01 ? 52  LEU A C   1 
ATOM   382  O  O   . LEU A 1 51 ? 7.615   -4.525  -7.601  1.00 28.44 ? 52  LEU A O   1 
ATOM   383  C  CB  . LEU A 1 51 ? 9.306   -5.778  -10.160 1.00 29.40 ? 52  LEU A CB  1 
ATOM   384  C  CG  . LEU A 1 51 ? 8.871   -7.114  -9.566  1.00 32.31 ? 52  LEU A CG  1 
ATOM   385  C  CD1 . LEU A 1 51 ? 7.900   -7.640  -10.595 1.00 35.64 ? 52  LEU A CD1 1 
ATOM   386  C  CD2 . LEU A 1 51 ? 10.012  -8.212  -9.171  1.00 29.65 ? 52  LEU A CD2 1 
ATOM   387  N  N   . ALA A 1 52 ? 9.481   -3.371  -8.149  1.00 28.51 ? 53  ALA A N   1 
ATOM   388  C  CA  . ALA A 1 52 ? 9.664   -2.889  -6.755  1.00 28.52 ? 53  ALA A CA  1 
ATOM   389  C  C   . ALA A 1 52 ? 8.487   -2.004  -6.374  1.00 25.77 ? 53  ALA A C   1 
ATOM   390  O  O   . ALA A 1 52 ? 7.976   -2.122  -5.259  1.00 25.82 ? 53  ALA A O   1 
ATOM   391  C  CB  . ALA A 1 52 ? 10.976  -2.098  -6.619  1.00 27.44 ? 53  ALA A CB  1 
ATOM   392  N  N   . THR A 1 53 ? 8.115   -1.123  -7.292  1.00 25.41 ? 54  THR A N   1 
ATOM   393  C  CA  . THR A 1 53 ? 6.942   -0.192  -7.168  1.00 24.60 ? 54  THR A CA  1 
ATOM   394  C  C   . THR A 1 53 ? 5.655   -0.966  -6.869  1.00 24.51 ? 54  THR A C   1 
ATOM   395  O  O   . THR A 1 53 ? 4.931   -0.650  -5.914  1.00 21.15 ? 54  THR A O   1 
ATOM   396  C  CB  . THR A 1 53 ? 6.809   0.715   -8.374  1.00 25.36 ? 54  THR A CB  1 
ATOM   397  O  OG1 . THR A 1 53 ? 7.992   1.533   -8.462  1.00 28.25 ? 54  THR A OG1 1 
ATOM   398  C  CG2 . THR A 1 53 ? 5.583   1.723   -8.274  1.00 22.15 ? 54  THR A CG2 1 
ATOM   399  N  N   . LEU A 1 54 ? 5.357   -1.971  -7.696  1.00 22.14 ? 55  LEU A N   1 
ATOM   400  C  CA  . LEU A 1 54 ? 4.174   -2.732  -7.437  1.00 22.45 ? 55  LEU A CA  1 
ATOM   401  C  C   . LEU A 1 54 ? 4.219   -3.495  -6.134  1.00 21.36 ? 55  LEU A C   1 
ATOM   402  O  O   . LEU A 1 54 ? 3.235   -3.546  -5.458  1.00 22.35 ? 55  LEU A O   1 
ATOM   403  C  CB  . LEU A 1 54 ? 3.837   -3.685  -8.626  1.00 21.71 ? 55  LEU A CB  1 
ATOM   404  C  CG  . LEU A 1 54 ? 3.609   -2.992  -9.971  1.00 23.18 ? 55  LEU A CG  1 
ATOM   405  C  CD1 . LEU A 1 54 ? 3.853   -3.948  -11.195 1.00 20.83 ? 55  LEU A CD1 1 
ATOM   406  C  CD2 . LEU A 1 54 ? 2.177   -2.511  -10.073 1.00 19.86 ? 55  LEU A CD2 1 
ATOM   407  N  N   . LYS A 1 55 ? 5.375   -4.041  -5.705  1.00 21.49 ? 56  LYS A N   1 
ATOM   408  C  CA  . LYS A 1 55 ? 5.456   -4.734  -4.458  1.00 21.67 ? 56  LYS A CA  1 
ATOM   409  C  C   . LYS A 1 55 ? 5.248   -3.866  -3.183  1.00 20.29 ? 56  LYS A C   1 
ATOM   410  O  O   . LYS A 1 55 ? 5.058   -4.400  -2.118  1.00 21.45 ? 56  LYS A O   1 
ATOM   411  C  CB  . LYS A 1 55 ? 6.795   -5.435  -4.350  1.00 24.18 ? 56  LYS A CB  1 
ATOM   412  C  CG  . LYS A 1 55 ? 7.257   -5.871  -5.720  1.00 28.88 ? 56  LYS A CG  1 
ATOM   413  C  CD  . LYS A 1 55 ? 8.283   -7.018  -5.562  1.00 32.34 ? 56  LYS A CD  1 
ATOM   414  C  CE  . LYS A 1 55 ? 8.284   -7.979  -6.770  1.00 35.89 ? 56  LYS A CE  1 
ATOM   415  N  NZ  . LYS A 1 55 ? 8.519   -9.369  -6.227  1.00 40.96 ? 56  LYS A NZ  1 
ATOM   416  N  N   . LYS A 1 56 ? 5.343   -2.579  -3.312  1.00 21.14 ? 57  LYS A N   1 
ATOM   417  C  CA  . LYS A 1 56 ? 5.069   -1.707  -2.151  1.00 21.52 ? 57  LYS A CA  1 
ATOM   418  C  C   . LYS A 1 56 ? 3.619   -1.797  -1.687  1.00 21.99 ? 57  LYS A C   1 
ATOM   419  O  O   . LYS A 1 56 ? 3.294   -1.359  -0.576  1.00 20.99 ? 57  LYS A O   1 
ATOM   420  C  CB  . LYS A 1 56 ? 5.353   -0.276  -2.445  1.00 22.45 ? 57  LYS A CB  1 
ATOM   421  C  CG  . LYS A 1 56 ? 6.862   0.045   -2.620  1.00 25.47 ? 57  LYS A CG  1 
ATOM   422  C  CD  . LYS A 1 56 ? 7.053   1.430   -3.122  1.00 28.83 ? 57  LYS A CD  1 
ATOM   423  C  CE  . LYS A 1 56 ? 8.552   1.584   -3.585  1.00 32.25 ? 57  LYS A CE  1 
ATOM   424  N  NZ  . LYS A 1 56 ? 8.896   2.978   -3.944  1.00 35.96 ? 57  LYS A NZ  1 
ATOM   425  N  N   . THR A 1 57 ? 2.762   -2.394  -2.511  1.00 20.45 ? 58  THR A N   1 
ATOM   426  C  CA  . THR A 1 57 ? 1.409   -2.649  -2.026  1.00 20.43 ? 58  THR A CA  1 
ATOM   427  C  C   . THR A 1 57 ? 1.374   -3.694  -0.938  1.00 19.53 ? 58  THR A C   1 
ATOM   428  O  O   . THR A 1 57 ? 0.372   -3.799  -0.241  1.00 21.09 ? 58  THR A O   1 
ATOM   429  C  CB  . THR A 1 57 ? 0.476   -3.117  -3.183  1.00 21.71 ? 58  THR A CB  1 
ATOM   430  O  OG1 . THR A 1 57 ? 0.979   -4.376  -3.699  1.00 20.85 ? 58  THR A OG1 1 
ATOM   431  C  CG2 . THR A 1 57 ? 0.315   -2.074  -4.250  1.00 20.61 ? 58  THR A CG2 1 
ATOM   432  N  N   . GLY A 1 58 ? 2.401   -4.545  -0.811  1.00 20.57 ? 59  GLY A N   1 
ATOM   433  C  CA  . GLY A 1 58 ? 2.310   -5.706  0.104   1.00 21.34 ? 59  GLY A CA  1 
ATOM   434  C  C   . GLY A 1 58 ? 1.759   -6.975  -0.536  1.00 22.47 ? 59  GLY A C   1 
ATOM   435  O  O   . GLY A 1 58 ? 1.703   -8.038  0.097   1.00 22.68 ? 59  GLY A O   1 
ATOM   436  N  N   . LYS A 1 59 ? 1.329   -6.852  -1.779  1.00 22.34 ? 60  LYS A N   1 
ATOM   437  C  CA  . LYS A 1 59 ? 0.712   -7.967  -2.521  1.00 22.69 ? 60  LYS A CA  1 
ATOM   438  C  C   . LYS A 1 59 ? 1.760   -8.740  -3.294  1.00 23.84 ? 60  LYS A C   1 
ATOM   439  O  O   . LYS A 1 59 ? 2.822   -8.217  -3.632  1.00 24.64 ? 60  LYS A O   1 
ATOM   440  C  CB  . LYS A 1 59 ? -0.319  -7.449  -3.562  1.00 21.34 ? 60  LYS A CB  1 
ATOM   441  C  CG  . LYS A 1 59 ? -1.515  -6.682  -2.886  1.00 22.47 ? 60  LYS A CG  1 
ATOM   442  C  CD  . LYS A 1 59 ? -1.948  -7.437  -1.646  1.00 24.09 ? 60  LYS A CD  1 
ATOM   443  C  CE  . LYS A 1 59 ? -3.388  -7.676  -1.489  1.00 32.88 ? 60  LYS A CE  1 
ATOM   444  N  NZ  . LYS A 1 59 ? -3.525  -8.599  -0.321  1.00 31.04 ? 60  LYS A NZ  1 
ATOM   445  N  N   . THR A 1 60 ? 1.387   -9.970  -3.650  1.00 25.85 ? 61  THR A N   1 
ATOM   446  C  CA  . THR A 1 60 ? 2.223   -10.828 -4.503  1.00 28.28 ? 61  THR A CA  1 
ATOM   447  C  C   . THR A 1 60 ? 2.232   -10.340 -5.943  1.00 29.02 ? 61  THR A C   1 
ATOM   448  O  O   . THR A 1 60 ? 1.174   -10.241 -6.555  1.00 27.48 ? 61  THR A O   1 
ATOM   449  C  CB  . THR A 1 60 ? 1.657   -12.284 -4.448  1.00 29.46 ? 61  THR A CB  1 
ATOM   450  O  OG1 . THR A 1 60 ? 1.497   -12.684 -3.074  1.00 33.81 ? 61  THR A OG1 1 
ATOM   451  C  CG2 . THR A 1 60 ? 2.557   -13.250 -5.200  1.00 31.64 ? 61  THR A CG2 1 
ATOM   452  N  N   . VAL A 1 61 ? 3.417   -10.069 -6.507  1.00 27.87 ? 62  VAL A N   1 
ATOM   453  C  CA  . VAL A 1 61 ? 3.549   -9.555  -7.831  1.00 27.50 ? 62  VAL A CA  1 
ATOM   454  C  C   . VAL A 1 61 ? 4.506   -10.487 -8.511  1.00 30.55 ? 62  VAL A C   1 
ATOM   455  O  O   . VAL A 1 61 ? 5.351   -11.082 -7.811  1.00 30.78 ? 62  VAL A O   1 
ATOM   456  C  CB  . VAL A 1 61 ? 4.211   -8.134  -7.846  1.00 25.93 ? 62  VAL A CB  1 
ATOM   457  C  CG1 . VAL A 1 61 ? 4.446   -7.585  -9.282  1.00 27.76 ? 62  VAL A CG1 1 
ATOM   458  C  CG2 . VAL A 1 61 ? 3.360   -7.124  -7.031  1.00 22.32 ? 62  VAL A CG2 1 
ATOM   459  N  N   . SER A 1 62 ? 4.397   -10.568 -9.837  1.00 30.93 ? 63  SER A N   1 
ATOM   460  C  CA  . SER A 1 62 ? 5.478   -11.095 -10.747 1.00 32.23 ? 63  SER A CA  1 
ATOM   461  C  C   . SER A 1 62 ? 5.402   -10.550 -12.164 1.00 32.24 ? 63  SER A C   1 
ATOM   462  O  O   . SER A 1 62 ? 4.285   -10.199 -12.651 1.00 29.48 ? 63  SER A O   1 
ATOM   463  C  CB  . SER A 1 62 ? 5.457   -12.627 -10.801 1.00 34.20 ? 63  SER A CB  1 
ATOM   464  O  OG  . SER A 1 62 ? 4.489   -13.081 -11.731 1.00 35.11 ? 63  SER A OG  1 
ATOM   465  N  N   . TYR A 1 63 ? 6.577   -10.468 -12.821 1.00 31.10 ? 64  TYR A N   1 
ATOM   466  C  CA  . TYR A 1 63 ? 6.694   -10.064 -14.217 1.00 31.97 ? 64  TYR A CA  1 
ATOM   467  C  C   . TYR A 1 63 ? 6.339   -11.275 -15.092 1.00 31.68 ? 64  TYR A C   1 
ATOM   468  O  O   . TYR A 1 63 ? 6.843   -12.403 -14.922 1.00 32.46 ? 64  TYR A O   1 
ATOM   469  C  CB  . TYR A 1 63 ? 8.080   -9.494  -14.558 1.00 31.23 ? 64  TYR A CB  1 
ATOM   470  C  CG  . TYR A 1 63 ? 8.217   -9.006  -15.972 1.00 31.78 ? 64  TYR A CG  1 
ATOM   471  C  CD1 . TYR A 1 63 ? 9.280   -9.453  -16.812 1.00 31.80 ? 64  TYR A CD1 1 
ATOM   472  C  CD2 . TYR A 1 63 ? 7.265   -8.194  -16.546 1.00 29.49 ? 64  TYR A CD2 1 
ATOM   473  C  CE1 . TYR A 1 63 ? 9.386   -8.999  -18.134 1.00 27.09 ? 64  TYR A CE1 1 
ATOM   474  C  CE2 . TYR A 1 63 ? 7.364   -7.787  -17.846 1.00 30.58 ? 64  TYR A CE2 1 
ATOM   475  C  CZ  . TYR A 1 63 ? 8.426   -8.202  -18.641 1.00 30.98 ? 64  TYR A CZ  1 
ATOM   476  O  OH  . TYR A 1 63 ? 8.486   -7.769  -19.952 1.00 35.05 ? 64  TYR A OH  1 
ATOM   477  N  N   . LEU A 1 64 ? 5.381   -11.066 -15.955 1.00 30.49 ? 65  LEU A N   1 
ATOM   478  C  CA  . LEU A 1 64 ? 4.934   -12.141 -16.807 1.00 29.68 ? 65  LEU A CA  1 
ATOM   479  C  C   . LEU A 1 64 ? 5.742   -12.087 -18.068 1.00 30.53 ? 65  LEU A C   1 
ATOM   480  O  O   . LEU A 1 64 ? 6.164   -13.114 -18.535 1.00 32.40 ? 65  LEU A O   1 
ATOM   481  C  CB  . LEU A 1 64 ? 3.467   -11.940 -17.137 1.00 26.56 ? 65  LEU A CB  1 
ATOM   482  C  CG  . LEU A 1 64 ? 2.638   -12.227 -15.885 1.00 24.67 ? 65  LEU A CG  1 
ATOM   483  C  CD1 . LEU A 1 64 ? 1.146   -12.191 -16.149 1.00 25.92 ? 65  LEU A CD1 1 
ATOM   484  C  CD2 . LEU A 1 64 ? 3.030   -13.525 -15.145 1.00 25.35 ? 65  LEU A CD2 1 
ATOM   485  N  N   . GLY A 1 65 ? 5.927   -10.876 -18.604 1.00 31.61 ? 66  GLY A N   1 
ATOM   486  C  CA  . GLY A 1 65 ? 6.716   -10.560 -19.785 1.00 34.11 ? 66  GLY A CA  1 
ATOM   487  C  C   . GLY A 1 65 ? 6.116   -9.432  -20.610 1.00 35.25 ? 66  GLY A C   1 
ATOM   488  O  O   . GLY A 1 65 ? 5.314   -8.655  -20.104 1.00 33.41 ? 66  GLY A O   1 
ATOM   489  N  N   . LEU A 1 66 ? 6.505   -9.362  -21.872 1.00 36.71 ? 67  LEU A N   1 
ATOM   490  C  CA  . LEU A 1 66 ? 6.079   -8.335  -22.810 1.00 39.53 ? 67  LEU A CA  1 
ATOM   491  C  C   . LEU A 1 66 ? 4.702   -8.665  -23.337 1.00 41.01 ? 67  LEU A C   1 
ATOM   492  O  O   . LEU A 1 66 ? 4.364   -9.832  -23.457 1.00 40.53 ? 67  LEU A O   1 
ATOM   493  C  CB  . LEU A 1 66 ? 7.085   -8.284  -23.974 1.00 40.70 ? 67  LEU A CB  1 
ATOM   494  C  CG  . LEU A 1 66 ? 8.385   -7.468  -23.894 1.00 41.63 ? 67  LEU A CG  1 
ATOM   495  C  CD1 . LEU A 1 66 ? 8.032   -6.005  -23.777 1.00 43.66 ? 67  LEU A CD1 1 
ATOM   496  C  CD2 . LEU A 1 66 ? 9.400   -7.837  -22.774 1.00 43.10 ? 67  LEU A CD2 1 
ATOM   497  N  N   . GLU A 1 67 ? 3.897   -7.660  -23.644 1.00 43.12 ? 68  GLU A N   1 
ATOM   498  C  CA  . GLU A 1 67 ? 2.533   -7.894  -24.132 1.00 47.57 ? 68  GLU A CA  1 
ATOM   499  C  C   . GLU A 1 67 ? 2.326   -7.963  -25.687 1.00 49.52 ? 68  GLU A C   1 
ATOM   500  O  O   . GLU A 1 67 ? 1.499   -8.788  -26.102 1.00 50.84 ? 68  GLU A O   1 
ATOM   501  C  CB  . GLU A 1 67 ? 1.496   -6.988  -23.426 1.00 47.14 ? 68  GLU A CB  1 
ATOM   502  C  CG  . GLU A 1 67 ? 0.007   -7.376  -23.582 1.00 50.32 ? 68  GLU A CG  1 
ATOM   503  C  CD  . GLU A 1 67 ? -0.498  -8.318  -22.493 1.00 55.57 ? 68  GLU A CD  1 
ATOM   504  O  OE1 . GLU A 1 67 ? -1.736  -8.619  -22.441 1.00 55.92 ? 68  GLU A OE1 1 
ATOM   505  O  OE2 . GLU A 1 67 ? 0.341   -8.755  -21.668 1.00 56.77 ? 68  GLU A OE2 1 
ATOM   506  N  N   . ILE A 1 68 ? 2.975   -7.161  -26.571 1.00 51.63 ? 69  ILE A N   1 
ATOM   507  C  CA  . ILE A 1 68 ? 3.665   -5.854  -26.365 1.00 52.79 ? 69  ILE A CA  1 
ATOM   508  C  C   . ILE A 1 68 ? 3.363   -4.839  -27.484 1.00 53.01 ? 69  ILE A C   1 
ATOM   509  O  O   . ILE A 1 68 ? 2.504   -5.069  -28.333 1.00 54.04 ? 69  ILE A O   1 
ATOM   510  C  CB  . ILE A 1 68 ? 5.202   -5.953  -26.179 1.00 53.17 ? 69  ILE A CB  1 
ATOM   511  C  CG1 . ILE A 1 68 ? 5.705   -4.739  -25.362 1.00 54.47 ? 69  ILE A CG1 1 
ATOM   512  C  CG2 . ILE A 1 68 ? 5.964   -6.213  -27.546 1.00 54.12 ? 69  ILE A CG2 1 
ATOM   513  C  CD1 . ILE A 1 68 ? 7.019   -4.097  -25.821 1.00 54.94 ? 69  ILE A CD1 1 
ATOM   514  N  N   . VAL B 2 1  ? 6.142   3.363   25.017  1.00 43.08 ? 3   VAL B N   1 
ATOM   515  C  CA  . VAL B 2 1  ? 5.372   3.420   23.754  1.00 41.88 ? 3   VAL B CA  1 
ATOM   516  C  C   . VAL B 2 1  ? 4.370   4.591   23.686  1.00 40.53 ? 3   VAL B C   1 
ATOM   517  O  O   . VAL B 2 1  ? 3.919   5.147   24.702  1.00 40.84 ? 3   VAL B O   1 
ATOM   518  C  CB  . VAL B 2 1  ? 4.599   2.086   23.433  1.00 42.22 ? 3   VAL B CB  1 
ATOM   519  C  CG1 . VAL B 2 1  ? 5.490   0.825   23.663  1.00 44.40 ? 3   VAL B CG1 1 
ATOM   520  C  CG2 . VAL B 2 1  ? 3.328   1.966   24.219  1.00 42.92 ? 3   VAL B CG2 1 
ATOM   521  N  N   . ASN B 2 2  ? 4.044   4.928   22.448  1.00 37.38 ? 4   ASN B N   1 
ATOM   522  C  CA  . ASN B 2 2  ? 3.047   5.927   22.105  1.00 34.28 ? 4   ASN B CA  1 
ATOM   523  C  C   . ASN B 2 2  ? 2.013   5.290   21.189  1.00 30.76 ? 4   ASN B C   1 
ATOM   524  O  O   . ASN B 2 2  ? 2.208   4.180   20.683  1.00 29.99 ? 4   ASN B O   1 
ATOM   525  C  CB  . ASN B 2 2  ? 3.738   7.094   21.397  1.00 34.57 ? 4   ASN B CB  1 
ATOM   526  C  CG  . ASN B 2 2  ? 4.664   7.882   22.345  1.00 38.00 ? 4   ASN B CG  1 
ATOM   527  O  OD1 . ASN B 2 2  ? 5.292   8.841   21.949  1.00 40.77 ? 4   ASN B OD1 1 
ATOM   528  N  ND2 . ASN B 2 2  ? 4.743   7.445   23.587  1.00 38.62 ? 4   ASN B ND2 1 
ATOM   529  N  N   . SER B 2 3  ? 0.918   5.994   20.952  1.00 26.95 ? 5   SER B N   1 
ATOM   530  C  CA  . SER B 2 3  ? -0.115  5.507   20.019  1.00 24.45 ? 5   SER B CA  1 
ATOM   531  C  C   . SER B 2 3  ? -0.353  6.598   18.961  1.00 21.88 ? 5   SER B C   1 
ATOM   532  O  O   . SER B 2 3  ? -0.286  7.799   19.307  1.00 19.11 ? 5   SER B O   1 
ATOM   533  C  CB  . SER B 2 3  ? -1.407  5.206   20.808  1.00 24.65 ? 5   SER B CB  1 
ATOM   534  O  OG  . SER B 2 3  ? -2.405  4.869   19.873  1.00 27.04 ? 5   SER B OG  1 
ATOM   535  N  N   . VAL B 2 4  ? -0.570  6.216   17.694  1.00 20.32 ? 6   VAL B N   1 
ATOM   536  C  CA  . VAL B 2 4  ? -1.031  7.188   16.719  1.00 18.50 ? 6   VAL B CA  1 
ATOM   537  C  C   . VAL B 2 4  ? -2.289  6.718   16.031  1.00 18.02 ? 6   VAL B C   1 
ATOM   538  O  O   . VAL B 2 4  ? -2.411  5.534   15.736  1.00 19.64 ? 6   VAL B O   1 
ATOM   539  C  CB  . VAL B 2 4  ? 0.109   7.551   15.691  1.00 18.43 ? 6   VAL B CB  1 
ATOM   540  C  CG1 . VAL B 2 4  ? 0.570   6.339   14.803  1.00 18.15 ? 6   VAL B CG1 1 
ATOM   541  C  CG2 . VAL B 2 4  ? -0.225  8.817   14.847  1.00 18.11 ? 6   VAL B CG2 1 
ATOM   542  N  N   . THR B 2 5  ? -3.215  7.628   15.762  1.00 18.05 ? 7   THR B N   1 
ATOM   543  C  CA  . THR B 2 5  ? -4.376  7.303   14.956  1.00 17.99 ? 7   THR B CA  1 
ATOM   544  C  C   . THR B 2 5  ? -4.251  7.990   13.602  1.00 17.72 ? 7   THR B C   1 
ATOM   545  O  O   . THR B 2 5  ? -4.010  9.198   13.545  1.00 16.19 ? 7   THR B O   1 
ATOM   546  C  CB  . THR B 2 5  ? -5.643  7.777   15.632  1.00 19.56 ? 7   THR B CB  1 
ATOM   547  O  OG1 . THR B 2 5  ? -5.705  7.080   16.885  1.00 21.96 ? 7   THR B OG1 1 
ATOM   548  C  CG2 . THR B 2 5  ? -6.789  7.361   14.729  1.00 22.81 ? 7   THR B CG2 1 
ATOM   549  N  N   . ILE B 2 6  ? -4.244  7.194   12.539  1.00 16.36 ? 8   ILE B N   1 
ATOM   550  C  CA  . ILE B 2 6  ? -4.036  7.710   11.213  1.00 15.34 ? 8   ILE B CA  1 
ATOM   551  C  C   . ILE B 2 6  ? -5.281  7.486   10.386  1.00 15.91 ? 8   ILE B C   1 
ATOM   552  O  O   . ILE B 2 6  ? -5.770  6.318   10.326  1.00 16.91 ? 8   ILE B O   1 
ATOM   553  C  CB  . ILE B 2 6  ? -2.806  7.018   10.546  1.00 17.47 ? 8   ILE B CB  1 
ATOM   554  C  CG1 . ILE B 2 6  ? -1.532  7.248   11.405  1.00 19.61 ? 8   ILE B CG1 1 
ATOM   555  C  CG2 . ILE B 2 6  ? -2.716  7.439   9.040   1.00 16.48 ? 8   ILE B CG2 1 
ATOM   556  C  CD1 . ILE B 2 6  ? -0.342  6.314   11.097  1.00 21.14 ? 8   ILE B CD1 1 
ATOM   557  N  N   . SER B 2 7  ? -5.725  8.506   9.662   1.00 16.99 ? 9   SER B N   1 
ATOM   558  C  CA  . SER B 2 7  ? -6.994  8.310   8.888   1.00 20.13 ? 9   SER B CA  1 
ATOM   559  C  C   . SER B 2 7  ? -6.570  7.668   7.569   1.00 19.95 ? 9   SER B C   1 
ATOM   560  O  O   . SER B 2 7  ? -5.512  8.020   7.013   1.00 19.78 ? 9   SER B O   1 
ATOM   561  C  CB  . SER B 2 7  ? -7.689  9.595   8.555   1.00 23.09 ? 9   SER B CB  1 
ATOM   562  O  OG  . SER B 2 7  ? -7.357  10.589  9.523   1.00 34.09 ? 9   SER B OG  1 
ATOM   563  N  N   . VAL B 2 8  ? -7.345  6.710   7.091   1.00 18.81 ? 10  VAL B N   1 
ATOM   564  C  CA  . VAL B 2 8  ? -6.889  6.059   5.840   1.00 18.48 ? 10  VAL B CA  1 
ATOM   565  C  C   . VAL B 2 8  ? -8.069  5.967   4.892   1.00 20.23 ? 10  VAL B C   1 
ATOM   566  O  O   . VAL B 2 8  ? -9.005  5.253   5.195   1.00 21.25 ? 10  VAL B O   1 
ATOM   567  C  CB  . VAL B 2 8  ? -6.325  4.623   6.075   1.00 16.52 ? 10  VAL B CB  1 
ATOM   568  C  CG1 . VAL B 2 8  ? -5.747  4.077   4.688   1.00 15.71 ? 10  VAL B CG1 1 
ATOM   569  C  CG2 . VAL B 2 8  ? -5.226  4.538   7.193   1.00 14.80 ? 10  VAL B CG2 1 
ATOM   570  N  N   . GLU B 2 9  ? -7.987  6.601   3.747   1.00 22.67 ? 11  GLU B N   1 
ATOM   571  C  CA  . GLU B 2 9  ? -9.038  6.401   2.735   1.00 27.82 ? 11  GLU B CA  1 
ATOM   572  C  C   . GLU B 2 9  ? -8.747  5.299   1.741   1.00 27.58 ? 11  GLU B C   1 
ATOM   573  O  O   . GLU B 2 9  ? -7.610  4.913   1.563   1.00 29.34 ? 11  GLU B O   1 
ATOM   574  C  CB  . GLU B 2 9  ? -9.347  7.687   2.031   1.00 27.24 ? 11  GLU B CB  1 
ATOM   575  C  CG  . GLU B 2 9  ? -10.567 8.245   2.710   1.00 36.75 ? 11  GLU B CG  1 
ATOM   576  C  CD  . GLU B 2 9  ? -10.277 9.585   3.162   1.00 45.87 ? 11  GLU B CD  1 
ATOM   577  O  OE1 . GLU B 2 9  ? -10.908 10.050  4.147   1.00 46.87 ? 11  GLU B OE1 1 
ATOM   578  O  OE2 . GLU B 2 9  ? -9.372  10.152  2.508   1.00 50.05 ? 11  GLU B OE2 1 
ATOM   579  N  N   . GLY B 2 10 ? -9.786  4.811   1.091   1.00 29.41 ? 12  GLY B N   1 
ATOM   580  C  CA  . GLY B 2 10 ? -9.563  3.885   0.034   1.00 30.14 ? 12  GLY B CA  1 
ATOM   581  C  C   . GLY B 2 10 ? -9.795  2.438   0.430   1.00 30.67 ? 12  GLY B C   1 
ATOM   582  O  O   . GLY B 2 10 ? -9.728  1.570   -0.416  1.00 31.53 ? 12  GLY B O   1 
ATOM   583  N  N   . MET B 2 11 ? -10.115 2.193   1.700   1.00 31.76 ? 13  MET B N   1 
ATOM   584  C  CA  . MET B 2 11 ? -10.408 0.825   2.196   1.00 31.35 ? 13  MET B CA  1 
ATOM   585  C  C   . MET B 2 11 ? -11.873 0.530   1.951   1.00 32.07 ? 13  MET B C   1 
ATOM   586  O  O   . MET B 2 11 ? -12.788 1.218   2.433   1.00 32.25 ? 13  MET B O   1 
ATOM   587  C  CB  . MET B 2 11 ? -10.113 0.709   3.668   1.00 29.88 ? 13  MET B CB  1 
ATOM   588  C  CG  . MET B 2 11 ? -8.700  1.166   4.007   1.00 31.17 ? 13  MET B CG  1 
ATOM   589  S  SD  . MET B 2 11 ? -8.338  1.029   5.798   1.00 32.43 ? 13  MET B SD  1 
ATOM   590  C  CE  . MET B 2 11 ? -9.490  2.160   6.683   1.00 26.62 ? 13  MET B CE  1 
ATOM   591  N  N   . THR B 2 12 ? -12.059 -0.475  1.134   1.00 32.64 ? 14  THR B N   1 
ATOM   592  C  CA  . THR B 2 12 ? -13.364 -0.821  0.651   1.00 30.77 ? 14  THR B CA  1 
ATOM   593  C  C   . THR B 2 12 ? -13.907 -1.992  1.457   1.00 31.44 ? 14  THR B C   1 
ATOM   594  O  O   . THR B 2 12 ? -15.130 -2.283  1.389   1.00 33.33 ? 14  THR B O   1 
ATOM   595  C  CB  . THR B 2 12 ? -13.255 -1.251  -0.842  1.00 31.08 ? 14  THR B CB  1 
ATOM   596  O  OG1 . THR B 2 12 ? -12.469 -2.453  -1.020  1.00 19.32 ? 14  THR B OG1 1 
ATOM   597  C  CG2 . THR B 2 12 ? -12.661 -0.123  -1.693  1.00 25.99 ? 14  THR B CG2 1 
ATOM   598  N  N   . CYS B 2 13 ? -13.012 -2.715  2.130   1.00 30.38 ? 15  CYS B N   1 
ATOM   599  C  CA  . CYS B 2 13 ? -13.361 -4.005  2.779   1.00 28.56 ? 15  CYS B CA  1 
ATOM   600  C  C   . CYS B 2 13 ? -12.282 -4.637  3.727   1.00 27.95 ? 15  CYS B C   1 
ATOM   601  O  O   . CYS B 2 13 ? -11.189 -4.139  3.861   1.00 27.00 ? 15  CYS B O   1 
ATOM   602  C  CB  . CYS B 2 13 ? -13.762 -4.996  1.705   1.00 27.50 ? 15  CYS B CB  1 
ATOM   603  S  SG  . CYS B 2 13 ? -12.295 -5.774  0.842   1.00 26.39 ? 15  CYS B SG  1 
ATOM   604  N  N   . ASN B 2 14 ? -12.611 -5.770  4.348   1.00 27.10 ? 16  ASN B N   1 
ATOM   605  C  CA  . ASN B 2 14 ? -11.702 -6.450  5.254   1.00 26.88 ? 16  ASN B CA  1 
ATOM   606  C  C   . ASN B 2 14 ? -10.398 -6.963  4.617   1.00 24.71 ? 16  ASN B C   1 
ATOM   607  O  O   . ASN B 2 14 ? -9.423  -7.188  5.298   1.00 24.21 ? 16  ASN B O   1 
ATOM   608  C  CB  . ASN B 2 14 ? -12.427 -7.623  5.934   1.00 28.16 ? 16  ASN B CB  1 
ATOM   609  C  CG  . ASN B 2 14 ? -13.432 -7.158  6.961   1.00 29.66 ? 16  ASN B CG  1 
ATOM   610  O  OD1 . ASN B 2 14 ? -13.435 -5.974  7.327   1.00 34.29 ? 16  ASN B OD1 1 
ATOM   611  N  ND2 . ASN B 2 14 ? -14.299 -8.085  7.446   1.00 30.57 ? 16  ASN B ND2 1 
ATOM   612  N  N   . SER B 2 15 ? -10.379 -7.173  3.327   1.00 24.56 ? 17  SER B N   1 
ATOM   613  C  CA  . SER B 2 15 ? -9.112  -7.505  2.703   1.00 24.91 ? 17  SER B CA  1 
ATOM   614  C  C   . SER B 2 15 ? -8.153  -6.266  2.709   1.00 23.01 ? 17  SER B C   1 
ATOM   615  O  O   . SER B 2 15 ? -6.991  -6.433  2.896   1.00 23.83 ? 17  SER B O   1 
ATOM   616  C  CB  . SER B 2 15 ? -9.290  -7.989  1.281   1.00 25.30 ? 17  SER B CB  1 
ATOM   617  O  OG  . SER B 2 15 ? -10.598 -8.585  1.108   1.00 31.80 ? 17  SER B OG  1 
ATOM   618  N  N   . CYS B 2 16 ? -8.699  -5.074  2.543   1.00 24.16 ? 18  CYS B N   1 
ATOM   619  C  CA  . CYS B 2 16 ? -7.904  -3.820  2.722   1.00 22.09 ? 18  CYS B CA  1 
ATOM   620  C  C   . CYS B 2 16 ? -7.365  -3.706  4.125   1.00 23.20 ? 18  CYS B C   1 
ATOM   621  O  O   . CYS B 2 16 ? -6.155  -3.501  4.374   1.00 21.43 ? 18  CYS B O   1 
ATOM   622  C  CB  . CYS B 2 16 ? -8.807  -2.642  2.334   1.00 23.31 ? 18  CYS B CB  1 
ATOM   623  S  SG  . CYS B 2 16 ? -9.081  -2.496  0.591   1.00 26.83 ? 18  CYS B SG  1 
ATOM   624  N  N   . VAL B 2 17 ? -8.232  -3.950  5.095   1.00 21.68 ? 19  VAL B N   1 
ATOM   625  C  CA  . VAL B 2 17 ? -7.859  -3.908  6.491   1.00 22.64 ? 19  VAL B CA  1 
ATOM   626  C  C   . VAL B 2 17 ? -6.719  -4.846  6.750   1.00 23.20 ? 19  VAL B C   1 
ATOM   627  O  O   . VAL B 2 17 ? -5.757  -4.499  7.406   1.00 23.44 ? 19  VAL B O   1 
ATOM   628  C  CB  . VAL B 2 17 ? -9.107  -4.282  7.352   1.00 21.23 ? 19  VAL B CB  1 
ATOM   629  C  CG1 . VAL B 2 17 ? -8.728  -4.465  8.832   1.00 20.42 ? 19  VAL B CG1 1 
ATOM   630  C  CG2 . VAL B 2 17 ? -10.183 -3.278  7.101   1.00 22.53 ? 19  VAL B CG2 1 
ATOM   631  N  N   . TRP B 2 18 ? -6.845  -6.089  6.268   1.00 22.16 ? 20  TRP B N   1 
ATOM   632  C  CA  . TRP B 2 18 ? -5.852  -7.123  6.540   1.00 21.88 ? 20  TRP B CA  1 
ATOM   633  C  C   . TRP B 2 18 ? -4.481  -6.824  5.903   1.00 21.52 ? 20  TRP B C   1 
ATOM   634  O  O   . TRP B 2 18 ? -3.425  -7.041  6.506   1.00 20.68 ? 20  TRP B O   1 
ATOM   635  C  CB  . TRP B 2 18 ? -6.456  -8.496  6.079   1.00 20.89 ? 20  TRP B CB  1 
ATOM   636  C  CG  . TRP B 2 18 ? -5.561  -9.648  6.066   1.00 20.96 ? 20  TRP B CG  1 
ATOM   637  C  CD1 . TRP B 2 18 ? -5.079  -10.322 7.136   1.00 24.40 ? 20  TRP B CD1 1 
ATOM   638  C  CD2 . TRP B 2 18 ? -5.080  -10.320 4.912   1.00 23.67 ? 20  TRP B CD2 1 
ATOM   639  N  NE1 . TRP B 2 18 ? -4.269  -11.327 6.723   1.00 27.65 ? 20  TRP B NE1 1 
ATOM   640  C  CE2 . TRP B 2 18 ? -4.259  -11.361 5.355   1.00 25.83 ? 20  TRP B CE2 1 
ATOM   641  C  CE3 . TRP B 2 18 ? -5.247  -10.127 3.545   1.00 23.65 ? 20  TRP B CE3 1 
ATOM   642  C  CZ2 . TRP B 2 18 ? -3.604  -12.229 4.479   1.00 25.25 ? 20  TRP B CZ2 1 
ATOM   643  C  CZ3 . TRP B 2 18 ? -4.602  -11.025 2.657   1.00 25.14 ? 20  TRP B CZ3 1 
ATOM   644  C  CH2 . TRP B 2 18 ? -3.803  -12.049 3.147   1.00 24.34 ? 20  TRP B CH2 1 
ATOM   645  N  N   . THR B 2 19 ? -4.537  -6.277  4.693   1.00 21.71 ? 21  THR B N   1 
ATOM   646  C  CA  . THR B 2 19 ? -3.362  -6.012  3.872   1.00 22.77 ? 21  THR B CA  1 
ATOM   647  C  C   . THR B 2 19 ? -2.553  -4.947  4.648   1.00 23.15 ? 21  THR B C   1 
ATOM   648  O  O   . THR B 2 19 ? -1.362  -5.099  4.838   1.00 23.37 ? 21  THR B O   1 
ATOM   649  C  CB  . THR B 2 19 ? -3.825  -5.474  2.501   1.00 23.05 ? 21  THR B CB  1 
ATOM   650  O  OG1 . THR B 2 19 ? -4.472  -6.545  1.774   1.00 26.21 ? 21  THR B OG1 1 
ATOM   651  C  CG2 . THR B 2 19 ? -2.617  -4.875  1.651   1.00 21.94 ? 21  THR B CG2 1 
ATOM   652  N  N   . ILE B 2 20 ? -3.264  -3.921  5.143   1.00 22.66 ? 22  ILE B N   1 
ATOM   653  C  CA  . ILE B 2 20 ? -2.581  -2.850  5.934   1.00 20.77 ? 22  ILE B CA  1 
ATOM   654  C  C   . ILE B 2 20 ? -2.081  -3.387  7.272   1.00 21.28 ? 22  ILE B C   1 
ATOM   655  O  O   . ILE B 2 20 ? -0.937  -3.184  7.637   1.00 21.20 ? 22  ILE B O   1 
ATOM   656  C  CB  . ILE B 2 20 ? -3.474  -1.653  6.051   1.00 19.91 ? 22  ILE B CB  1 
ATOM   657  C  CG1 . ILE B 2 20 ? -3.867  -1.153  4.653   1.00 20.70 ? 22  ILE B CG1 1 
ATOM   658  C  CG2 . ILE B 2 20 ? -2.828  -0.589  6.939   1.00 18.47 ? 22  ILE B CG2 1 
ATOM   659  C  CD1 . ILE B 2 20 ? -4.908  -0.173  4.613   1.00 23.17 ? 22  ILE B CD1 1 
ATOM   660  N  N   . GLU B 2 21 ? -2.910  -4.121  8.008   1.00 19.51 ? 23  GLU B N   1 
ATOM   661  C  CA  . GLU B 2 21 ? -2.505  -4.626  9.297   1.00 22.38 ? 23  GLU B CA  1 
ATOM   662  C  C   . GLU B 2 21 ? -1.290  -5.495  9.162   1.00 23.95 ? 23  GLU B C   1 
ATOM   663  O  O   . GLU B 2 21 ? -0.367  -5.385  9.993   1.00 24.32 ? 23  GLU B O   1 
ATOM   664  C  CB  . GLU B 2 21 ? -3.668  -5.359  10.003  1.00 22.29 ? 23  GLU B CB  1 
ATOM   665  C  CG  . GLU B 2 21 ? -4.738  -4.398  10.528  1.00 25.14 ? 23  GLU B CG  1 
ATOM   666  C  CD  . GLU B 2 21 ? -5.852  -5.131  11.267  1.00 29.61 ? 23  GLU B CD  1 
ATOM   667  O  OE1 . GLU B 2 21 ? -5.876  -6.385  11.169  1.00 28.39 ? 23  GLU B OE1 1 
ATOM   668  O  OE2 . GLU B 2 21 ? -6.696  -4.455  11.901  1.00 26.07 ? 23  GLU B OE2 1 
ATOM   669  N  N   . GLN B 2 22 ? -1.269  -6.334  8.121   1.00 25.24 ? 24  GLN B N   1 
ATOM   670  C  CA  . GLN B 2 22 ? -0.131  -7.241  7.866   1.00 27.58 ? 24  GLN B CA  1 
ATOM   671  C  C   . GLN B 2 22 ? 1.177   -6.560  7.484   1.00 27.02 ? 24  GLN B C   1 
ATOM   672  O  O   . GLN B 2 22 ? 2.226   -6.864  8.065   1.00 27.20 ? 24  GLN B O   1 
ATOM   673  C  CB  . GLN B 2 22 ? -0.500  -8.319  6.835   1.00 28.31 ? 24  GLN B CB  1 
ATOM   674  C  CG  . GLN B 2 22 ? -1.571  -9.213  7.418   1.00 33.25 ? 24  GLN B CG  1 
ATOM   675  C  CD  . GLN B 2 22 ? -0.963  -10.205 8.337   1.00 31.38 ? 24  GLN B CD  1 
ATOM   676  O  OE1 . GLN B 2 22 ? -0.233  -11.074 7.896   1.00 40.54 ? 24  GLN B OE1 1 
ATOM   677  N  NE2 . GLN B 2 22 ? -1.224  -10.081 9.621   1.00 35.91 ? 24  GLN B NE2 1 
ATOM   678  N  N   . GLN B 2 23 ? 1.102   -5.609  6.562   1.00 26.41 ? 25  GLN B N   1 
ATOM   679  C  CA  . GLN B 2 23 ? 2.275   -4.897  6.108   1.00 28.60 ? 25  GLN B CA  1 
ATOM   680  C  C   . GLN B 2 23 ? 2.836   -4.014  7.230   1.00 28.18 ? 25  GLN B C   1 
ATOM   681  O  O   . GLN B 2 23 ? 4.039   -4.054  7.534   1.00 28.87 ? 25  GLN B O   1 
ATOM   682  C  CB  . GLN B 2 23 ? 1.925   -4.081  4.856   1.00 27.25 ? 25  GLN B CB  1 
ATOM   683  C  CG  . GLN B 2 23 ? 3.056   -3.315  4.263   1.00 30.22 ? 25  GLN B CG  1 
ATOM   684  C  CD  . GLN B 2 23 ? 3.895   -4.135  3.270   1.00 33.85 ? 25  GLN B CD  1 
ATOM   685  O  OE1 . GLN B 2 23 ? 4.000   -5.371  3.387   1.00 36.35 ? 25  GLN B OE1 1 
ATOM   686  N  NE2 . GLN B 2 23 ? 4.501   -3.444  2.295   1.00 38.05 ? 25  GLN B NE2 1 
ATOM   687  N  N   . ILE B 2 24 ? 1.963   -3.234  7.878   1.00 27.08 ? 26  ILE B N   1 
ATOM   688  C  CA  . ILE B 2 24 ? 2.431   -2.337  8.911   1.00 26.47 ? 26  ILE B CA  1 
ATOM   689  C  C   . ILE B 2 24 ? 2.822   -3.061  10.207  1.00 28.79 ? 26  ILE B C   1 
ATOM   690  O  O   . ILE B 2 24 ? 3.742   -2.626  10.904  1.00 28.56 ? 26  ILE B O   1 
ATOM   691  C  CB  . ILE B 2 24 ? 1.372   -1.187  9.193   1.00 25.63 ? 26  ILE B CB  1 
ATOM   692  C  CG1 . ILE B 2 24 ? 0.958   -0.515  7.858   1.00 22.97 ? 26  ILE B CG1 1 
ATOM   693  C  CG2 . ILE B 2 24 ? 1.889   -0.219  10.286  1.00 23.04 ? 26  ILE B CG2 1 
ATOM   694  C  CD1 . ILE B 2 24 ? 2.102   0.095   7.076   1.00 27.63 ? 26  ILE B CD1 1 
ATOM   695  N  N   . GLY B 2 25 ? 2.138   -4.157  10.554  1.00 28.97 ? 27  GLY B N   1 
ATOM   696  C  CA  . GLY B 2 25 ? 2.566   -4.899  11.740  1.00 32.31 ? 27  GLY B CA  1 
ATOM   697  C  C   . GLY B 2 25 ? 3.979   -5.465  11.633  1.00 33.08 ? 27  GLY B C   1 
ATOM   698  O  O   . GLY B 2 25 ? 4.589   -5.845  12.633  1.00 34.53 ? 27  GLY B O   1 
ATOM   699  N  N   . LYS B 2 26 ? 4.506   -5.533  10.416  1.00 34.60 ? 28  LYS B N   1 
ATOM   700  C  CA  . LYS B 2 26 ? 5.867   -6.069  10.195  1.00 36.34 ? 28  LYS B CA  1 
ATOM   701  C  C   . LYS B 2 26 ? 6.914   -4.997  10.522  1.00 36.30 ? 28  LYS B C   1 
ATOM   702  O  O   . LYS B 2 26 ? 8.089   -5.317  10.821  1.00 37.18 ? 28  LYS B O   1 
ATOM   703  C  CB  . LYS B 2 26 ? 6.095   -6.523  8.744   1.00 36.45 ? 28  LYS B CB  1 
ATOM   704  C  CG  . LYS B 2 26 ? 5.282   -7.708  8.311   1.00 40.45 ? 28  LYS B CG  1 
ATOM   705  C  CD  . LYS B 2 26 ? 5.713   -8.208  6.908   1.00 42.81 ? 28  LYS B CD  1 
ATOM   706  C  CE  . LYS B 2 26 ? 6.085   -7.034  5.989   1.00 44.79 ? 28  LYS B CE  1 
ATOM   707  N  NZ  . LYS B 2 26 ? 6.200   -7.445  4.557   1.00 46.10 ? 28  LYS B NZ  1 
ATOM   708  N  N   . VAL B 2 27 ? 6.503   -3.736  10.444  1.00 33.82 ? 29  VAL B N   1 
ATOM   709  C  CA  . VAL B 2 27 ? 7.426   -2.627  10.707  1.00 33.34 ? 29  VAL B CA  1 
ATOM   710  C  C   . VAL B 2 27 ? 8.120   -2.698  12.079  1.00 32.89 ? 29  VAL B C   1 
ATOM   711  O  O   . VAL B 2 27 ? 7.520   -2.970  13.121  1.00 33.07 ? 29  VAL B O   1 
ATOM   712  C  CB  . VAL B 2 27 ? 6.757   -1.245  10.462  1.00 31.82 ? 29  VAL B CB  1 
ATOM   713  C  CG1 . VAL B 2 27 ? 7.772   -0.092  10.717  1.00 31.33 ? 29  VAL B CG1 1 
ATOM   714  C  CG2 . VAL B 2 27 ? 6.221   -1.184  9.054   1.00 32.38 ? 29  VAL B CG2 1 
ATOM   715  N  N   . ASN B 2 28 ? 9.427   -2.476  12.032  1.00 34.48 ? 30  ASN B N   1 
ATOM   716  C  CA  . ASN B 2 28 ? 10.255  -2.402  13.208  1.00 35.09 ? 30  ASN B CA  1 
ATOM   717  C  C   . ASN B 2 28 ? 9.810   -1.291  14.166  1.00 34.94 ? 30  ASN B C   1 
ATOM   718  O  O   . ASN B 2 28 ? 9.870   -0.107  13.810  1.00 36.08 ? 30  ASN B O   1 
ATOM   719  C  CB  . ASN B 2 28 ? 11.714  -2.142  12.778  1.00 35.03 ? 30  ASN B CB  1 
ATOM   720  C  CG  . ASN B 2 28 ? 12.658  -2.249  13.932  1.00 37.62 ? 30  ASN B CG  1 
ATOM   721  O  OD1 . ASN B 2 28 ? 12.604  -3.217  14.669  1.00 40.02 ? 30  ASN B OD1 1 
ATOM   722  N  ND2 . ASN B 2 28 ? 13.487  -1.225  14.141  1.00 42.67 ? 30  ASN B ND2 1 
ATOM   723  N  N   . GLY B 2 29 ? 9.367   -1.695  15.355  1.00 34.86 ? 31  GLY B N   1 
ATOM   724  C  CA  . GLY B 2 29 ? 9.007   -0.773  16.431  1.00 35.18 ? 31  GLY B CA  1 
ATOM   725  C  C   . GLY B 2 29 ? 7.477   -0.705  16.576  1.00 35.25 ? 31  GLY B C   1 
ATOM   726  O  O   . GLY B 2 29 ? 6.965   -0.048  17.488  1.00 35.96 ? 31  GLY B O   1 
ATOM   727  N  N   . VAL B 2 30 ? 6.756   -1.428  15.711  1.00 34.52 ? 32  VAL B N   1 
ATOM   728  C  CA  . VAL B 2 30 ? 5.303   -1.392  15.746  1.00 33.21 ? 32  VAL B CA  1 
ATOM   729  C  C   . VAL B 2 30 ? 4.918   -2.522  16.658  1.00 34.64 ? 32  VAL B C   1 
ATOM   730  O  O   . VAL B 2 30 ? 5.174   -3.656  16.300  1.00 35.43 ? 32  VAL B O   1 
ATOM   731  C  CB  . VAL B 2 30 ? 4.658   -1.621  14.312  1.00 32.63 ? 32  VAL B CB  1 
ATOM   732  C  CG1 . VAL B 2 30 ? 3.168   -1.876  14.448  1.00 29.58 ? 32  VAL B CG1 1 
ATOM   733  C  CG2 . VAL B 2 30 ? 4.948   -0.456  13.333  1.00 30.58 ? 32  VAL B CG2 1 
ATOM   734  N  N   . HIS B 2 31 ? 4.326   -2.241  17.821  1.00 34.17 ? 33  HIS B N   1 
ATOM   735  C  CA  . HIS B 2 31 ? 3.831   -3.294  18.724  1.00 35.52 ? 33  HIS B CA  1 
ATOM   736  C  C   . HIS B 2 31 ? 2.435   -3.823  18.444  1.00 35.05 ? 33  HIS B C   1 
ATOM   737  O  O   . HIS B 2 31 ? 2.098   -4.919  18.866  1.00 35.21 ? 33  HIS B O   1 
ATOM   738  C  CB  . HIS B 2 31 ? 3.879   -2.829  20.181  1.00 35.59 ? 33  HIS B CB  1 
ATOM   739  C  CG  . HIS B 2 31 ? 5.247   -2.451  20.642  1.00 39.69 ? 33  HIS B CG  1 
ATOM   740  N  ND1 . HIS B 2 31 ? 5.780   -2.910  21.823  1.00 42.44 ? 33  HIS B ND1 1 
ATOM   741  C  CD2 . HIS B 2 31 ? 6.206   -1.690  20.065  1.00 42.11 ? 33  HIS B CD2 1 
ATOM   742  C  CE1 . HIS B 2 31 ? 7.007   -2.439  21.961  1.00 43.25 ? 33  HIS B CE1 1 
ATOM   743  N  NE2 . HIS B 2 31 ? 7.295   -1.705  20.903  1.00 43.21 ? 33  HIS B NE2 1 
ATOM   744  N  N   . HIS B 2 32 ? 1.584   -3.018  17.813  1.00 34.38 ? 34  HIS B N   1 
ATOM   745  C  CA  . HIS B 2 32 ? 0.253   -3.456  17.442  1.00 34.38 ? 34  HIS B CA  1 
ATOM   746  C  C   . HIS B 2 32 ? -0.358  -2.466  16.439  1.00 33.89 ? 34  HIS B C   1 
ATOM   747  O  O   . HIS B 2 32 ? -0.113  -1.245  16.560  1.00 32.58 ? 34  HIS B O   1 
ATOM   748  C  CB  . HIS B 2 32 ? -0.639  -3.461  18.666  1.00 36.27 ? 34  HIS B CB  1 
ATOM   749  C  CG  . HIS B 2 32 ? -2.053  -3.861  18.370  1.00 39.89 ? 34  HIS B CG  1 
ATOM   750  N  ND1 . HIS B 2 32 ? -3.129  -3.018  18.573  1.00 42.76 ? 34  HIS B ND1 1 
ATOM   751  C  CD2 . HIS B 2 32 ? -2.576  -5.029  17.914  1.00 44.22 ? 34  HIS B CD2 1 
ATOM   752  C  CE1 . HIS B 2 32 ? -4.250  -3.641  18.246  1.00 40.98 ? 34  HIS B CE1 1 
ATOM   753  N  NE2 . HIS B 2 32 ? -3.944  -4.864  17.842  1.00 44.42 ? 34  HIS B NE2 1 
ATOM   754  N  N   . ILE B 2 33 ? -1.143  -2.978  15.489  1.00 30.99 ? 35  ILE B N   1 
ATOM   755  C  CA  . ILE B 2 33 ? -1.937  -2.110  14.628  1.00 31.02 ? 35  ILE B CA  1 
ATOM   756  C  C   . ILE B 2 33 ? -3.380  -2.610  14.605  1.00 31.25 ? 35  ILE B C   1 
ATOM   757  O  O   . ILE B 2 33 ? -3.625  -3.811  14.405  1.00 32.19 ? 35  ILE B O   1 
ATOM   758  C  CB  . ILE B 2 33 ? -1.320  -1.946  13.201  1.00 29.99 ? 35  ILE B CB  1 
ATOM   759  C  CG1 . ILE B 2 33 ? -2.234  -1.121  12.322  1.00 28.22 ? 35  ILE B CG1 1 
ATOM   760  C  CG2 . ILE B 2 33 ? -1.025  -3.321  12.539  1.00 30.38 ? 35  ILE B CG2 1 
ATOM   761  C  CD1 . ILE B 2 33 ? -1.695  -0.899  10.959  1.00 21.45 ? 35  ILE B CD1 1 
ATOM   762  N  N   . LYS B 2 34 ? -4.348  -1.724  14.815  1.00 29.77 ? 36  LYS B N   1 
ATOM   763  C  CA  . LYS B 2 34 ? -5.719  -2.075  14.519  1.00 30.36 ? 36  LYS B CA  1 
ATOM   764  C  C   . LYS B 2 34 ? -6.250  -1.118  13.456  1.00 30.42 ? 36  LYS B C   1 
ATOM   765  O  O   . LYS B 2 34 ? -6.281  0.116   13.723  1.00 29.24 ? 36  LYS B O   1 
ATOM   766  C  CB  . LYS B 2 34 ? -6.590  -1.971  15.775  1.00 31.38 ? 36  LYS B CB  1 
ATOM   767  C  CG  . LYS B 2 34 ? -8.020  -2.500  15.574  1.00 33.94 ? 36  LYS B CG  1 
ATOM   768  C  CD  . LYS B 2 34 ? -8.081  -4.074  15.355  1.00 38.22 ? 36  LYS B CD  1 
ATOM   769  C  CE  . LYS B 2 34 ? -9.349  -4.724  16.032  1.00 45.16 ? 36  LYS B CE  1 
ATOM   770  N  NZ  . LYS B 2 34 ? -10.539 -5.085  15.124  1.00 42.16 ? 36  LYS B NZ  1 
ATOM   771  N  N   . VAL B 2 35 ? -6.618  -1.669  12.272  1.00 28.68 ? 37  VAL B N   1 
ATOM   772  C  CA  . VAL B 2 35 ? -7.269  -0.928  11.168  1.00 28.47 ? 37  VAL B CA  1 
ATOM   773  C  C   . VAL B 2 35 ? -8.797  -1.079  11.264  1.00 30.08 ? 37  VAL B C   1 
ATOM   774  O  O   . VAL B 2 35 ? -9.294  -2.230  11.399  1.00 30.83 ? 37  VAL B O   1 
ATOM   775  C  CB  . VAL B 2 35 ? -6.754  -1.347  9.750   1.00 27.87 ? 37  VAL B CB  1 
ATOM   776  C  CG1 . VAL B 2 35 ? -7.458  -0.527  8.616   1.00 26.39 ? 37  VAL B CG1 1 
ATOM   777  C  CG2 . VAL B 2 35 ? -5.178  -1.215  9.629   1.00 27.29 ? 37  VAL B CG2 1 
ATOM   778  N  N   . SER B 2 36 ? -9.516  0.046   11.213  1.00 29.49 ? 38  SER B N   1 
ATOM   779  C  CA  . SER B 2 36 ? -10.983 0.091   11.343  1.00 30.47 ? 38  SER B CA  1 
ATOM   780  C  C   . SER B 2 36 ? -11.666 0.527   10.038  1.00 30.74 ? 38  SER B C   1 
ATOM   781  O  O   . SER B 2 36 ? -11.496 1.650   9.530   1.00 29.02 ? 38  SER B O   1 
ATOM   782  C  CB  . SER B 2 36 ? -11.436 0.921   12.540  1.00 31.12 ? 38  SER B CB  1 
ATOM   783  O  OG  . SER B 2 36 ? -12.860 1.090   12.570  1.00 32.29 ? 38  SER B OG  1 
ATOM   784  N  N   . LEU B 2 37 ? -12.450 -0.400  9.476   1.00 28.71 ? 39  LEU B N   1 
ATOM   785  C  CA  . LEU B 2 37 ? -13.093 -0.101  8.246   1.00 30.68 ? 39  LEU B CA  1 
ATOM   786  C  C   . LEU B 2 37 ? -14.100 0.989   8.524   1.00 30.31 ? 39  LEU B C   1 
ATOM   787  O  O   . LEU B 2 37 ? -14.240 1.956   7.800   1.00 28.55 ? 39  LEU B O   1 
ATOM   788  C  CB  . LEU B 2 37 ? -13.733 -1.398  7.663   1.00 30.15 ? 39  LEU B CB  1 
ATOM   789  C  CG  . LEU B 2 37 ? -14.156 -1.289  6.238   1.00 30.73 ? 39  LEU B CG  1 
ATOM   790  C  CD1 . LEU B 2 37 ? -12.892 -1.093  5.500   1.00 27.24 ? 39  LEU B CD1 1 
ATOM   791  C  CD2 . LEU B 2 37 ? -14.926 -2.566  5.766   1.00 29.28 ? 39  LEU B CD2 1 
ATOM   792  N  N   . GLU B 2 38 ? -14.809 0.810   9.632   1.00 31.73 ? 40  GLU B N   1 
ATOM   793  C  CA  . GLU B 2 38 ? -15.873 1.692   10.013  1.00 31.93 ? 40  GLU B CA  1 
ATOM   794  C  C   . GLU B 2 38 ? -15.377 3.095   10.293  1.00 29.35 ? 40  GLU B C   1 
ATOM   795  O  O   . GLU B 2 38 ? -15.943 4.049   9.829   1.00 30.09 ? 40  GLU B O   1 
ATOM   796  C  CB  . GLU B 2 38 ? -16.508 1.083   11.272  1.00 33.99 ? 40  GLU B CB  1 
ATOM   797  C  CG  . GLU B 2 38 ? -17.849 1.623   11.668  1.00 38.64 ? 40  GLU B CG  1 
ATOM   798  C  CD  . GLU B 2 38 ? -18.571 0.653   12.656  1.00 43.93 ? 40  GLU B CD  1 
ATOM   799  O  OE1 . GLU B 2 38 ? -18.728 0.982   13.858  1.00 45.54 ? 40  GLU B OE1 1 
ATOM   800  O  OE2 . GLU B 2 38 ? -18.949 -0.460  12.232  1.00 47.72 ? 40  GLU B OE2 1 
ATOM   801  N  N   . GLU B 2 39 ? -14.293 3.261   11.023  1.00 27.81 ? 41  GLU B N   1 
ATOM   802  C  CA  . GLU B 2 39 ? -13.860 4.635   11.279  1.00 29.01 ? 41  GLU B CA  1 
ATOM   803  C  C   . GLU B 2 39 ? -12.773 5.079   10.297  1.00 27.18 ? 41  GLU B C   1 
ATOM   804  O  O   . GLU B 2 39 ? -12.258 6.186   10.438  1.00 27.31 ? 41  GLU B O   1 
ATOM   805  C  CB  . GLU B 2 39 ? -13.336 4.793   12.704  1.00 30.64 ? 41  GLU B CB  1 
ATOM   806  C  CG  . GLU B 2 39 ? -14.477 4.997   13.773  1.00 36.34 ? 41  GLU B CG  1 
ATOM   807  C  CD  . GLU B 2 39 ? -13.979 4.637   15.149  1.00 45.54 ? 41  GLU B CD  1 
ATOM   808  O  OE1 . GLU B 2 39 ? -14.303 5.349   16.135  1.00 50.26 ? 41  GLU B OE1 1 
ATOM   809  O  OE2 . GLU B 2 39 ? -13.248 3.627   15.245  1.00 48.81 ? 41  GLU B OE2 1 
ATOM   810  N  N   . LYS B 2 40 ? -12.456 4.199   9.343   1.00 25.50 ? 42  LYS B N   1 
ATOM   811  C  CA  . LYS B 2 40 ? -11.508 4.488   8.224   1.00 24.43 ? 42  LYS B CA  1 
ATOM   812  C  C   . LYS B 2 40 ? -10.194 4.955   8.814   1.00 23.03 ? 42  LYS B C   1 
ATOM   813  O  O   . LYS B 2 40 ? -9.741  6.078   8.519   1.00 20.87 ? 42  LYS B O   1 
ATOM   814  C  CB  . LYS B 2 40 ? -11.988 5.654   7.365   1.00 24.95 ? 42  LYS B CB  1 
ATOM   815  C  CG  . LYS B 2 40 ? -13.361 5.446   6.672   1.00 31.13 ? 42  LYS B CG  1 
ATOM   816  C  CD  . LYS B 2 40 ? -13.878 6.764   6.097   1.00 36.60 ? 42  LYS B CD  1 
ATOM   817  C  CE  . LYS B 2 40 ? -13.427 7.026   4.669   1.00 41.90 ? 42  LYS B CE  1 
ATOM   818  N  NZ  . LYS B 2 40 ? -13.745 8.438   4.308   1.00 42.37 ? 42  LYS B NZ  1 
ATOM   819  N  N   . ASN B 2 41 ? -9.648  4.173   9.697   1.00 21.84 ? 43  ASN B N   1 
ATOM   820  C  CA  . ASN B 2 41 ? -8.414  4.621   10.288  1.00 23.74 ? 43  ASN B CA  1 
ATOM   821  C  C   . ASN B 2 41 ? -7.584  3.440   10.771  1.00 22.61 ? 43  ASN B C   1 
ATOM   822  O  O   . ASN B 2 41 ? -7.988  2.264   10.687  1.00 24.31 ? 43  ASN B O   1 
ATOM   823  C  CB  . ASN B 2 41 ? -8.706  5.591   11.433  1.00 21.54 ? 43  ASN B CB  1 
ATOM   824  C  CG  . ASN B 2 41 ? -9.363  4.903   12.640  1.00 24.27 ? 43  ASN B CG  1 
ATOM   825  O  OD1 . ASN B 2 41 ? -9.528  3.684   12.678  1.00 25.47 ? 43  ASN B OD1 1 
ATOM   826  N  ND2 . ASN B 2 41 ? -9.693  5.690   13.630  1.00 26.57 ? 43  ASN B ND2 1 
ATOM   827  N  N   . ALA B 2 42 ? -6.403  3.749   11.271  1.00 20.60 ? 44  ALA B N   1 
ATOM   828  C  CA  . ALA B 2 42 ? -5.487  2.739   11.804  1.00 19.05 ? 44  ALA B CA  1 
ATOM   829  C  C   . ALA B 2 42 ? -4.971  3.310   13.076  1.00 19.35 ? 44  ALA B C   1 
ATOM   830  O  O   . ALA B 2 42 ? -4.473  4.457   13.091  1.00 19.68 ? 44  ALA B O   1 
ATOM   831  C  CB  . ALA B 2 42 ? -4.385  2.506   10.904  1.00 19.38 ? 44  ALA B CB  1 
ATOM   832  N  N   . THR B 2 43 ? -5.049  2.504   14.126  1.00 19.23 ? 45  THR B N   1 
ATOM   833  C  CA  . THR B 2 43 ? -4.455  2.825   15.428  1.00 19.99 ? 45  THR B CA  1 
ATOM   834  C  C   . THR B 2 43 ? -3.262  1.956   15.683  1.00 20.92 ? 45  THR B C   1 
ATOM   835  O  O   . THR B 2 43 ? -3.352  0.696   15.753  1.00 21.83 ? 45  THR B O   1 
ATOM   836  C  CB  . THR B 2 43 ? -5.531  2.815   16.589  1.00 20.56 ? 45  THR B CB  1 
ATOM   837  O  OG1 . THR B 2 43 ? -6.648  3.621   16.163  1.00 23.26 ? 45  THR B OG1 1 
ATOM   838  C  CG2 . THR B 2 43 ? -4.956  3.325   17.950  1.00 23.27 ? 45  THR B CG2 1 
ATOM   839  N  N   . ILE B 2 44 ? -2.106  2.630   15.798  1.00 21.52 ? 46  ILE B N   1 
ATOM   840  C  CA  . ILE B 2 44 ? -0.821  1.976   15.868  1.00 21.42 ? 46  ILE B CA  1 
ATOM   841  C  C   . ILE B 2 44 ? -0.143  2.330   17.163  1.00 23.21 ? 46  ILE B C   1 
ATOM   842  O  O   . ILE B 2 44 ? 0.016   3.506   17.487  1.00 21.88 ? 46  ILE B O   1 
ATOM   843  C  CB  . ILE B 2 44 ? 0.106   2.391   14.684  1.00 21.27 ? 46  ILE B CB  1 
ATOM   844  C  CG1 . ILE B 2 44 ? -0.580  2.138   13.336  1.00 20.83 ? 46  ILE B CG1 1 
ATOM   845  C  CG2 . ILE B 2 44 ? 1.451   1.628   14.812  1.00 22.18 ? 46  ILE B CG2 1 
ATOM   846  C  CD1 . ILE B 2 44 ? 0.097   2.787   12.142  1.00 15.85 ? 46  ILE B CD1 1 
ATOM   847  N  N   . ILE B 2 45 ? 0.179   1.306   17.956  1.00 24.41 ? 47  ILE B N   1 
ATOM   848  C  CA  . ILE B 2 45 ? 0.972   1.513   19.193  1.00 27.47 ? 47  ILE B CA  1 
ATOM   849  C  C   . ILE B 2 45 ? 2.426   1.175   18.868  1.00 28.96 ? 47  ILE B C   1 
ATOM   850  O  O   . ILE B 2 45 ? 2.698   0.123   18.319  1.00 31.49 ? 47  ILE B O   1 
ATOM   851  C  CB  . ILE B 2 45 ? 0.485   0.614   20.318  1.00 28.14 ? 47  ILE B CB  1 
ATOM   852  C  CG1 . ILE B 2 45 ? -0.920  1.075   20.775  1.00 28.70 ? 47  ILE B CG1 1 
ATOM   853  C  CG2 . ILE B 2 45 ? 1.570   0.579   21.434  1.00 29.91 ? 47  ILE B CG2 1 
ATOM   854  C  CD1 . ILE B 2 45 ? -1.477  0.323   21.976  1.00 32.34 ? 47  ILE B CD1 1 
ATOM   855  N  N   . TYR B 2 46 ? 3.347   2.078   19.135  1.00 30.18 ? 48  TYR B N   1 
ATOM   856  C  CA  . TYR B 2 46 ? 4.745   1.939   18.646  1.00 31.53 ? 48  TYR B CA  1 
ATOM   857  C  C   . TYR B 2 46 ? 5.748   2.504   19.675  1.00 32.25 ? 48  TYR B C   1 
ATOM   858  O  O   . TYR B 2 46 ? 5.378   3.280   20.548  1.00 30.63 ? 48  TYR B O   1 
ATOM   859  C  CB  . TYR B 2 46 ? 4.946   2.678   17.292  1.00 31.09 ? 48  TYR B CB  1 
ATOM   860  C  CG  . TYR B 2 46 ? 4.650   4.144   17.428  1.00 30.34 ? 48  TYR B CG  1 
ATOM   861  C  CD1 . TYR B 2 46 ? 5.674   5.087   17.549  1.00 30.61 ? 48  TYR B CD1 1 
ATOM   862  C  CD2 . TYR B 2 46 ? 3.322   4.603   17.488  1.00 29.93 ? 48  TYR B CD2 1 
ATOM   863  C  CE1 . TYR B 2 46 ? 5.391   6.443   17.693  1.00 27.26 ? 48  TYR B CE1 1 
ATOM   864  C  CE2 . TYR B 2 46 ? 3.049   5.908   17.657  1.00 29.07 ? 48  TYR B CE2 1 
ATOM   865  C  CZ  . TYR B 2 46 ? 4.083   6.842   17.765  1.00 27.47 ? 48  TYR B CZ  1 
ATOM   866  O  OH  . TYR B 2 46 ? 3.745   8.141   17.971  1.00 28.98 ? 48  TYR B OH  1 
ATOM   867  N  N   . ASP B 2 47 ? 6.994   2.093   19.517  1.00 33.44 ? 49  ASP B N   1 
ATOM   868  C  CA  . ASP B 2 47 ? 8.196   2.656   20.178  1.00 34.33 ? 49  ASP B CA  1 
ATOM   869  C  C   . ASP B 2 47 ? 8.710   3.903   19.480  1.00 33.75 ? 49  ASP B C   1 
ATOM   870  O  O   . ASP B 2 47 ? 9.240   3.835   18.372  1.00 34.32 ? 49  ASP B O   1 
ATOM   871  C  CB  . ASP B 2 47 ? 9.291   1.579   20.165  1.00 34.75 ? 49  ASP B CB  1 
ATOM   872  C  CG  . ASP B 2 47 ? 10.607  2.064   20.758  1.00 38.49 ? 49  ASP B CG  1 
ATOM   873  O  OD1 . ASP B 2 47 ? 10.847  3.307   20.930  1.00 41.13 ? 49  ASP B OD1 1 
ATOM   874  O  OD2 . ASP B 2 47 ? 11.419  1.160   21.036  1.00 43.25 ? 49  ASP B OD2 1 
ATOM   875  N  N   . PRO B 2 48 ? 8.565   5.078   20.114  1.00 33.71 ? 50  PRO B N   1 
ATOM   876  C  CA  . PRO B 2 48 ? 8.937   6.378   19.524  1.00 34.28 ? 50  PRO B CA  1 
ATOM   877  C  C   . PRO B 2 48 ? 10.410  6.495   19.135  1.00 34.39 ? 50  PRO B C   1 
ATOM   878  O  O   . PRO B 2 48 ? 10.787  7.340   18.316  1.00 35.00 ? 50  PRO B O   1 
ATOM   879  C  CB  . PRO B 2 48 ? 8.588   7.391   20.620  1.00 35.14 ? 50  PRO B CB  1 
ATOM   880  C  CG  . PRO B 2 48 ? 8.342   6.627   21.818  1.00 33.96 ? 50  PRO B CG  1 
ATOM   881  C  CD  . PRO B 2 48 ? 8.293   5.165   21.544  1.00 34.15 ? 50  PRO B CD  1 
ATOM   882  N  N   . LYS B 2 49 ? 11.233  5.617   19.682  1.00 36.32 ? 51  LYS B N   1 
ATOM   883  C  CA  . LYS B 2 49 ? 12.656  5.606   19.332  1.00 36.74 ? 51  LYS B CA  1 
ATOM   884  C  C   . LYS B 2 49 ? 12.942  4.956   17.989  1.00 36.41 ? 51  LYS B C   1 
ATOM   885  O  O   . LYS B 2 49 ? 14.058  5.108   17.442  1.00 36.16 ? 51  LYS B O   1 
ATOM   886  C  CB  . LYS B 2 49 ? 13.455  4.913   20.434  1.00 37.97 ? 51  LYS B CB  1 
ATOM   887  C  CG  . LYS B 2 49 ? 13.678  5.806   21.676  1.00 42.29 ? 51  LYS B CG  1 
ATOM   888  C  CD  . LYS B 2 49 ? 14.301  5.055   22.883  1.00 45.71 ? 51  LYS B CD  1 
ATOM   889  C  CE  . LYS B 2 49 ? 15.477  5.882   23.469  1.00 49.77 ? 51  LYS B CE  1 
ATOM   890  N  NZ  . LYS B 2 49 ? 16.501  6.270   22.415  1.00 53.10 ? 51  LYS B NZ  1 
ATOM   891  N  N   . LEU B 2 50 ? 11.941  4.225   17.470  1.00 34.02 ? 52  LEU B N   1 
ATOM   892  C  CA  . LEU B 2 50 ? 12.056  3.399   16.259  1.00 33.24 ? 52  LEU B CA  1 
ATOM   893  C  C   . LEU B 2 50 ? 11.164  3.877   15.073  1.00 31.96 ? 52  LEU B C   1 
ATOM   894  O  O   . LEU B 2 50 ? 11.538  3.736   13.889  1.00 31.61 ? 52  LEU B O   1 
ATOM   895  C  CB  . LEU B 2 50 ? 11.744  1.953   16.625  1.00 34.24 ? 52  LEU B CB  1 
ATOM   896  C  CG  . LEU B 2 50 ? 12.776  1.273   17.570  1.00 36.26 ? 52  LEU B CG  1 
ATOM   897  C  CD1 . LEU B 2 50 ? 12.385  -0.147  18.009  1.00 38.54 ? 52  LEU B CD1 1 
ATOM   898  C  CD2 . LEU B 2 50 ? 14.201  1.316   16.958  1.00 37.74 ? 52  LEU B CD2 1 
ATOM   899  N  N   . GLN B 2 51 ? 9.999   4.451   15.405  1.00 30.41 ? 53  GLN B N   1 
ATOM   900  C  CA  . GLN B 2 51 ? 9.104   5.063   14.397  1.00 27.75 ? 53  GLN B CA  1 
ATOM   901  C  C   . GLN B 2 51 ? 8.540   6.396   14.923  1.00 26.73 ? 53  GLN B C   1 
ATOM   902  O  O   . GLN B 2 51 ? 8.445   6.603   16.141  1.00 26.75 ? 53  GLN B O   1 
ATOM   903  C  CB  . GLN B 2 51 ? 7.932   4.117   14.096  1.00 27.52 ? 53  GLN B CB  1 
ATOM   904  C  CG  . GLN B 2 51 ? 8.297   2.666   13.522  1.00 27.93 ? 53  GLN B CG  1 
ATOM   905  C  CD  . GLN B 2 51 ? 9.018   2.715   12.196  1.00 30.25 ? 53  GLN B CD  1 
ATOM   906  O  OE1 . GLN B 2 51 ? 8.862   3.683   11.405  1.00 33.95 ? 53  GLN B OE1 1 
ATOM   907  N  NE2 . GLN B 2 51 ? 9.837   1.670   11.926  1.00 30.17 ? 53  GLN B NE2 1 
ATOM   908  N  N   . THR B 2 52 ? 8.069   7.236   14.000  1.00 26.86 ? 54  THR B N   1 
ATOM   909  C  CA  . THR B 2 52 ? 7.331   8.425   14.391  1.00 26.40 ? 54  THR B CA  1 
ATOM   910  C  C   . THR B 2 52 ? 5.931   8.356   13.723  1.00 25.61 ? 54  THR B C   1 
ATOM   911  O  O   . THR B 2 52 ? 5.706   7.505   12.822  1.00 25.07 ? 54  THR B O   1 
ATOM   912  C  CB  . THR B 2 52 ? 8.080   9.694   13.930  1.00 26.79 ? 54  THR B CB  1 
ATOM   913  O  OG1 . THR B 2 52 ? 8.003   9.810   12.502  1.00 25.50 ? 54  THR B OG1 1 
ATOM   914  C  CG2 . THR B 2 52 ? 9.592   9.688   14.404  1.00 27.37 ? 54  THR B CG2 1 
ATOM   915  N  N   . PRO B 2 53 ? 5.021   9.259   14.122  1.00 24.14 ? 55  PRO B N   1 
ATOM   916  C  CA  . PRO B 2 53 ? 3.738   9.343   13.417  1.00 22.55 ? 55  PRO B CA  1 
ATOM   917  C  C   . PRO B 2 53 ? 3.968   9.515   11.907  1.00 21.44 ? 55  PRO B C   1 
ATOM   918  O  O   . PRO B 2 53 ? 3.236   8.912   11.099  1.00 19.63 ? 55  PRO B O   1 
ATOM   919  C  CB  . PRO B 2 53 ? 3.091   10.586  14.043  1.00 23.38 ? 55  PRO B CB  1 
ATOM   920  C  CG  . PRO B 2 53 ? 3.507   10.504  15.500  1.00 21.63 ? 55  PRO B CG  1 
ATOM   921  C  CD  . PRO B 2 53 ? 4.978   9.986   15.415  1.00 23.85 ? 55  PRO B CD  1 
ATOM   922  N  N   . LYS B 2 54 ? 4.939   10.366  11.534  1.00 20.83 ? 56  LYS B N   1 
ATOM   923  C  CA  . LYS B 2 54 ? 5.228   10.581  10.128  1.00 20.73 ? 56  LYS B CA  1 
ATOM   924  C  C   . LYS B 2 54 ? 5.793   9.342   9.443   1.00 19.56 ? 56  LYS B C   1 
ATOM   925  O  O   . LYS B 2 54 ? 5.362   9.023   8.316   1.00 20.81 ? 56  LYS B O   1 
ATOM   926  C  CB  . LYS B 2 54 ? 6.191   11.806  9.895   1.00 19.51 ? 56  LYS B CB  1 
ATOM   927  C  CG  . LYS B 2 54 ? 6.209   12.309  8.481   1.00 23.79 ? 56  LYS B CG  1 
ATOM   928  C  CD  . LYS B 2 54 ? 4.906   12.760  7.845   1.00 28.53 ? 56  LYS B CD  1 
ATOM   929  C  CE  . LYS B 2 54 ? 5.157   12.804  6.326   1.00 34.71 ? 56  LYS B CE  1 
ATOM   930  N  NZ  . LYS B 2 54 ? 4.039   13.189  5.398   1.00 39.16 ? 56  LYS B NZ  1 
ATOM   931  N  N   . THR B 2 55 ? 6.728   8.627   10.049  1.00 19.47 ? 57  THR B N   1 
ATOM   932  C  CA  . THR B 2 55 ? 7.213   7.455   9.314   1.00 22.04 ? 57  THR B CA  1 
ATOM   933  C  C   . THR B 2 55 ? 6.129   6.359   9.144   1.00 21.15 ? 57  THR B C   1 
ATOM   934  O  O   . THR B 2 55 ? 6.094   5.632   8.109   1.00 20.26 ? 57  THR B O   1 
ATOM   935  C  CB  . THR B 2 55 ? 8.443   6.809   9.930   1.00 21.45 ? 57  THR B CB  1 
ATOM   936  O  OG1 . THR B 2 55 ? 8.143   6.296   11.229  1.00 24.33 ? 57  THR B OG1 1 
ATOM   937  C  CG2 . THR B 2 55 ? 9.690   7.785   9.905   1.00 23.90 ? 57  THR B CG2 1 
ATOM   938  N  N   . LEU B 2 56 ? 5.269   6.228   10.155  1.00 21.46 ? 58  LEU B N   1 
ATOM   939  C  CA  . LEU B 2 56 ? 4.091   5.308   10.033  1.00 19.85 ? 58  LEU B CA  1 
ATOM   940  C  C   . LEU B 2 56 ? 3.084   5.815   9.004   1.00 19.41 ? 58  LEU B C   1 
ATOM   941  O  O   . LEU B 2 56 ? 2.560   5.032   8.214   1.00 19.45 ? 58  LEU B O   1 
ATOM   942  C  CB  . LEU B 2 56 ? 3.447   5.164   11.365  1.00 19.36 ? 58  LEU B CB  1 
ATOM   943  C  CG  . LEU B 2 56 ? 4.368   4.518   12.408  1.00 22.10 ? 58  LEU B CG  1 
ATOM   944  C  CD1 . LEU B 2 56 ? 3.824   4.561   13.762  1.00 24.77 ? 58  LEU B CD1 1 
ATOM   945  C  CD2 . LEU B 2 56 ? 4.682   3.060   12.030  1.00 24.94 ? 58  LEU B CD2 1 
ATOM   946  N  N   . GLN B 2 57 ? 2.774   7.099   8.993   1.00 16.60 ? 59  GLN B N   1 
ATOM   947  C  CA  . GLN B 2 57 ? 1.915   7.658   7.937   1.00 18.61 ? 59  GLN B CA  1 
ATOM   948  C  C   . GLN B 2 57 ? 2.486   7.385   6.552   1.00 20.73 ? 59  GLN B C   1 
ATOM   949  O  O   . GLN B 2 57 ? 1.744   7.026   5.615   1.00 18.62 ? 59  GLN B O   1 
ATOM   950  C  CB  . GLN B 2 57 ? 1.729   9.180   8.119   1.00 19.27 ? 59  GLN B CB  1 
ATOM   951  C  CG  . GLN B 2 57 ? 0.887   9.840   7.079   1.00 19.92 ? 59  GLN B CG  1 
ATOM   952  C  CD  . GLN B 2 57 ? 1.700   10.321  5.851   1.00 23.61 ? 59  GLN B CD  1 
ATOM   953  O  OE1 . GLN B 2 57 ? 1.188   10.415  4.720   1.00 27.42 ? 59  GLN B OE1 1 
ATOM   954  N  NE2 . GLN B 2 57 ? 2.940   10.615  6.072   1.00 25.55 ? 59  GLN B NE2 1 
ATOM   955  N  N   . GLU B 2 58 ? 3.811   7.552   6.451   1.00 20.61 ? 60  GLU B N   1 
ATOM   956  C  CA  . GLU B 2 58 ? 4.484   7.323   5.153   1.00 23.37 ? 60  GLU B CA  1 
ATOM   957  C  C   . GLU B 2 58 ? 4.450   5.822   4.764   1.00 20.06 ? 60  GLU B C   1 
ATOM   958  O  O   . GLU B 2 58 ? 4.350   5.496   3.606   1.00 23.65 ? 60  GLU B O   1 
ATOM   959  C  CB  . GLU B 2 58 ? 5.935   7.815   5.235   1.00 24.18 ? 60  GLU B CB  1 
ATOM   960  C  CG  . GLU B 2 58 ? 6.041   9.350   5.094   1.00 30.16 ? 60  GLU B CG  1 
ATOM   961  C  CD  . GLU B 2 58 ? 7.396   9.877   5.476   1.00 37.89 ? 60  GLU B CD  1 
ATOM   962  O  OE1 . GLU B 2 58 ? 8.229   9.107   6.038   1.00 39.75 ? 60  GLU B OE1 1 
ATOM   963  O  OE2 . GLU B 2 58 ? 7.603   11.089  5.279   1.00 41.70 ? 60  GLU B OE2 1 
ATOM   964  N  N   . ALA B 2 59 ? 4.546   4.933   5.708   1.00 20.23 ? 61  ALA B N   1 
ATOM   965  C  CA  . ALA B 2 59 ? 4.495   3.493   5.429   1.00 20.35 ? 61  ALA B CA  1 
ATOM   966  C  C   . ALA B 2 59 ? 3.122   3.143   4.776   1.00 20.87 ? 61  ALA B C   1 
ATOM   967  O  O   . ALA B 2 59 ? 3.031   2.374   3.793   1.00 16.46 ? 61  ALA B O   1 
ATOM   968  C  CB  . ALA B 2 59 ? 4.809   2.620   6.730   1.00 22.39 ? 61  ALA B CB  1 
ATOM   969  N  N   . ILE B 2 60 ? 2.043   3.746   5.288   1.00 19.57 ? 62  ILE B N   1 
ATOM   970  C  CA  . ILE B 2 60 ? 0.722   3.361   4.793   1.00 18.60 ? 62  ILE B CA  1 
ATOM   971  C  C   . ILE B 2 60 ? 0.540   4.062   3.469   1.00 19.31 ? 62  ILE B C   1 
ATOM   972  O  O   . ILE B 2 60 ? 0.098   3.477   2.516   1.00 21.12 ? 62  ILE B O   1 
ATOM   973  C  CB  . ILE B 2 60 ? -0.448  3.721   5.818   1.00 17.06 ? 62  ILE B CB  1 
ATOM   974  C  CG1 . ILE B 2 60 ? -0.259  2.982   7.136   1.00 17.36 ? 62  ILE B CG1 1 
ATOM   975  C  CG2 . ILE B 2 60 ? -1.807  3.510   5.164   1.00 13.74 ? 62  ILE B CG2 1 
ATOM   976  C  CD1 . ILE B 2 60 ? -1.318  3.317   8.271   1.00 18.52 ? 62  ILE B CD1 1 
ATOM   977  N  N   . ASP B 2 61 ? 0.936   5.339   3.365   1.00 19.63 ? 63  ASP B N   1 
ATOM   978  C  CA  . ASP B 2 61 ? 0.815   6.030   2.088   1.00 20.49 ? 63  ASP B CA  1 
ATOM   979  C  C   . ASP B 2 61 ? 1.553   5.328   0.917   1.00 21.16 ? 63  ASP B C   1 
ATOM   980  O  O   . ASP B 2 61 ? 1.054   5.304   -0.236  1.00 23.30 ? 63  ASP B O   1 
ATOM   981  C  CB  . ASP B 2 61 ? 1.309   7.479   2.262   1.00 23.38 ? 63  ASP B CB  1 
ATOM   982  C  CG  . ASP B 2 61 ? 0.534   8.464   1.375   1.00 27.55 ? 63  ASP B CG  1 
ATOM   983  O  OD1 . ASP B 2 61 ? -0.554  9.047   1.719   1.00 29.34 ? 63  ASP B OD1 1 
ATOM   984  O  OD2 . ASP B 2 61 ? 1.045   8.679   0.295   1.00 27.01 ? 63  ASP B OD2 1 
ATOM   985  N  N   . ASP B 2 62 ? 2.702   4.765   1.231   1.00 20.48 ? 64  ASP B N   1 
ATOM   986  C  CA  . ASP B 2 62 ? 3.584   4.095   0.241   1.00 22.43 ? 64  ASP B CA  1 
ATOM   987  C  C   . ASP B 2 62 ? 2.919   2.819   -0.282  1.00 22.09 ? 64  ASP B C   1 
ATOM   988  O  O   . ASP B 2 62 ? 3.260   2.348   -1.360  1.00 23.45 ? 64  ASP B O   1 
ATOM   989  C  CB  . ASP B 2 62 ? 4.879   3.725   0.910   1.00 21.71 ? 64  ASP B CB  1 
ATOM   990  C  CG  . ASP B 2 62 ? 5.815   4.975   1.093   1.00 27.89 ? 64  ASP B CG  1 
ATOM   991  O  OD1 . ASP B 2 62 ? 5.445   6.037   0.568   1.00 27.65 ? 64  ASP B OD1 1 
ATOM   992  O  OD2 . ASP B 2 62 ? 6.843   4.872   1.795   1.00 30.78 ? 64  ASP B OD2 1 
ATOM   993  N  N   . MET B 2 63 ? 1.918   2.325   0.470   1.00 22.22 ? 65  MET B N   1 
ATOM   994  C  CA  . MET B 2 63 ? 1.162   1.110   0.079   1.00 21.10 ? 65  MET B CA  1 
ATOM   995  C  C   . MET B 2 63 ? 0.125   1.471   -0.944  1.00 20.81 ? 65  MET B C   1 
ATOM   996  O  O   . MET B 2 63 ? -0.491  0.568   -1.586  1.00 24.49 ? 65  MET B O   1 
ATOM   997  C  CB  . MET B 2 63 ? 0.461   0.584   1.340   1.00 21.94 ? 65  MET B CB  1 
ATOM   998  C  CG  . MET B 2 63 ? 1.339   -0.097  2.313   1.00 18.61 ? 65  MET B CG  1 
ATOM   999  S  SD  . MET B 2 63 ? 0.462   -0.921  3.668   1.00 21.89 ? 65  MET B SD  1 
ATOM   1000 C  CE  . MET B 2 63 ? -0.239  -2.415  2.796   1.00 18.60 ? 65  MET B CE  1 
ATOM   1001 N  N   . GLY B 2 64 ? -0.131  2.761   -1.182  1.00 18.98 ? 66  GLY B N   1 
ATOM   1002 C  CA  . GLY B 2 64 ? -1.172  3.180   -2.141  1.00 17.16 ? 66  GLY B CA  1 
ATOM   1003 C  C   . GLY B 2 64 ? -2.525  3.538   -1.535  1.00 19.07 ? 66  GLY B C   1 
ATOM   1004 O  O   . GLY B 2 64 ? -3.491  3.784   -2.259  1.00 22.20 ? 66  GLY B O   1 
ATOM   1005 N  N   . PHE B 2 65 ? -2.517  3.676   -0.216  1.00 20.81 ? 67  PHE B N   1 
ATOM   1006 C  CA  . PHE B 2 65 ? -3.635  4.220   0.560   1.00 20.18 ? 67  PHE B CA  1 
ATOM   1007 C  C   . PHE B 2 65 ? -3.295  5.585   1.116   1.00 21.06 ? 67  PHE B C   1 
ATOM   1008 O  O   . PHE B 2 65 ? -2.318  5.707   1.831   1.00 22.79 ? 67  PHE B O   1 
ATOM   1009 C  CB  . PHE B 2 65 ? -3.926  3.267   1.753   1.00 21.56 ? 67  PHE B CB  1 
ATOM   1010 C  CG  . PHE B 2 65 ? -4.476  1.953   1.302   1.00 20.47 ? 67  PHE B CG  1 
ATOM   1011 C  CD1 . PHE B 2 65 ? -5.840  1.836   1.003   1.00 16.67 ? 67  PHE B CD1 1 
ATOM   1012 C  CD2 . PHE B 2 65 ? -3.660  0.859   1.200   1.00 24.67 ? 67  PHE B CD2 1 
ATOM   1013 C  CE1 . PHE B 2 65 ? -6.367  0.627   0.612   1.00 22.09 ? 67  PHE B CE1 1 
ATOM   1014 C  CE2 . PHE B 2 65 ? -4.190  -0.393  0.770   1.00 22.14 ? 67  PHE B CE2 1 
ATOM   1015 C  CZ  . PHE B 2 65 ? -5.535  -0.476  0.435   1.00 24.26 ? 67  PHE B CZ  1 
ATOM   1016 N  N   . ASP B 2 66 ? -4.126  6.566   0.781   1.00 21.74 ? 68  ASP B N   1 
ATOM   1017 C  CA  . ASP B 2 66 ? -3.900  7.946   1.229   1.00 23.96 ? 68  ASP B CA  1 
ATOM   1018 C  C   . ASP B 2 66 ? -4.074  8.014   2.765   1.00 23.59 ? 68  ASP B C   1 
ATOM   1019 O  O   . ASP B 2 66 ? -5.152  7.679   3.263   1.00 22.59 ? 68  ASP B O   1 
ATOM   1020 C  CB  . ASP B 2 66 ? -4.956  8.803   0.609   1.00 25.26 ? 68  ASP B CB  1 
ATOM   1021 C  CG  . ASP B 2 66 ? -5.006  10.163  1.212   1.00 32.56 ? 68  ASP B CG  1 
ATOM   1022 O  OD1 . ASP B 2 66 ? -4.020  10.897  1.013   1.00 38.00 ? 68  ASP B OD1 1 
ATOM   1023 O  OD2 . ASP B 2 66 ? -5.996  10.479  1.941   1.00 43.27 ? 68  ASP B OD2 1 
ATOM   1024 N  N   . ALA B 2 67 ? -3.070  8.549   3.479   1.00 21.80 ? 69  ALA B N   1 
ATOM   1025 C  CA  . ALA B 2 67 ? -3.028  8.435   4.945   1.00 19.80 ? 69  ALA B CA  1 
ATOM   1026 C  C   . ALA B 2 67 ? -2.727  9.782   5.579   1.00 20.42 ? 69  ALA B C   1 
ATOM   1027 O  O   . ALA B 2 67 ? -1.864  10.458  5.089   1.00 20.65 ? 69  ALA B O   1 
ATOM   1028 C  CB  . ALA B 2 67 ? -1.930  7.435   5.331   1.00 20.62 ? 69  ALA B CB  1 
ATOM   1029 N  N   . VAL B 2 68 ? -3.428  10.148  6.642   1.00 20.40 ? 70  VAL B N   1 
ATOM   1030 C  CA  . VAL B 2 68 ? -3.318  11.504  7.248   1.00 22.76 ? 70  VAL B CA  1 
ATOM   1031 C  C   . VAL B 2 68 ? -3.233  11.294  8.785   1.00 21.41 ? 70  VAL B C   1 
ATOM   1032 O  O   . VAL B 2 68 ? -4.124  10.675  9.337   1.00 20.94 ? 70  VAL B O   1 
ATOM   1033 C  CB  . VAL B 2 68 ? -4.614  12.290  6.790   1.00 22.82 ? 70  VAL B CB  1 
ATOM   1034 C  CG1 . VAL B 2 68 ? -4.898  13.488  7.609   1.00 26.86 ? 70  VAL B CG1 1 
ATOM   1035 C  CG2 . VAL B 2 68 ? -4.446  12.670  5.321   1.00 27.55 ? 70  VAL B CG2 1 
ATOM   1036 N  N   . ILE B 2 69 ? -2.154  11.749  9.451   1.00 20.23 ? 71  ILE B N   1 
ATOM   1037 C  CA  . ILE B 2 69 ? -2.088  11.632  10.922  1.00 18.57 ? 71  ILE B CA  1 
ATOM   1038 C  C   . ILE B 2 69 ? -3.231  12.425  11.522  1.00 17.24 ? 71  ILE B C   1 
ATOM   1039 O  O   . ILE B 2 69 ? -3.431  13.619  11.160  1.00 16.74 ? 71  ILE B O   1 
ATOM   1040 C  CB  . ILE B 2 69 ? -0.735  12.145  11.469  1.00 18.40 ? 71  ILE B CB  1 
ATOM   1041 C  CG1 . ILE B 2 69 ? 0.465   11.347  10.895  1.00 19.35 ? 71  ILE B CG1 1 
ATOM   1042 C  CG2 . ILE B 2 69 ? -0.732  12.157  13.094  1.00 15.52 ? 71  ILE B CG2 1 
ATOM   1043 C  CD1 . ILE B 2 69 ? 1.842   12.131  11.103  1.00 21.82 ? 71  ILE B CD1 1 
ATOM   1044 N  N   . HIS B 2 70 ? -3.987  11.792  12.431  1.00 17.39 ? 72  HIS B N   1 
ATOM   1045 C  CA  . HIS B 2 70 ? -5.044  12.459  13.150  1.00 19.17 ? 72  HIS B CA  1 
ATOM   1046 C  C   . HIS B 2 70 ? -4.693  12.709  14.647  1.00 20.22 ? 72  HIS B C   1 
ATOM   1047 O  O   . HIS B 2 70 ? -4.776  13.853  15.102  1.00 20.52 ? 72  HIS B O   1 
ATOM   1048 C  CB  . HIS B 2 70 ? -6.342  11.671  13.018  1.00 20.32 ? 72  HIS B CB  1 
ATOM   1049 C  CG  . HIS B 2 70 ? -7.148  12.069  11.823  1.00 24.39 ? 72  HIS B CG  1 
ATOM   1050 N  ND1 . HIS B 2 70 ? -8.523  12.094  11.826  1.00 27.66 ? 72  HIS B ND1 1 
ATOM   1051 C  CD2 . HIS B 2 70 ? -6.766  12.493  10.590  1.00 27.54 ? 72  HIS B CD2 1 
ATOM   1052 C  CE1 . HIS B 2 70 ? -8.953  12.467  10.630  1.00 26.68 ? 72  HIS B CE1 1 
ATOM   1053 N  NE2 . HIS B 2 70 ? -7.906  12.761  9.886   1.00 30.20 ? 72  HIS B NE2 1 
ATOM   1054 N  N   . ASN B 2 71 ? -4.272  11.673  15.377  1.00 18.59 ? 73  ASN B N   1 
ATOM   1055 C  CA  . ASN B 2 71 ? -3.987  11.829  16.818  1.00 21.47 ? 73  ASN B CA  1 
ATOM   1056 C  C   . ASN B 2 71 ? -2.690  11.154  17.204  1.00 21.34 ? 73  ASN B C   1 
ATOM   1057 O  O   . ASN B 2 71 ? -2.292  10.135  16.591  1.00 21.01 ? 73  ASN B O   1 
ATOM   1058 C  CB  . ASN B 2 71 ? -5.110  11.288  17.704  1.00 21.63 ? 73  ASN B CB  1 
ATOM   1059 C  CG  . ASN B 2 71 ? -6.407  12.044  17.519  1.00 26.81 ? 73  ASN B CG  1 
ATOM   1060 O  OD1 . ASN B 2 71 ? -6.753  12.952  18.303  1.00 29.17 ? 73  ASN B OD1 1 
ATOM   1061 N  ND2 . ASN B 2 71 ? -7.141  11.679  16.469  1.00 28.13 ? 73  ASN B ND2 1 
ATOM   1062 N  N   . ILE B 2 72 ? -1.969  11.798  18.124  1.00 20.23 ? 74  ILE B N   1 
ATOM   1063 C  CA  . ILE B 2 72 ? -0.842  11.186  18.770  1.00 20.10 ? 74  ILE B CA  1 
ATOM   1064 C  C   . ILE B 2 72 ? -1.119  11.203  20.278  1.00 21.14 ? 74  ILE B C   1 
ATOM   1065 O  O   . ILE B 2 72 ? -1.420  12.255  20.837  1.00 20.86 ? 74  ILE B O   1 
ATOM   1066 C  CB  . ILE B 2 72 ? 0.430   11.920  18.495  1.00 19.61 ? 74  ILE B CB  1 
ATOM   1067 C  CG1 . ILE B 2 72 ? 0.640   12.106  16.969  1.00 19.99 ? 74  ILE B CG1 1 
ATOM   1068 C  CG2 . ILE B 2 72 ? 1.641   11.183  19.167  1.00 21.30 ? 74  ILE B CG2 1 
ATOM   1069 C  CD1 . ILE B 2 72 ? 1.549   13.287  16.713  1.00 23.31 ? 74  ILE B CD1 1 
ATOM   1070 N  N   . GLU B 2 73 ? -1.005  10.044  20.923  1.00 21.01 ? 75  GLU B N   1 
ATOM   1071 C  CA  . GLU B 2 73 ? -1.355  9.904   22.343  1.00 22.76 ? 75  GLU B CA  1 
ATOM   1072 C  C   . GLU B 2 73 ? -0.131  9.316   23.048  1.00 24.06 ? 75  GLU B C   1 
ATOM   1073 O  O   . GLU B 2 73 ? 0.666   8.510   22.490  1.00 24.29 ? 75  GLU B O   1 
ATOM   1074 C  CB  . GLU B 2 73 ? -2.588  9.026   22.573  1.00 22.29 ? 75  GLU B CB  1 
ATOM   1075 C  CG  . GLU B 2 73 ? -3.881  9.531   21.858  1.00 24.75 ? 75  GLU B CG  1 
ATOM   1076 C  CD  . GLU B 2 73 ? -5.078  8.603   22.101  1.00 33.73 ? 75  GLU B CD  1 
ATOM   1077 O  OE1 . GLU B 2 73 ? -5.698  8.735   23.198  1.00 33.76 ? 75  GLU B OE1 1 
ATOM   1078 O  OE2 . GLU B 2 73 ? -5.396  7.769   21.198  1.00 30.42 ? 75  GLU B OE2 1 
ATOM   1079 N  N   . GLY B 2 74 ? 0.073   9.753   24.276  1.00 26.07 ? 76  GLY B N   1 
ATOM   1080 C  CA  . GLY B 2 74 ? 1.221   9.223   24.984  1.00 28.50 ? 76  GLY B CA  1 
ATOM   1081 C  C   . GLY B 2 74 ? 1.171   9.720   26.406  1.00 32.77 ? 76  GLY B C   1 
ATOM   1082 O  O   . GLY B 2 74 ? 0.123   10.272  26.866  1.00 32.02 ? 76  GLY B O   1 
ATOM   1083 N  N   . ARG B 2 75 ? 2.309   9.552   27.096  1.00 34.12 ? 77  ARG B N   1 
ATOM   1084 C  CA  . ARG B 2 75 ? 2.359   9.956   28.470  1.00 37.26 ? 77  ARG B CA  1 
ATOM   1085 C  C   . ARG B 2 75 ? 3.796   10.019  29.008  1.00 38.35 ? 77  ARG B C   1 
ATOM   1086 O  O   . ARG B 2 75 ? 4.597   10.859  28.560  1.00 38.51 ? 77  ARG B O   1 
ATOM   1087 C  CB  . ARG B 2 75 ? 1.465   9.014   29.297  1.00 37.96 ? 77  ARG B CB  1 
ATOM   1088 C  CG  . ARG B 2 75 ? 2.209   7.874   29.923  1.00 41.97 ? 77  ARG B CG  1 
ATOM   1089 C  CD  . ARG B 2 75 ? 1.485   7.460   31.188  1.00 48.79 ? 77  ARG B CD  1 
ATOM   1090 N  NE  . ARG B 2 75 ? 0.966   8.604   31.964  1.00 55.94 ? 77  ARG B NE  1 
ATOM   1091 C  CZ  . ARG B 2 75 ? 1.690   9.411   32.758  1.00 57.67 ? 77  ARG B CZ  1 
ATOM   1092 N  NH1 . ARG B 2 75 ? 3.001   9.240   32.895  1.00 60.52 ? 77  ARG B NH1 1 
ATOM   1093 N  NH2 . ARG B 2 75 ? 1.101   10.408  33.416  1.00 58.53 ? 77  ARG B NH2 1 
HETATM 1094 CD CD  . CD  C 3 .  ? -10.819 -4.061  -0.186  1.00 24.37 ? 1   CD  B CD  1 
HETATM 1095 O  O   . HOH D 4 .  ? -1.761  -1.967  -0.671  1.00 21.81 ? 80  HOH A O   1 
HETATM 1096 O  O   . HOH D 4 .  ? 0.835   -12.245 -8.508  1.00 28.21 ? 82  HOH A O   1 
HETATM 1097 O  O   . HOH D 4 .  ? -9.531  -10.445 -8.832  1.00 25.76 ? 88  HOH A O   1 
HETATM 1098 O  O   . HOH D 4 .  ? 4.755   -7.123  -2.128  1.00 28.52 ? 89  HOH A O   1 
HETATM 1099 O  O   . HOH D 4 .  ? -2.478  -12.766 -12.382 1.00 24.44 ? 90  HOH A O   1 
HETATM 1100 O  O   . HOH D 4 .  ? 9.167   8.332   -12.843 1.00 39.51 ? 91  HOH A O   1 
HETATM 1101 O  O   . HOH D 4 .  ? -0.770  -11.190 -1.975  1.00 24.60 ? 92  HOH A O   1 
HETATM 1102 O  O   . HOH D 4 .  ? -4.502  -5.056  -18.520 1.00 33.36 ? 94  HOH A O   1 
HETATM 1103 O  O   . HOH D 4 .  ? -4.006  -3.309  -1.607  1.00 28.17 ? 95  HOH A O   1 
HETATM 1104 O  O   . HOH D 4 .  ? -11.415 -8.049  -16.793 1.00 35.76 ? 96  HOH A O   1 
HETATM 1105 O  O   . HOH D 4 .  ? -5.806  -9.126  -18.377 1.00 30.63 ? 97  HOH A O   1 
HETATM 1106 O  O   . HOH D 4 .  ? 4.362   5.813   -20.825 1.00 35.95 ? 99  HOH A O   1 
HETATM 1107 O  O   . HOH D 4 .  ? -0.888  0.356   -20.759 1.00 41.31 ? 101 HOH A O   1 
HETATM 1108 O  O   . HOH D 4 .  ? 5.267   4.327   -5.730  1.00 22.30 ? 103 HOH A O   1 
HETATM 1109 O  O   . HOH D 4 .  ? 5.117   -0.943  1.275   1.00 30.21 ? 104 HOH A O   1 
HETATM 1110 O  O   . HOH D 4 .  ? -14.253 -3.994  -3.901  1.00 41.98 ? 106 HOH A O   1 
HETATM 1111 O  O   . HOH D 4 .  ? -3.857  -7.175  -18.830 1.00 30.94 ? 108 HOH A O   1 
HETATM 1112 O  O   . HOH D 4 .  ? -2.956  -13.853 -7.470  1.00 39.18 ? 112 HOH A O   1 
HETATM 1113 O  O   . HOH D 4 .  ? -1.874  -8.849  2.188   1.00 32.16 ? 113 HOH A O   1 
HETATM 1114 O  O   . HOH D 4 .  ? -6.035  -12.432 -3.381  1.00 39.47 ? 117 HOH A O   1 
HETATM 1115 O  O   . HOH D 4 .  ? 13.695  2.985   -13.933 1.00 47.98 ? 124 HOH A O   1 
HETATM 1116 O  O   . HOH D 4 .  ? 12.579  -5.101  -8.553  1.00 43.58 ? 128 HOH A O   1 
HETATM 1117 O  O   . HOH D 4 .  ? 0.210   7.891   -3.683  1.00 38.23 ? 135 HOH A O   1 
HETATM 1118 O  O   . HOH D 4 .  ? 11.271  -5.931  -6.432  1.00 41.32 ? 137 HOH A O   1 
HETATM 1119 O  O   . HOH D 4 .  ? -0.911  8.549   -6.207  1.00 47.53 ? 143 HOH A O   1 
HETATM 1120 O  O   . HOH D 4 .  ? -2.892  -2.940  -3.532  1.00 34.98 ? 145 HOH A O   1 
HETATM 1121 O  O   . HOH D 4 .  ? 5.011   -0.316  -26.249 1.00 48.85 ? 151 HOH A O   1 
HETATM 1122 O  O   . HOH E 4 .  ? -15.369 -10.521 6.077   1.00 35.68 ? 78  HOH B O   1 
HETATM 1123 O  O   . HOH E 4 .  ? 5.088   0.568   3.391   1.00 19.83 ? 79  HOH B O   1 
HETATM 1124 O  O   . HOH E 4 .  ? 5.977   12.737  13.026  1.00 25.74 ? 81  HOH B O   1 
HETATM 1125 O  O   . HOH E 4 .  ? 4.114   4.364   -3.217  1.00 24.51 ? 83  HOH B O   1 
HETATM 1126 O  O   . HOH E 4 .  ? -3.757  7.222   19.102  1.00 25.21 ? 84  HOH B O   1 
HETATM 1127 O  O   . HOH E 4 .  ? -6.338  5.976   -0.823  1.00 21.84 ? 85  HOH B O   1 
HETATM 1128 O  O   . HOH E 4 .  ? -0.173  13.543  8.034   1.00 27.08 ? 86  HOH B O   1 
HETATM 1129 O  O   . HOH E 4 .  ? -6.217  3.975   -2.455  1.00 23.03 ? 87  HOH B O   1 
HETATM 1130 O  O   . HOH E 4 .  ? -8.032  1.895   -2.299  1.00 23.63 ? 93  HOH B O   1 
HETATM 1131 O  O   . HOH E 4 .  ? -9.375  8.882   12.994  1.00 34.77 ? 98  HOH B O   1 
HETATM 1132 O  O   . HOH E 4 .  ? 8.198   5.173   6.459   1.00 28.19 ? 100 HOH B O   1 
HETATM 1133 O  O   . HOH E 4 .  ? -6.940  -5.898  17.483  1.00 49.06 ? 102 HOH B O   1 
HETATM 1134 O  O   . HOH E 4 .  ? 10.009  11.207  11.719  1.00 24.26 ? 105 HOH B O   1 
HETATM 1135 O  O   . HOH E 4 .  ? 1.468   5.754   -3.272  1.00 29.36 ? 107 HOH B O   1 
HETATM 1136 O  O   . HOH E 4 .  ? 10.784  -2.096  9.660   1.00 41.17 ? 109 HOH B O   1 
HETATM 1137 O  O   . HOH E 4 .  ? -8.071  13.198  7.148   1.00 36.84 ? 110 HOH B O   1 
HETATM 1138 O  O   . HOH E 4 .  ? -1.671  12.621  2.733   1.00 36.94 ? 111 HOH B O   1 
HETATM 1139 O  O   . HOH E 4 .  ? -0.239  -5.915  15.156  1.00 37.00 ? 114 HOH B O   1 
HETATM 1140 O  O   . HOH E 4 .  ? -7.754  -8.226  9.824   1.00 34.34 ? 115 HOH B O   1 
HETATM 1141 O  O   . HOH E 4 .  ? -6.479  9.910   4.503   1.00 32.66 ? 116 HOH B O   1 
HETATM 1142 O  O   . HOH E 4 .  ? -5.939  -4.095  -0.241  1.00 24.95 ? 118 HOH B O   1 
HETATM 1143 O  O   . HOH E 4 .  ? 2.403   -8.555  10.240  1.00 53.54 ? 119 HOH B O   1 
HETATM 1144 O  O   . HOH E 4 .  ? 10.498  10.148  18.441  1.00 42.07 ? 120 HOH B O   1 
HETATM 1145 O  O   . HOH E 4 .  ? -4.753  12.883  2.155   1.00 43.86 ? 121 HOH B O   1 
HETATM 1146 O  O   . HOH E 4 .  ? 6.207   9.368   18.854  1.00 40.92 ? 122 HOH B O   1 
HETATM 1147 O  O   . HOH E 4 .  ? -8.464  10.707  5.639   1.00 29.62 ? 123 HOH B O   1 
HETATM 1148 O  O   . HOH E 4 .  ? -11.034 4.125   4.015   1.00 29.74 ? 125 HOH B O   1 
HETATM 1149 O  O   . HOH E 4 .  ? 7.169   2.358   2.421   1.00 43.76 ? 126 HOH B O   1 
HETATM 1150 O  O   . HOH E 4 .  ? -9.253  6.619   -2.048  1.00 37.42 ? 127 HOH B O   1 
HETATM 1151 O  O   . HOH E 4 .  ? -15.682 3.171   5.911   1.00 42.87 ? 129 HOH B O   1 
HETATM 1152 O  O   . HOH E 4 .  ? 4.356   11.771  31.581  1.00 46.21 ? 130 HOH B O   1 
HETATM 1153 O  O   . HOH E 4 .  ? -11.483 -10.385 -1.045  1.00 36.37 ? 131 HOH B O   1 
HETATM 1154 O  O   . HOH E 4 .  ? 7.089   11.023  21.332  1.00 33.09 ? 132 HOH B O   1 
HETATM 1155 O  O   . HOH E 4 .  ? 6.379   -3.413  6.078   1.00 34.58 ? 133 HOH B O   1 
HETATM 1156 O  O   . HOH E 4 .  ? -6.468  15.038  3.595   1.00 41.22 ? 134 HOH B O   1 
HETATM 1157 O  O   . HOH E 4 .  ? 0.124   13.700  37.525  1.00 45.47 ? 136 HOH B O   1 
HETATM 1158 O  O   . HOH E 4 .  ? -11.542 2.006   -2.614  1.00 33.91 ? 138 HOH B O   1 
HETATM 1159 O  O   . HOH E 4 .  ? -13.092 3.028   5.416   1.00 46.08 ? 139 HOH B O   1 
HETATM 1160 O  O   . HOH E 4 .  ? -8.754  13.207  14.946  1.00 44.26 ? 140 HOH B O   1 
HETATM 1161 O  O   . HOH E 4 .  ? 3.488   -5.391  15.502  1.00 38.21 ? 141 HOH B O   1 
HETATM 1162 O  O   . HOH E 4 .  ? -15.220 -6.664  4.323   1.00 43.56 ? 142 HOH B O   1 
HETATM 1163 O  O   . HOH E 4 .  ? -8.374  1.847   14.490  1.00 26.66 ? 144 HOH B O   1 
HETATM 1164 O  O   . HOH E 4 .  ? -12.967 -3.322  10.301  1.00 44.68 ? 146 HOH B O   1 
HETATM 1165 O  O   . HOH E 4 .  ? 8.657   -4.164  7.395   1.00 45.00 ? 147 HOH B O   1 
HETATM 1166 O  O   . HOH E 4 .  ? 7.214   -4.945  14.313  1.00 38.33 ? 148 HOH B O   1 
HETATM 1167 O  O   . HOH E 4 .  ? -2.616  15.723  9.685   1.00 33.33 ? 149 HOH B O   1 
HETATM 1168 O  O   . HOH E 4 .  ? 4.960   22.087  39.394  1.00 54.79 ? 150 HOH B O   1 
HETATM 1169 O  O   . HOH E 4 .  ? -1.642  11.288  -0.660  1.00 43.47 ? 152 HOH B O   1 
HETATM 1170 O  O   . HOH E 4 .  ? 6.826   24.052  39.317  1.00 47.39 ? 153 HOH B O   1 
# 
_atom_site_anisotrop.id                   1094 
_atom_site_anisotrop.type_symbol          CD 
_atom_site_anisotrop.pdbx_label_atom_id   CD 
_atom_site_anisotrop.pdbx_label_alt_id    . 
_atom_site_anisotrop.pdbx_label_comp_id   CD 
_atom_site_anisotrop.pdbx_label_asym_id   C 
_atom_site_anisotrop.pdbx_label_seq_id    . 
_atom_site_anisotrop.pdbx_PDB_ins_code    ? 
_atom_site_anisotrop.U[1][1]              0.2829 
_atom_site_anisotrop.U[2][2]              0.3101 
_atom_site_anisotrop.U[3][3]              0.3328 
_atom_site_anisotrop.U[1][2]              -0.0521 
_atom_site_anisotrop.U[1][3]              0.0628 
_atom_site_anisotrop.U[2][3]              -0.0025 
_atom_site_anisotrop.pdbx_auth_seq_id     1 
_atom_site_anisotrop.pdbx_auth_comp_id    CD 
_atom_site_anisotrop.pdbx_auth_asym_id    B 
_atom_site_anisotrop.pdbx_auth_atom_id    CD 
# 
loop_
_pdbx_poly_seq_scheme.asym_id 
_pdbx_poly_seq_scheme.entity_id 
_pdbx_poly_seq_scheme.seq_id 
_pdbx_poly_seq_scheme.mon_id 
_pdbx_poly_seq_scheme.ndb_seq_num 
_pdbx_poly_seq_scheme.pdb_seq_num 
_pdbx_poly_seq_scheme.auth_seq_num 
_pdbx_poly_seq_scheme.pdb_mon_id 
_pdbx_poly_seq_scheme.auth_mon_id 
_pdbx_poly_seq_scheme.pdb_strand_id 
_pdbx_poly_seq_scheme.pdb_ins_code 
_pdbx_poly_seq_scheme.hetero 
A 1 1  PRO 1  2  2  PRO PRO A . n 
A 1 2  LYS 2  3  3  LYS LYS A . n 
A 1 3  HIS 3  4  4  HIS HIS A . n 
A 1 4  GLU 4  5  5  GLU GLU A . n 
A 1 5  PHE 5  6  6  PHE PHE A . n 
A 1 6  SER 6  7  7  SER SER A . n 
A 1 7  VAL 7  8  8  VAL VAL A . n 
A 1 8  ASP 8  9  9  ASP ASP A . n 
A 1 9  MET 9  10 10 MET MET A . n 
A 1 10 THR 10 11 11 THR THR A . n 
A 1 11 CYS 11 12 12 CYS CYS A . n 
A 1 12 GLY 12 13 13 GLY GLY A . n 
A 1 13 GLY 13 14 14 GLY GLY A . n 
A 1 14 CYS 14 15 15 CYS CYS A . n 
A 1 15 ALA 15 16 16 ALA ALA A . n 
A 1 16 GLU 16 17 17 GLU GLU A . n 
A 1 17 ALA 17 18 18 ALA ALA A . n 
A 1 18 VAL 18 19 19 VAL VAL A . n 
A 1 19 SER 19 20 20 SER SER A . n 
A 1 20 ARG 20 21 21 ARG ARG A . n 
A 1 21 VAL 21 22 22 VAL VAL A . n 
A 1 22 LEU 22 23 23 LEU LEU A . n 
A 1 23 ASN 23 24 24 ASN ASN A . n 
A 1 24 LYS 24 25 25 LYS LYS A . n 
A 1 25 LEU 25 26 26 LEU LEU A . n 
A 1 26 GLY 26 27 27 GLY GLY A . n 
A 1 27 GLY 27 28 28 GLY GLY A . n 
A 1 28 VAL 28 29 29 VAL VAL A . n 
A 1 29 LYS 29 30 30 LYS LYS A . n 
A 1 30 TYR 30 31 31 TYR TYR A . n 
A 1 31 ASP 31 32 32 ASP ASP A . n 
A 1 32 ILE 32 33 33 ILE ILE A . n 
A 1 33 ASP 33 34 34 ASP ASP A . n 
A 1 34 LEU 34 35 35 LEU LEU A . n 
A 1 35 PRO 35 36 36 PRO PRO A . n 
A 1 36 ASN 36 37 37 ASN ASN A . n 
A 1 37 LYS 37 38 38 LYS LYS A . n 
A 1 38 LYS 38 39 39 LYS LYS A . n 
A 1 39 VAL 39 40 40 VAL VAL A . n 
A 1 40 CYS 40 41 41 CYS CYS A . n 
A 1 41 ILE 41 42 42 ILE ILE A . n 
A 1 42 GLU 42 43 43 GLU GLU A . n 
A 1 43 SER 43 44 44 SER SER A . n 
A 1 44 GLU 44 45 45 GLU GLU A . n 
A 1 45 HIS 45 46 46 HIS HIS A . n 
A 1 46 SER 46 47 47 SER SER A . n 
A 1 47 MET 47 48 48 MET MET A . n 
A 1 48 ASP 48 49 49 ASP ASP A . n 
A 1 49 THR 49 50 50 THR THR A . n 
A 1 50 LEU 50 51 51 LEU LEU A . n 
A 1 51 LEU 51 52 52 LEU LEU A . n 
A 1 52 ALA 52 53 53 ALA ALA A . n 
A 1 53 THR 53 54 54 THR THR A . n 
A 1 54 LEU 54 55 55 LEU LEU A . n 
A 1 55 LYS 55 56 56 LYS LYS A . n 
A 1 56 LYS 56 57 57 LYS LYS A . n 
A 1 57 THR 57 58 58 THR THR A . n 
A 1 58 GLY 58 59 59 GLY GLY A . n 
A 1 59 LYS 59 60 60 LYS LYS A . n 
A 1 60 THR 60 61 61 THR THR A . n 
A 1 61 VAL 61 62 62 VAL VAL A . n 
A 1 62 SER 62 63 63 SER SER A . n 
A 1 63 TYR 63 64 64 TYR TYR A . n 
A 1 64 LEU 64 65 65 LEU LEU A . n 
A 1 65 GLY 65 66 66 GLY GLY A . n 
A 1 66 LEU 66 67 67 LEU LEU A . n 
A 1 67 GLU 67 68 68 GLU GLU A . n 
A 1 68 ILE 68 69 69 ILE ILE A . n 
B 2 1  VAL 1  3  3  VAL VAL B . n 
B 2 2  ASN 2  4  4  ASN ASN B . n 
B 2 3  SER 3  5  5  SER SER B . n 
B 2 4  VAL 4  6  6  VAL VAL B . n 
B 2 5  THR 5  7  7  THR THR B . n 
B 2 6  ILE 6  8  8  ILE ILE B . n 
B 2 7  SER 7  9  9  SER SER B . n 
B 2 8  VAL 8  10 10 VAL VAL B . n 
B 2 9  GLU 9  11 11 GLU GLU B . n 
B 2 10 GLY 10 12 12 GLY GLY B . n 
B 2 11 MET 11 13 13 MET MET B . n 
B 2 12 THR 12 14 14 THR THR B . n 
B 2 13 CYS 13 15 15 CYS CYS B . n 
B 2 14 ASN 14 16 16 ASN ASN B . n 
B 2 15 SER 15 17 17 SER SER B . n 
B 2 16 CYS 16 18 18 CYS CYS B . n 
B 2 17 VAL 17 19 19 VAL VAL B . n 
B 2 18 TRP 18 20 20 TRP TRP B . n 
B 2 19 THR 19 21 21 THR THR B . n 
B 2 20 ILE 20 22 22 ILE ILE B . n 
B 2 21 GLU 21 23 23 GLU GLU B . n 
B 2 22 GLN 22 24 24 GLN GLN B . n 
B 2 23 GLN 23 25 25 GLN GLN B . n 
B 2 24 ILE 24 26 26 ILE ILE B . n 
B 2 25 GLY 25 27 27 GLY GLY B . n 
B 2 26 LYS 26 28 28 LYS LYS B . n 
B 2 27 VAL 27 29 29 VAL VAL B . n 
B 2 28 ASN 28 30 30 ASN ASN B . n 
B 2 29 GLY 29 31 31 GLY GLY B . n 
B 2 30 VAL 30 32 32 VAL VAL B . n 
B 2 31 HIS 31 33 33 HIS HIS B . n 
B 2 32 HIS 32 34 34 HIS HIS B . n 
B 2 33 ILE 33 35 35 ILE ILE B . n 
B 2 34 LYS 34 36 36 LYS LYS B . n 
B 2 35 VAL 35 37 37 VAL VAL B . n 
B 2 36 SER 36 38 38 SER SER B . n 
B 2 37 LEU 37 39 39 LEU LEU B . n 
B 2 38 GLU 38 40 40 GLU GLU B . n 
B 2 39 GLU 39 41 41 GLU GLU B . n 
B 2 40 LYS 40 42 42 LYS LYS B . n 
B 2 41 ASN 41 43 43 ASN ASN B . n 
B 2 42 ALA 42 44 44 ALA ALA B . n 
B 2 43 THR 43 45 45 THR THR B . n 
B 2 44 ILE 44 46 46 ILE ILE B . n 
B 2 45 ILE 45 47 47 ILE ILE B . n 
B 2 46 TYR 46 48 48 TYR TYR B . n 
B 2 47 ASP 47 49 49 ASP ASP B . n 
B 2 48 PRO 48 50 50 PRO PRO B . n 
B 2 49 LYS 49 51 51 LYS LYS B . n 
B 2 50 LEU 50 52 52 LEU LEU B . n 
B 2 51 GLN 51 53 53 GLN GLN B . n 
B 2 52 THR 52 54 54 THR THR B . n 
B 2 53 PRO 53 55 55 PRO PRO B . n 
B 2 54 LYS 54 56 56 LYS LYS B . n 
B 2 55 THR 55 57 57 THR THR B . n 
B 2 56 LEU 56 58 58 LEU LEU B . n 
B 2 57 GLN 57 59 59 GLN GLN B . n 
B 2 58 GLU 58 60 60 GLU GLU B . n 
B 2 59 ALA 59 61 61 ALA ALA B . n 
B 2 60 ILE 60 62 62 ILE ILE B . n 
B 2 61 ASP 61 63 63 ASP ASP B . n 
B 2 62 ASP 62 64 64 ASP ASP B . n 
B 2 63 MET 63 65 65 MET MET B . n 
B 2 64 GLY 64 66 66 GLY GLY B . n 
B 2 65 PHE 65 67 67 PHE PHE B . n 
B 2 66 ASP 66 68 68 ASP ASP B . n 
B 2 67 ALA 67 69 69 ALA ALA B . n 
B 2 68 VAL 68 70 70 VAL VAL B . n 
B 2 69 ILE 69 71 71 ILE ILE B . n 
B 2 70 HIS 70 72 72 HIS HIS B . n 
B 2 71 ASN 71 73 73 ASN ASN B . n 
B 2 72 ILE 72 74 74 ILE ILE B . n 
B 2 73 GLU 73 75 75 GLU GLU B . n 
B 2 74 GLY 74 76 76 GLY GLY B . n 
B 2 75 ARG 75 77 77 ARG ARG B . n 
# 
loop_
_pdbx_nonpoly_scheme.asym_id 
_pdbx_nonpoly_scheme.entity_id 
_pdbx_nonpoly_scheme.mon_id 
_pdbx_nonpoly_scheme.ndb_seq_num 
_pdbx_nonpoly_scheme.pdb_seq_num 
_pdbx_nonpoly_scheme.auth_seq_num 
_pdbx_nonpoly_scheme.pdb_mon_id 
_pdbx_nonpoly_scheme.auth_mon_id 
_pdbx_nonpoly_scheme.pdb_strand_id 
_pdbx_nonpoly_scheme.pdb_ins_code 
C 3 CD  1  1   1  CD  CD  B . 
D 4 HOH 1  80  3  HOH HOH A . 
D 4 HOH 2  82  5  HOH HOH A . 
D 4 HOH 3  88  11 HOH HOH A . 
D 4 HOH 4  89  12 HOH HOH A . 
D 4 HOH 5  90  14 HOH HOH A . 
D 4 HOH 6  91  15 HOH HOH A . 
D 4 HOH 7  92  16 HOH HOH A . 
D 4 HOH 8  94  18 HOH HOH A . 
D 4 HOH 9  95  19 HOH HOH A . 
D 4 HOH 10 96  20 HOH HOH A . 
D 4 HOH 11 97  21 HOH HOH A . 
D 4 HOH 12 99  23 HOH HOH A . 
D 4 HOH 13 101 25 HOH HOH A . 
D 4 HOH 14 103 27 HOH HOH A . 
D 4 HOH 15 104 28 HOH HOH A . 
D 4 HOH 16 106 30 HOH HOH A . 
D 4 HOH 17 108 32 HOH HOH A . 
D 4 HOH 18 112 36 HOH HOH A . 
D 4 HOH 19 113 37 HOH HOH A . 
D 4 HOH 20 117 42 HOH HOH A . 
D 4 HOH 21 124 50 HOH HOH A . 
D 4 HOH 22 128 54 HOH HOH A . 
D 4 HOH 23 135 62 HOH HOH A . 
D 4 HOH 24 137 64 HOH HOH A . 
D 4 HOH 25 143 71 HOH HOH A . 
D 4 HOH 26 145 73 HOH HOH A . 
D 4 HOH 27 151 82 HOH HOH A . 
E 4 HOH 1  78  1  HOH HOH B . 
E 4 HOH 2  79  2  HOH HOH B . 
E 4 HOH 3  81  4  HOH HOH B . 
E 4 HOH 4  83  6  HOH HOH B . 
E 4 HOH 5  84  7  HOH HOH B . 
E 4 HOH 6  85  8  HOH HOH B . 
E 4 HOH 7  86  9  HOH HOH B . 
E 4 HOH 8  87  10 HOH HOH B . 
E 4 HOH 9  93  17 HOH HOH B . 
E 4 HOH 10 98  22 HOH HOH B . 
E 4 HOH 11 100 24 HOH HOH B . 
E 4 HOH 12 102 26 HOH HOH B . 
E 4 HOH 13 105 29 HOH HOH B . 
E 4 HOH 14 107 31 HOH HOH B . 
E 4 HOH 15 109 33 HOH HOH B . 
E 4 HOH 16 110 34 HOH HOH B . 
E 4 HOH 17 111 35 HOH HOH B . 
E 4 HOH 18 114 39 HOH HOH B . 
E 4 HOH 19 115 40 HOH HOH B . 
E 4 HOH 20 116 41 HOH HOH B . 
E 4 HOH 21 118 43 HOH HOH B . 
E 4 HOH 22 119 44 HOH HOH B . 
E 4 HOH 23 120 45 HOH HOH B . 
E 4 HOH 24 121 46 HOH HOH B . 
E 4 HOH 25 122 47 HOH HOH B . 
E 4 HOH 26 123 48 HOH HOH B . 
E 4 HOH 27 125 51 HOH HOH B . 
E 4 HOH 28 126 52 HOH HOH B . 
E 4 HOH 29 127 53 HOH HOH B . 
E 4 HOH 30 129 55 HOH HOH B . 
E 4 HOH 31 130 57 HOH HOH B . 
E 4 HOH 32 131 58 HOH HOH B . 
E 4 HOH 33 132 59 HOH HOH B . 
E 4 HOH 34 133 60 HOH HOH B . 
E 4 HOH 35 134 61 HOH HOH B . 
E 4 HOH 36 136 63 HOH HOH B . 
E 4 HOH 37 138 65 HOH HOH B . 
E 4 HOH 38 139 67 HOH HOH B . 
E 4 HOH 39 140 68 HOH HOH B . 
E 4 HOH 40 141 69 HOH HOH B . 
E 4 HOH 41 142 70 HOH HOH B . 
E 4 HOH 42 144 72 HOH HOH B . 
E 4 HOH 43 146 74 HOH HOH B . 
E 4 HOH 44 147 76 HOH HOH B . 
E 4 HOH 45 148 77 HOH HOH B . 
E 4 HOH 46 149 79 HOH HOH B . 
E 4 HOH 47 150 81 HOH HOH B . 
E 4 HOH 48 152 83 HOH HOH B . 
E 4 HOH 49 153 84 HOH HOH B . 
# 
loop_
_pdbx_struct_assembly.id 
_pdbx_struct_assembly.details 
_pdbx_struct_assembly.method_details 
_pdbx_struct_assembly.oligomeric_details 
_pdbx_struct_assembly.oligomeric_count 
1 author_and_software_defined_assembly PISA monomeric 1 
2 author_and_software_defined_assembly PISA monomeric 1 
# 
loop_
_pdbx_struct_assembly_gen.assembly_id 
_pdbx_struct_assembly_gen.oper_expression 
_pdbx_struct_assembly_gen.asym_id_list 
1 1 A,D   
2 1 B,C,E 
# 
_pdbx_struct_oper_list.id                   1 
_pdbx_struct_oper_list.type                 'identity operation' 
_pdbx_struct_oper_list.name                 1_555 
_pdbx_struct_oper_list.symmetry_operation   x,y,z 
_pdbx_struct_oper_list.matrix[1][1]         1.0000000000 
_pdbx_struct_oper_list.matrix[1][2]         0.0000000000 
_pdbx_struct_oper_list.matrix[1][3]         0.0000000000 
_pdbx_struct_oper_list.vector[1]            0.0000000000 
_pdbx_struct_oper_list.matrix[2][1]         0.0000000000 
_pdbx_struct_oper_list.matrix[2][2]         1.0000000000 
_pdbx_struct_oper_list.matrix[2][3]         0.0000000000 
_pdbx_struct_oper_list.vector[2]            0.0000000000 
_pdbx_struct_oper_list.matrix[3][1]         0.0000000000 
_pdbx_struct_oper_list.matrix[3][2]         0.0000000000 
_pdbx_struct_oper_list.matrix[3][3]         1.0000000000 
_pdbx_struct_oper_list.vector[3]            0.0000000000 
# 
loop_
_pdbx_audit_revision_history.ordinal 
_pdbx_audit_revision_history.data_content_type 
_pdbx_audit_revision_history.major_revision 
_pdbx_audit_revision_history.minor_revision 
_pdbx_audit_revision_history.revision_date 
1 'Structure model' 1 0 2008-12-30 
2 'Structure model' 1 1 2011-07-13 
3 'Structure model' 1 2 2023-08-30 
# 
_pdbx_audit_revision_details.ordinal             1 
_pdbx_audit_revision_details.revision_ordinal    1 
_pdbx_audit_revision_details.data_content_type   'Structure model' 
_pdbx_audit_revision_details.provider            repository 
_pdbx_audit_revision_details.type                'Initial release' 
_pdbx_audit_revision_details.description         ? 
_pdbx_audit_revision_details.details             ? 
# 
loop_
_pdbx_audit_revision_group.ordinal 
_pdbx_audit_revision_group.revision_ordinal 
_pdbx_audit_revision_group.data_content_type 
_pdbx_audit_revision_group.group 
1 2 'Structure model' 'Version format compliance' 
2 3 'Structure model' 'Data collection'           
3 3 'Structure model' 'Database references'       
4 3 'Structure model' 'Derived calculations'      
5 3 'Structure model' 'Refinement description'    
# 
loop_
_pdbx_audit_revision_category.ordinal 
_pdbx_audit_revision_category.revision_ordinal 
_pdbx_audit_revision_category.data_content_type 
_pdbx_audit_revision_category.category 
1 3 'Structure model' chem_comp_atom                
2 3 'Structure model' chem_comp_bond                
3 3 'Structure model' database_2                    
4 3 'Structure model' pdbx_initial_refinement_model 
5 3 'Structure model' struct_conn                   
6 3 'Structure model' struct_ref_seq_dif            
7 3 'Structure model' struct_site                   
# 
loop_
_pdbx_audit_revision_item.ordinal 
_pdbx_audit_revision_item.revision_ordinal 
_pdbx_audit_revision_item.data_content_type 
_pdbx_audit_revision_item.item 
1  3 'Structure model' '_database_2.pdbx_DOI'                
2  3 'Structure model' '_database_2.pdbx_database_accession' 
3  3 'Structure model' '_struct_conn.ptnr1_auth_comp_id'     
4  3 'Structure model' '_struct_conn.ptnr1_auth_seq_id'      
5  3 'Structure model' '_struct_conn.ptnr1_label_asym_id'    
6  3 'Structure model' '_struct_conn.ptnr1_label_atom_id'    
7  3 'Structure model' '_struct_conn.ptnr1_label_comp_id'    
8  3 'Structure model' '_struct_conn.ptnr1_label_seq_id'     
9  3 'Structure model' '_struct_conn.ptnr2_auth_comp_id'     
10 3 'Structure model' '_struct_conn.ptnr2_auth_seq_id'      
11 3 'Structure model' '_struct_conn.ptnr2_label_asym_id'    
12 3 'Structure model' '_struct_conn.ptnr2_label_atom_id'    
13 3 'Structure model' '_struct_conn.ptnr2_label_comp_id'    
14 3 'Structure model' '_struct_conn.ptnr2_label_seq_id'     
15 3 'Structure model' '_struct_ref_seq_dif.details'         
16 3 'Structure model' '_struct_site.pdbx_auth_asym_id'      
17 3 'Structure model' '_struct_site.pdbx_auth_comp_id'      
18 3 'Structure model' '_struct_site.pdbx_auth_seq_id'       
# 
loop_
_software.name 
_software.classification 
_software.version 
_software.citation_id 
_software.pdbx_ordinal 
REFMAC refinement        5.4.0067 ? 1 
ADSC   'data collection' Quantum  ? 2 
MOSFLM 'data reduction'  .        ? 3 
SCALA  'data scaling'    .        ? 4 
MOLREP phasing           .        ? 5 
# 
loop_
_pdbx_validate_symm_contact.id 
_pdbx_validate_symm_contact.PDB_model_num 
_pdbx_validate_symm_contact.auth_atom_id_1 
_pdbx_validate_symm_contact.auth_asym_id_1 
_pdbx_validate_symm_contact.auth_comp_id_1 
_pdbx_validate_symm_contact.auth_seq_id_1 
_pdbx_validate_symm_contact.PDB_ins_code_1 
_pdbx_validate_symm_contact.label_alt_id_1 
_pdbx_validate_symm_contact.site_symmetry_1 
_pdbx_validate_symm_contact.auth_atom_id_2 
_pdbx_validate_symm_contact.auth_asym_id_2 
_pdbx_validate_symm_contact.auth_comp_id_2 
_pdbx_validate_symm_contact.auth_seq_id_2 
_pdbx_validate_symm_contact.PDB_ins_code_2 
_pdbx_validate_symm_contact.label_alt_id_2 
_pdbx_validate_symm_contact.site_symmetry_2 
_pdbx_validate_symm_contact.dist 
1 1 O A HOH 124 ? ? 1_555 O B HOH 150 ? ? 3_544 2.19 
2 1 O A HOH 96  ? ? 1_555 O B HOH 140 ? ? 3_544 2.19 
# 
loop_
_pdbx_validate_rmsd_bond.id 
_pdbx_validate_rmsd_bond.PDB_model_num 
_pdbx_validate_rmsd_bond.auth_atom_id_1 
_pdbx_validate_rmsd_bond.auth_asym_id_1 
_pdbx_validate_rmsd_bond.auth_comp_id_1 
_pdbx_validate_rmsd_bond.auth_seq_id_1 
_pdbx_validate_rmsd_bond.PDB_ins_code_1 
_pdbx_validate_rmsd_bond.label_alt_id_1 
_pdbx_validate_rmsd_bond.auth_atom_id_2 
_pdbx_validate_rmsd_bond.auth_asym_id_2 
_pdbx_validate_rmsd_bond.auth_comp_id_2 
_pdbx_validate_rmsd_bond.auth_seq_id_2 
_pdbx_validate_rmsd_bond.PDB_ins_code_2 
_pdbx_validate_rmsd_bond.label_alt_id_2 
_pdbx_validate_rmsd_bond.bond_value 
_pdbx_validate_rmsd_bond.bond_target_value 
_pdbx_validate_rmsd_bond.bond_deviation 
_pdbx_validate_rmsd_bond.bond_standard_deviation 
_pdbx_validate_rmsd_bond.linker_flag 
1 1 N  A THR 11 ? ? CA A THR 11 ? ? 1.322 1.459 -0.137 0.020 N 
2 1 CG A GLU 45 ? ? CD A GLU 45 ? ? 1.612 1.515 0.097  0.015 N 
# 
loop_
_pdbx_validate_rmsd_angle.id 
_pdbx_validate_rmsd_angle.PDB_model_num 
_pdbx_validate_rmsd_angle.auth_atom_id_1 
_pdbx_validate_rmsd_angle.auth_asym_id_1 
_pdbx_validate_rmsd_angle.auth_comp_id_1 
_pdbx_validate_rmsd_angle.auth_seq_id_1 
_pdbx_validate_rmsd_angle.PDB_ins_code_1 
_pdbx_validate_rmsd_angle.label_alt_id_1 
_pdbx_validate_rmsd_angle.auth_atom_id_2 
_pdbx_validate_rmsd_angle.auth_asym_id_2 
_pdbx_validate_rmsd_angle.auth_comp_id_2 
_pdbx_validate_rmsd_angle.auth_seq_id_2 
_pdbx_validate_rmsd_angle.PDB_ins_code_2 
_pdbx_validate_rmsd_angle.label_alt_id_2 
_pdbx_validate_rmsd_angle.auth_atom_id_3 
_pdbx_validate_rmsd_angle.auth_asym_id_3 
_pdbx_validate_rmsd_angle.auth_comp_id_3 
_pdbx_validate_rmsd_angle.auth_seq_id_3 
_pdbx_validate_rmsd_angle.PDB_ins_code_3 
_pdbx_validate_rmsd_angle.label_alt_id_3 
_pdbx_validate_rmsd_angle.angle_value 
_pdbx_validate_rmsd_angle.angle_target_value 
_pdbx_validate_rmsd_angle.angle_deviation 
_pdbx_validate_rmsd_angle.angle_standard_deviation 
_pdbx_validate_rmsd_angle.linker_flag 
1 1 CG A ARG 21 ? ? CD A ARG 21 ? ? NE  A ARG 21 ? ? 126.84 111.80 15.04 2.10 N 
2 1 CD A LYS 38 ? ? CE A LYS 38 ? ? NZ  A LYS 38 ? ? 125.65 111.70 13.95 2.30 N 
3 1 CB B ASP 63 ? ? CG B ASP 63 ? ? OD1 B ASP 63 ? ? 124.46 118.30 6.16  0.90 N 
# 
_pdbx_validate_torsion.id              1 
_pdbx_validate_torsion.PDB_model_num   1 
_pdbx_validate_torsion.auth_comp_id    ASP 
_pdbx_validate_torsion.auth_asym_id    A 
_pdbx_validate_torsion.auth_seq_id     9 
_pdbx_validate_torsion.PDB_ins_code    ? 
_pdbx_validate_torsion.label_alt_id    ? 
_pdbx_validate_torsion.phi             -67.46 
_pdbx_validate_torsion.psi             76.86 
# 
loop_
_chem_comp_atom.comp_id 
_chem_comp_atom.atom_id 
_chem_comp_atom.type_symbol 
_chem_comp_atom.pdbx_aromatic_flag 
_chem_comp_atom.pdbx_stereo_config 
_chem_comp_atom.pdbx_ordinal 
ALA N    N  N N 1   
ALA CA   C  N S 2   
ALA C    C  N N 3   
ALA O    O  N N 4   
ALA CB   C  N N 5   
ALA OXT  O  N N 6   
ALA H    H  N N 7   
ALA H2   H  N N 8   
ALA HA   H  N N 9   
ALA HB1  H  N N 10  
ALA HB2  H  N N 11  
ALA HB3  H  N N 12  
ALA HXT  H  N N 13  
ARG N    N  N N 14  
ARG CA   C  N S 15  
ARG C    C  N N 16  
ARG O    O  N N 17  
ARG CB   C  N N 18  
ARG CG   C  N N 19  
ARG CD   C  N N 20  
ARG NE   N  N N 21  
ARG CZ   C  N N 22  
ARG NH1  N  N N 23  
ARG NH2  N  N N 24  
ARG OXT  O  N N 25  
ARG H    H  N N 26  
ARG H2   H  N N 27  
ARG HA   H  N N 28  
ARG HB2  H  N N 29  
ARG HB3  H  N N 30  
ARG HG2  H  N N 31  
ARG HG3  H  N N 32  
ARG HD2  H  N N 33  
ARG HD3  H  N N 34  
ARG HE   H  N N 35  
ARG HH11 H  N N 36  
ARG HH12 H  N N 37  
ARG HH21 H  N N 38  
ARG HH22 H  N N 39  
ARG HXT  H  N N 40  
ASN N    N  N N 41  
ASN CA   C  N S 42  
ASN C    C  N N 43  
ASN O    O  N N 44  
ASN CB   C  N N 45  
ASN CG   C  N N 46  
ASN OD1  O  N N 47  
ASN ND2  N  N N 48  
ASN OXT  O  N N 49  
ASN H    H  N N 50  
ASN H2   H  N N 51  
ASN HA   H  N N 52  
ASN HB2  H  N N 53  
ASN HB3  H  N N 54  
ASN HD21 H  N N 55  
ASN HD22 H  N N 56  
ASN HXT  H  N N 57  
ASP N    N  N N 58  
ASP CA   C  N S 59  
ASP C    C  N N 60  
ASP O    O  N N 61  
ASP CB   C  N N 62  
ASP CG   C  N N 63  
ASP OD1  O  N N 64  
ASP OD2  O  N N 65  
ASP OXT  O  N N 66  
ASP H    H  N N 67  
ASP H2   H  N N 68  
ASP HA   H  N N 69  
ASP HB2  H  N N 70  
ASP HB3  H  N N 71  
ASP HD2  H  N N 72  
ASP HXT  H  N N 73  
CD  CD   CD N N 74  
CYS N    N  N N 75  
CYS CA   C  N R 76  
CYS C    C  N N 77  
CYS O    O  N N 78  
CYS CB   C  N N 79  
CYS SG   S  N N 80  
CYS OXT  O  N N 81  
CYS H    H  N N 82  
CYS H2   H  N N 83  
CYS HA   H  N N 84  
CYS HB2  H  N N 85  
CYS HB3  H  N N 86  
CYS HG   H  N N 87  
CYS HXT  H  N N 88  
GLN N    N  N N 89  
GLN CA   C  N S 90  
GLN C    C  N N 91  
GLN O    O  N N 92  
GLN CB   C  N N 93  
GLN CG   C  N N 94  
GLN CD   C  N N 95  
GLN OE1  O  N N 96  
GLN NE2  N  N N 97  
GLN OXT  O  N N 98  
GLN H    H  N N 99  
GLN H2   H  N N 100 
GLN HA   H  N N 101 
GLN HB2  H  N N 102 
GLN HB3  H  N N 103 
GLN HG2  H  N N 104 
GLN HG3  H  N N 105 
GLN HE21 H  N N 106 
GLN HE22 H  N N 107 
GLN HXT  H  N N 108 
GLU N    N  N N 109 
GLU CA   C  N S 110 
GLU C    C  N N 111 
GLU O    O  N N 112 
GLU CB   C  N N 113 
GLU CG   C  N N 114 
GLU CD   C  N N 115 
GLU OE1  O  N N 116 
GLU OE2  O  N N 117 
GLU OXT  O  N N 118 
GLU H    H  N N 119 
GLU H2   H  N N 120 
GLU HA   H  N N 121 
GLU HB2  H  N N 122 
GLU HB3  H  N N 123 
GLU HG2  H  N N 124 
GLU HG3  H  N N 125 
GLU HE2  H  N N 126 
GLU HXT  H  N N 127 
GLY N    N  N N 128 
GLY CA   C  N N 129 
GLY C    C  N N 130 
GLY O    O  N N 131 
GLY OXT  O  N N 132 
GLY H    H  N N 133 
GLY H2   H  N N 134 
GLY HA2  H  N N 135 
GLY HA3  H  N N 136 
GLY HXT  H  N N 137 
HIS N    N  N N 138 
HIS CA   C  N S 139 
HIS C    C  N N 140 
HIS O    O  N N 141 
HIS CB   C  N N 142 
HIS CG   C  Y N 143 
HIS ND1  N  Y N 144 
HIS CD2  C  Y N 145 
HIS CE1  C  Y N 146 
HIS NE2  N  Y N 147 
HIS OXT  O  N N 148 
HIS H    H  N N 149 
HIS H2   H  N N 150 
HIS HA   H  N N 151 
HIS HB2  H  N N 152 
HIS HB3  H  N N 153 
HIS HD1  H  N N 154 
HIS HD2  H  N N 155 
HIS HE1  H  N N 156 
HIS HE2  H  N N 157 
HIS HXT  H  N N 158 
HOH O    O  N N 159 
HOH H1   H  N N 160 
HOH H2   H  N N 161 
ILE N    N  N N 162 
ILE CA   C  N S 163 
ILE C    C  N N 164 
ILE O    O  N N 165 
ILE CB   C  N S 166 
ILE CG1  C  N N 167 
ILE CG2  C  N N 168 
ILE CD1  C  N N 169 
ILE OXT  O  N N 170 
ILE H    H  N N 171 
ILE H2   H  N N 172 
ILE HA   H  N N 173 
ILE HB   H  N N 174 
ILE HG12 H  N N 175 
ILE HG13 H  N N 176 
ILE HG21 H  N N 177 
ILE HG22 H  N N 178 
ILE HG23 H  N N 179 
ILE HD11 H  N N 180 
ILE HD12 H  N N 181 
ILE HD13 H  N N 182 
ILE HXT  H  N N 183 
LEU N    N  N N 184 
LEU CA   C  N S 185 
LEU C    C  N N 186 
LEU O    O  N N 187 
LEU CB   C  N N 188 
LEU CG   C  N N 189 
LEU CD1  C  N N 190 
LEU CD2  C  N N 191 
LEU OXT  O  N N 192 
LEU H    H  N N 193 
LEU H2   H  N N 194 
LEU HA   H  N N 195 
LEU HB2  H  N N 196 
LEU HB3  H  N N 197 
LEU HG   H  N N 198 
LEU HD11 H  N N 199 
LEU HD12 H  N N 200 
LEU HD13 H  N N 201 
LEU HD21 H  N N 202 
LEU HD22 H  N N 203 
LEU HD23 H  N N 204 
LEU HXT  H  N N 205 
LYS N    N  N N 206 
LYS CA   C  N S 207 
LYS C    C  N N 208 
LYS O    O  N N 209 
LYS CB   C  N N 210 
LYS CG   C  N N 211 
LYS CD   C  N N 212 
LYS CE   C  N N 213 
LYS NZ   N  N N 214 
LYS OXT  O  N N 215 
LYS H    H  N N 216 
LYS H2   H  N N 217 
LYS HA   H  N N 218 
LYS HB2  H  N N 219 
LYS HB3  H  N N 220 
LYS HG2  H  N N 221 
LYS HG3  H  N N 222 
LYS HD2  H  N N 223 
LYS HD3  H  N N 224 
LYS HE2  H  N N 225 
LYS HE3  H  N N 226 
LYS HZ1  H  N N 227 
LYS HZ2  H  N N 228 
LYS HZ3  H  N N 229 
LYS HXT  H  N N 230 
MET N    N  N N 231 
MET CA   C  N S 232 
MET C    C  N N 233 
MET O    O  N N 234 
MET CB   C  N N 235 
MET CG   C  N N 236 
MET SD   S  N N 237 
MET CE   C  N N 238 
MET OXT  O  N N 239 
MET H    H  N N 240 
MET H2   H  N N 241 
MET HA   H  N N 242 
MET HB2  H  N N 243 
MET HB3  H  N N 244 
MET HG2  H  N N 245 
MET HG3  H  N N 246 
MET HE1  H  N N 247 
MET HE2  H  N N 248 
MET HE3  H  N N 249 
MET HXT  H  N N 250 
PHE N    N  N N 251 
PHE CA   C  N S 252 
PHE C    C  N N 253 
PHE O    O  N N 254 
PHE CB   C  N N 255 
PHE CG   C  Y N 256 
PHE CD1  C  Y N 257 
PHE CD2  C  Y N 258 
PHE CE1  C  Y N 259 
PHE CE2  C  Y N 260 
PHE CZ   C  Y N 261 
PHE OXT  O  N N 262 
PHE H    H  N N 263 
PHE H2   H  N N 264 
PHE HA   H  N N 265 
PHE HB2  H  N N 266 
PHE HB3  H  N N 267 
PHE HD1  H  N N 268 
PHE HD2  H  N N 269 
PHE HE1  H  N N 270 
PHE HE2  H  N N 271 
PHE HZ   H  N N 272 
PHE HXT  H  N N 273 
PRO N    N  N N 274 
PRO CA   C  N S 275 
PRO C    C  N N 276 
PRO O    O  N N 277 
PRO CB   C  N N 278 
PRO CG   C  N N 279 
PRO CD   C  N N 280 
PRO OXT  O  N N 281 
PRO H    H  N N 282 
PRO HA   H  N N 283 
PRO HB2  H  N N 284 
PRO HB3  H  N N 285 
PRO HG2  H  N N 286 
PRO HG3  H  N N 287 
PRO HD2  H  N N 288 
PRO HD3  H  N N 289 
PRO HXT  H  N N 290 
SER N    N  N N 291 
SER CA   C  N S 292 
SER C    C  N N 293 
SER O    O  N N 294 
SER CB   C  N N 295 
SER OG   O  N N 296 
SER OXT  O  N N 297 
SER H    H  N N 298 
SER H2   H  N N 299 
SER HA   H  N N 300 
SER HB2  H  N N 301 
SER HB3  H  N N 302 
SER HG   H  N N 303 
SER HXT  H  N N 304 
THR N    N  N N 305 
THR CA   C  N S 306 
THR C    C  N N 307 
THR O    O  N N 308 
THR CB   C  N R 309 
THR OG1  O  N N 310 
THR CG2  C  N N 311 
THR OXT  O  N N 312 
THR H    H  N N 313 
THR H2   H  N N 314 
THR HA   H  N N 315 
THR HB   H  N N 316 
THR HG1  H  N N 317 
THR HG21 H  N N 318 
THR HG22 H  N N 319 
THR HG23 H  N N 320 
THR HXT  H  N N 321 
TRP N    N  N N 322 
TRP CA   C  N S 323 
TRP C    C  N N 324 
TRP O    O  N N 325 
TRP CB   C  N N 326 
TRP CG   C  Y N 327 
TRP CD1  C  Y N 328 
TRP CD2  C  Y N 329 
TRP NE1  N  Y N 330 
TRP CE2  C  Y N 331 
TRP CE3  C  Y N 332 
TRP CZ2  C  Y N 333 
TRP CZ3  C  Y N 334 
TRP CH2  C  Y N 335 
TRP OXT  O  N N 336 
TRP H    H  N N 337 
TRP H2   H  N N 338 
TRP HA   H  N N 339 
TRP HB2  H  N N 340 
TRP HB3  H  N N 341 
TRP HD1  H  N N 342 
TRP HE1  H  N N 343 
TRP HE3  H  N N 344 
TRP HZ2  H  N N 345 
TRP HZ3  H  N N 346 
TRP HH2  H  N N 347 
TRP HXT  H  N N 348 
TYR N    N  N N 349 
TYR CA   C  N S 350 
TYR C    C  N N 351 
TYR O    O  N N 352 
TYR CB   C  N N 353 
TYR CG   C  Y N 354 
TYR CD1  C  Y N 355 
TYR CD2  C  Y N 356 
TYR CE1  C  Y N 357 
TYR CE2  C  Y N 358 
TYR CZ   C  Y N 359 
TYR OH   O  N N 360 
TYR OXT  O  N N 361 
TYR H    H  N N 362 
TYR H2   H  N N 363 
TYR HA   H  N N 364 
TYR HB2  H  N N 365 
TYR HB3  H  N N 366 
TYR HD1  H  N N 367 
TYR HD2  H  N N 368 
TYR HE1  H  N N 369 
TYR HE2  H  N N 370 
TYR HH   H  N N 371 
TYR HXT  H  N N 372 
VAL N    N  N N 373 
VAL CA   C  N S 374 
VAL C    C  N N 375 
VAL O    O  N N 376 
VAL CB   C  N N 377 
VAL CG1  C  N N 378 
VAL CG2  C  N N 379 
VAL OXT  O  N N 380 
VAL H    H  N N 381 
VAL H2   H  N N 382 
VAL HA   H  N N 383 
VAL HB   H  N N 384 
VAL HG11 H  N N 385 
VAL HG12 H  N N 386 
VAL HG13 H  N N 387 
VAL HG21 H  N N 388 
VAL HG22 H  N N 389 
VAL HG23 H  N N 390 
VAL HXT  H  N N 391 
# 
loop_
_chem_comp_bond.comp_id 
_chem_comp_bond.atom_id_1 
_chem_comp_bond.atom_id_2 
_chem_comp_bond.value_order 
_chem_comp_bond.pdbx_aromatic_flag 
_chem_comp_bond.pdbx_stereo_config 
_chem_comp_bond.pdbx_ordinal 
ALA N   CA   sing N N 1   
ALA N   H    sing N N 2   
ALA N   H2   sing N N 3   
ALA CA  C    sing N N 4   
ALA CA  CB   sing N N 5   
ALA CA  HA   sing N N 6   
ALA C   O    doub N N 7   
ALA C   OXT  sing N N 8   
ALA CB  HB1  sing N N 9   
ALA CB  HB2  sing N N 10  
ALA CB  HB3  sing N N 11  
ALA OXT HXT  sing N N 12  
ARG N   CA   sing N N 13  
ARG N   H    sing N N 14  
ARG N   H2   sing N N 15  
ARG CA  C    sing N N 16  
ARG CA  CB   sing N N 17  
ARG CA  HA   sing N N 18  
ARG C   O    doub N N 19  
ARG C   OXT  sing N N 20  
ARG CB  CG   sing N N 21  
ARG CB  HB2  sing N N 22  
ARG CB  HB3  sing N N 23  
ARG CG  CD   sing N N 24  
ARG CG  HG2  sing N N 25  
ARG CG  HG3  sing N N 26  
ARG CD  NE   sing N N 27  
ARG CD  HD2  sing N N 28  
ARG CD  HD3  sing N N 29  
ARG NE  CZ   sing N N 30  
ARG NE  HE   sing N N 31  
ARG CZ  NH1  sing N N 32  
ARG CZ  NH2  doub N N 33  
ARG NH1 HH11 sing N N 34  
ARG NH1 HH12 sing N N 35  
ARG NH2 HH21 sing N N 36  
ARG NH2 HH22 sing N N 37  
ARG OXT HXT  sing N N 38  
ASN N   CA   sing N N 39  
ASN N   H    sing N N 40  
ASN N   H2   sing N N 41  
ASN CA  C    sing N N 42  
ASN CA  CB   sing N N 43  
ASN CA  HA   sing N N 44  
ASN C   O    doub N N 45  
ASN C   OXT  sing N N 46  
ASN CB  CG   sing N N 47  
ASN CB  HB2  sing N N 48  
ASN CB  HB3  sing N N 49  
ASN CG  OD1  doub N N 50  
ASN CG  ND2  sing N N 51  
ASN ND2 HD21 sing N N 52  
ASN ND2 HD22 sing N N 53  
ASN OXT HXT  sing N N 54  
ASP N   CA   sing N N 55  
ASP N   H    sing N N 56  
ASP N   H2   sing N N 57  
ASP CA  C    sing N N 58  
ASP CA  CB   sing N N 59  
ASP CA  HA   sing N N 60  
ASP C   O    doub N N 61  
ASP C   OXT  sing N N 62  
ASP CB  CG   sing N N 63  
ASP CB  HB2  sing N N 64  
ASP CB  HB3  sing N N 65  
ASP CG  OD1  doub N N 66  
ASP CG  OD2  sing N N 67  
ASP OD2 HD2  sing N N 68  
ASP OXT HXT  sing N N 69  
CYS N   CA   sing N N 70  
CYS N   H    sing N N 71  
CYS N   H2   sing N N 72  
CYS CA  C    sing N N 73  
CYS CA  CB   sing N N 74  
CYS CA  HA   sing N N 75  
CYS C   O    doub N N 76  
CYS C   OXT  sing N N 77  
CYS CB  SG   sing N N 78  
CYS CB  HB2  sing N N 79  
CYS CB  HB3  sing N N 80  
CYS SG  HG   sing N N 81  
CYS OXT HXT  sing N N 82  
GLN N   CA   sing N N 83  
GLN N   H    sing N N 84  
GLN N   H2   sing N N 85  
GLN CA  C    sing N N 86  
GLN CA  CB   sing N N 87  
GLN CA  HA   sing N N 88  
GLN C   O    doub N N 89  
GLN C   OXT  sing N N 90  
GLN CB  CG   sing N N 91  
GLN CB  HB2  sing N N 92  
GLN CB  HB3  sing N N 93  
GLN CG  CD   sing N N 94  
GLN CG  HG2  sing N N 95  
GLN CG  HG3  sing N N 96  
GLN CD  OE1  doub N N 97  
GLN CD  NE2  sing N N 98  
GLN NE2 HE21 sing N N 99  
GLN NE2 HE22 sing N N 100 
GLN OXT HXT  sing N N 101 
GLU N   CA   sing N N 102 
GLU N   H    sing N N 103 
GLU N   H2   sing N N 104 
GLU CA  C    sing N N 105 
GLU CA  CB   sing N N 106 
GLU CA  HA   sing N N 107 
GLU C   O    doub N N 108 
GLU C   OXT  sing N N 109 
GLU CB  CG   sing N N 110 
GLU CB  HB2  sing N N 111 
GLU CB  HB3  sing N N 112 
GLU CG  CD   sing N N 113 
GLU CG  HG2  sing N N 114 
GLU CG  HG3  sing N N 115 
GLU CD  OE1  doub N N 116 
GLU CD  OE2  sing N N 117 
GLU OE2 HE2  sing N N 118 
GLU OXT HXT  sing N N 119 
GLY N   CA   sing N N 120 
GLY N   H    sing N N 121 
GLY N   H2   sing N N 122 
GLY CA  C    sing N N 123 
GLY CA  HA2  sing N N 124 
GLY CA  HA3  sing N N 125 
GLY C   O    doub N N 126 
GLY C   OXT  sing N N 127 
GLY OXT HXT  sing N N 128 
HIS N   CA   sing N N 129 
HIS N   H    sing N N 130 
HIS N   H2   sing N N 131 
HIS CA  C    sing N N 132 
HIS CA  CB   sing N N 133 
HIS CA  HA   sing N N 134 
HIS C   O    doub N N 135 
HIS C   OXT  sing N N 136 
HIS CB  CG   sing N N 137 
HIS CB  HB2  sing N N 138 
HIS CB  HB3  sing N N 139 
HIS CG  ND1  sing Y N 140 
HIS CG  CD2  doub Y N 141 
HIS ND1 CE1  doub Y N 142 
HIS ND1 HD1  sing N N 143 
HIS CD2 NE2  sing Y N 144 
HIS CD2 HD2  sing N N 145 
HIS CE1 NE2  sing Y N 146 
HIS CE1 HE1  sing N N 147 
HIS NE2 HE2  sing N N 148 
HIS OXT HXT  sing N N 149 
HOH O   H1   sing N N 150 
HOH O   H2   sing N N 151 
ILE N   CA   sing N N 152 
ILE N   H    sing N N 153 
ILE N   H2   sing N N 154 
ILE CA  C    sing N N 155 
ILE CA  CB   sing N N 156 
ILE CA  HA   sing N N 157 
ILE C   O    doub N N 158 
ILE C   OXT  sing N N 159 
ILE CB  CG1  sing N N 160 
ILE CB  CG2  sing N N 161 
ILE CB  HB   sing N N 162 
ILE CG1 CD1  sing N N 163 
ILE CG1 HG12 sing N N 164 
ILE CG1 HG13 sing N N 165 
ILE CG2 HG21 sing N N 166 
ILE CG2 HG22 sing N N 167 
ILE CG2 HG23 sing N N 168 
ILE CD1 HD11 sing N N 169 
ILE CD1 HD12 sing N N 170 
ILE CD1 HD13 sing N N 171 
ILE OXT HXT  sing N N 172 
LEU N   CA   sing N N 173 
LEU N   H    sing N N 174 
LEU N   H2   sing N N 175 
LEU CA  C    sing N N 176 
LEU CA  CB   sing N N 177 
LEU CA  HA   sing N N 178 
LEU C   O    doub N N 179 
LEU C   OXT  sing N N 180 
LEU CB  CG   sing N N 181 
LEU CB  HB2  sing N N 182 
LEU CB  HB3  sing N N 183 
LEU CG  CD1  sing N N 184 
LEU CG  CD2  sing N N 185 
LEU CG  HG   sing N N 186 
LEU CD1 HD11 sing N N 187 
LEU CD1 HD12 sing N N 188 
LEU CD1 HD13 sing N N 189 
LEU CD2 HD21 sing N N 190 
LEU CD2 HD22 sing N N 191 
LEU CD2 HD23 sing N N 192 
LEU OXT HXT  sing N N 193 
LYS N   CA   sing N N 194 
LYS N   H    sing N N 195 
LYS N   H2   sing N N 196 
LYS CA  C    sing N N 197 
LYS CA  CB   sing N N 198 
LYS CA  HA   sing N N 199 
LYS C   O    doub N N 200 
LYS C   OXT  sing N N 201 
LYS CB  CG   sing N N 202 
LYS CB  HB2  sing N N 203 
LYS CB  HB3  sing N N 204 
LYS CG  CD   sing N N 205 
LYS CG  HG2  sing N N 206 
LYS CG  HG3  sing N N 207 
LYS CD  CE   sing N N 208 
LYS CD  HD2  sing N N 209 
LYS CD  HD3  sing N N 210 
LYS CE  NZ   sing N N 211 
LYS CE  HE2  sing N N 212 
LYS CE  HE3  sing N N 213 
LYS NZ  HZ1  sing N N 214 
LYS NZ  HZ2  sing N N 215 
LYS NZ  HZ3  sing N N 216 
LYS OXT HXT  sing N N 217 
MET N   CA   sing N N 218 
MET N   H    sing N N 219 
MET N   H2   sing N N 220 
MET CA  C    sing N N 221 
MET CA  CB   sing N N 222 
MET CA  HA   sing N N 223 
MET C   O    doub N N 224 
MET C   OXT  sing N N 225 
MET CB  CG   sing N N 226 
MET CB  HB2  sing N N 227 
MET CB  HB3  sing N N 228 
MET CG  SD   sing N N 229 
MET CG  HG2  sing N N 230 
MET CG  HG3  sing N N 231 
MET SD  CE   sing N N 232 
MET CE  HE1  sing N N 233 
MET CE  HE2  sing N N 234 
MET CE  HE3  sing N N 235 
MET OXT HXT  sing N N 236 
PHE N   CA   sing N N 237 
PHE N   H    sing N N 238 
PHE N   H2   sing N N 239 
PHE CA  C    sing N N 240 
PHE CA  CB   sing N N 241 
PHE CA  HA   sing N N 242 
PHE C   O    doub N N 243 
PHE C   OXT  sing N N 244 
PHE CB  CG   sing N N 245 
PHE CB  HB2  sing N N 246 
PHE CB  HB3  sing N N 247 
PHE CG  CD1  doub Y N 248 
PHE CG  CD2  sing Y N 249 
PHE CD1 CE1  sing Y N 250 
PHE CD1 HD1  sing N N 251 
PHE CD2 CE2  doub Y N 252 
PHE CD2 HD2  sing N N 253 
PHE CE1 CZ   doub Y N 254 
PHE CE1 HE1  sing N N 255 
PHE CE2 CZ   sing Y N 256 
PHE CE2 HE2  sing N N 257 
PHE CZ  HZ   sing N N 258 
PHE OXT HXT  sing N N 259 
PRO N   CA   sing N N 260 
PRO N   CD   sing N N 261 
PRO N   H    sing N N 262 
PRO CA  C    sing N N 263 
PRO CA  CB   sing N N 264 
PRO CA  HA   sing N N 265 
PRO C   O    doub N N 266 
PRO C   OXT  sing N N 267 
PRO CB  CG   sing N N 268 
PRO CB  HB2  sing N N 269 
PRO CB  HB3  sing N N 270 
PRO CG  CD   sing N N 271 
PRO CG  HG2  sing N N 272 
PRO CG  HG3  sing N N 273 
PRO CD  HD2  sing N N 274 
PRO CD  HD3  sing N N 275 
PRO OXT HXT  sing N N 276 
SER N   CA   sing N N 277 
SER N   H    sing N N 278 
SER N   H2   sing N N 279 
SER CA  C    sing N N 280 
SER CA  CB   sing N N 281 
SER CA  HA   sing N N 282 
SER C   O    doub N N 283 
SER C   OXT  sing N N 284 
SER CB  OG   sing N N 285 
SER CB  HB2  sing N N 286 
SER CB  HB3  sing N N 287 
SER OG  HG   sing N N 288 
SER OXT HXT  sing N N 289 
THR N   CA   sing N N 290 
THR N   H    sing N N 291 
THR N   H2   sing N N 292 
THR CA  C    sing N N 293 
THR CA  CB   sing N N 294 
THR CA  HA   sing N N 295 
THR C   O    doub N N 296 
THR C   OXT  sing N N 297 
THR CB  OG1  sing N N 298 
THR CB  CG2  sing N N 299 
THR CB  HB   sing N N 300 
THR OG1 HG1  sing N N 301 
THR CG2 HG21 sing N N 302 
THR CG2 HG22 sing N N 303 
THR CG2 HG23 sing N N 304 
THR OXT HXT  sing N N 305 
TRP N   CA   sing N N 306 
TRP N   H    sing N N 307 
TRP N   H2   sing N N 308 
TRP CA  C    sing N N 309 
TRP CA  CB   sing N N 310 
TRP CA  HA   sing N N 311 
TRP C   O    doub N N 312 
TRP C   OXT  sing N N 313 
TRP CB  CG   sing N N 314 
TRP CB  HB2  sing N N 315 
TRP CB  HB3  sing N N 316 
TRP CG  CD1  doub Y N 317 
TRP CG  CD2  sing Y N 318 
TRP CD1 NE1  sing Y N 319 
TRP CD1 HD1  sing N N 320 
TRP CD2 CE2  doub Y N 321 
TRP CD2 CE3  sing Y N 322 
TRP NE1 CE2  sing Y N 323 
TRP NE1 HE1  sing N N 324 
TRP CE2 CZ2  sing Y N 325 
TRP CE3 CZ3  doub Y N 326 
TRP CE3 HE3  sing N N 327 
TRP CZ2 CH2  doub Y N 328 
TRP CZ2 HZ2  sing N N 329 
TRP CZ3 CH2  sing Y N 330 
TRP CZ3 HZ3  sing N N 331 
TRP CH2 HH2  sing N N 332 
TRP OXT HXT  sing N N 333 
TYR N   CA   sing N N 334 
TYR N   H    sing N N 335 
TYR N   H2   sing N N 336 
TYR CA  C    sing N N 337 
TYR CA  CB   sing N N 338 
TYR CA  HA   sing N N 339 
TYR C   O    doub N N 340 
TYR C   OXT  sing N N 341 
TYR CB  CG   sing N N 342 
TYR CB  HB2  sing N N 343 
TYR CB  HB3  sing N N 344 
TYR CG  CD1  doub Y N 345 
TYR CG  CD2  sing Y N 346 
TYR CD1 CE1  sing Y N 347 
TYR CD1 HD1  sing N N 348 
TYR CD2 CE2  doub Y N 349 
TYR CD2 HD2  sing N N 350 
TYR CE1 CZ   doub Y N 351 
TYR CE1 HE1  sing N N 352 
TYR CE2 CZ   sing Y N 353 
TYR CE2 HE2  sing N N 354 
TYR CZ  OH   sing N N 355 
TYR OH  HH   sing N N 356 
TYR OXT HXT  sing N N 357 
VAL N   CA   sing N N 358 
VAL N   H    sing N N 359 
VAL N   H2   sing N N 360 
VAL CA  C    sing N N 361 
VAL CA  CB   sing N N 362 
VAL CA  HA   sing N N 363 
VAL C   O    doub N N 364 
VAL C   OXT  sing N N 365 
VAL CB  CG1  sing N N 366 
VAL CB  CG2  sing N N 367 
VAL CB  HB   sing N N 368 
VAL CG1 HG11 sing N N 369 
VAL CG1 HG12 sing N N 370 
VAL CG1 HG13 sing N N 371 
VAL CG2 HG21 sing N N 372 
VAL CG2 HG22 sing N N 373 
VAL CG2 HG23 sing N N 374 
VAL OXT HXT  sing N N 375 
# 
loop_
_pdbx_entity_nonpoly.entity_id 
_pdbx_entity_nonpoly.name 
_pdbx_entity_nonpoly.comp_id 
3 'CADMIUM ION' CD  
4 water         HOH 
# 
_pdbx_initial_refinement_model.id               1 
_pdbx_initial_refinement_model.entity_id_list   ? 
_pdbx_initial_refinement_model.type             'experimental model' 
_pdbx_initial_refinement_model.source_name      PDB 
_pdbx_initial_refinement_model.accession_code   1FE0 
_pdbx_initial_refinement_model.details          ? 
# 
